data_4CGW
# 
_entry.id   4CGW 
# 
_audit_conform.dict_name       mmcif_pdbx.dic 
_audit_conform.dict_version    5.391 
_audit_conform.dict_location   http://mmcif.pdb.org/dictionaries/ascii/mmcif_pdbx.dic 
# 
loop_
_database_2.database_id 
_database_2.database_code 
_database_2.pdbx_database_accession 
_database_2.pdbx_DOI 
PDB   4CGW         pdb_00004cgw 10.2210/pdb4cgw/pdb 
PDBE  EBI-59085    ?            ?                   
WWPDB D_1290059085 ?            ?                   
# 
loop_
_pdbx_audit_revision_history.ordinal 
_pdbx_audit_revision_history.data_content_type 
_pdbx_audit_revision_history.major_revision 
_pdbx_audit_revision_history.minor_revision 
_pdbx_audit_revision_history.revision_date 
1 'Structure model' 1 0 2014-05-14 
2 'Structure model' 1 1 2014-06-25 
3 'Structure model' 1 2 2024-05-01 
# 
_pdbx_audit_revision_details.ordinal             1 
_pdbx_audit_revision_details.revision_ordinal    1 
_pdbx_audit_revision_details.data_content_type   'Structure model' 
_pdbx_audit_revision_details.provider            repository 
_pdbx_audit_revision_details.type                'Initial release' 
_pdbx_audit_revision_details.description         ? 
_pdbx_audit_revision_details.details             ? 
# 
loop_
_pdbx_audit_revision_group.ordinal 
_pdbx_audit_revision_group.revision_ordinal 
_pdbx_audit_revision_group.data_content_type 
_pdbx_audit_revision_group.group 
1 2 'Structure model' 'Database references'    
2 3 'Structure model' 'Data collection'        
3 3 'Structure model' 'Database references'    
4 3 'Structure model' Other                    
5 3 'Structure model' 'Refinement description' 
# 
loop_
_pdbx_audit_revision_category.ordinal 
_pdbx_audit_revision_category.revision_ordinal 
_pdbx_audit_revision_category.data_content_type 
_pdbx_audit_revision_category.category 
1 3 'Structure model' chem_comp_atom                
2 3 'Structure model' chem_comp_bond                
3 3 'Structure model' database_2                    
4 3 'Structure model' pdbx_database_status          
5 3 'Structure model' pdbx_initial_refinement_model 
# 
loop_
_pdbx_audit_revision_item.ordinal 
_pdbx_audit_revision_item.revision_ordinal 
_pdbx_audit_revision_item.data_content_type 
_pdbx_audit_revision_item.item 
1 3 'Structure model' '_database_2.pdbx_DOI'                 
2 3 'Structure model' '_database_2.pdbx_database_accession'  
3 3 'Structure model' '_pdbx_database_status.status_code_sf' 
# 
_pdbx_database_status.status_code                     REL 
_pdbx_database_status.entry_id                        4CGW 
_pdbx_database_status.deposit_site                    PDBE 
_pdbx_database_status.process_site                    PDBE 
_pdbx_database_status.SG_entry                        . 
_pdbx_database_status.recvd_initial_deposition_date   2013-11-26 
_pdbx_database_status.pdb_format_compatible           Y 
_pdbx_database_status.status_code_sf                  REL 
_pdbx_database_status.status_code_mr                  ? 
_pdbx_database_status.status_code_cs                  ? 
_pdbx_database_status.methods_development_category    ? 
_pdbx_database_status.status_code_nmr_data            ? 
# 
loop_
_pdbx_database_related.db_name 
_pdbx_database_related.db_id 
_pdbx_database_related.content_type 
_pdbx_database_related.details 
PDB 4CGQ unspecified 'FULL LENGTH TAH1 BOUND TO HSP90 PEPTIDE SRMEEVD'                
PDB 4CGU unspecified 'FULL LENGTH TAH1 BOUND TO YEAST PIH1 AND HSP90 PEPTIDE SRMEEVD' 
PDB 4CGV unspecified 'FIRST TPR OF SPAGHETTI (RPAP3) BOUND TO HSP90 PEPTIDE SRMEEVD'  
PDB 4CHH unspecified 'N-TERMINAL DOMAIN OF YEAST PIH1P'                               
PDB 4CKT unspecified 'PIH1 N-TERMINAL DOMAIN'                                         
PDB 4CSE unspecified 'PIH N-TERMINAL DOMAIN'                                          
PDB 4CV4 unspecified 'PIH N-TERMINAL DOMAIN'                                          
# 
loop_
_audit_author.name 
_audit_author.pdbx_ordinal 
'Roe, S.M.' 1 
'Pal, M.'   2 
# 
_citation.id                        primary 
_citation.title                     'Structural Basis for Phosphorylation-Dependent Recruitment of Tel2 to Hsp90 by Pih1.' 
_citation.journal_abbrev            Structure 
_citation.journal_volume            22 
_citation.page_first                805 
_citation.page_last                 ? 
_citation.year                      2014 
_citation.journal_id_ASTM           STRUE6 
_citation.country                   UK 
_citation.journal_id_ISSN           0969-2126 
_citation.journal_id_CSD            2005 
_citation.book_publisher            ? 
_citation.pdbx_database_id_PubMed   24794838 
_citation.pdbx_database_id_DOI      10.1016/J.STR.2014.04.001 
# 
loop_
_citation_author.citation_id 
_citation_author.name 
_citation_author.ordinal 
_citation_author.identifier_ORCID 
primary 'Pal, M.'          1 ? 
primary 'Morgan, M.'       2 ? 
primary 'Phelps, S.E.'     3 ? 
primary 'Roe, S.M.'        4 ? 
primary 'Parry-Morris, S.' 5 ? 
primary 'Downs, J.A.'      6 ? 
primary 'Polier, S.'       7 ? 
primary 'Pearl, L.H.'      8 ? 
primary 'Prodromou, C.'    9 ? 
# 
loop_
_entity.id 
_entity.type 
_entity.src_method 
_entity.pdbx_description 
_entity.formula_weight 
_entity.pdbx_number_of_molecules 
_entity.pdbx_ec 
_entity.pdbx_mutation 
_entity.pdbx_fragment 
_entity.details 
1 polymer man 'RNA POLYMERASE II-ASSOCIATED PROTEIN 3' 13144.753 2  ? ? 'SECOND TPR, RESIDUES 265-381'         ? 
2 polymer syn 'HEAT SHOCK PROTEIN HSP 90-ALPHA'        865.929   2  ? ? 'C-TERMINAL PEPTIDE, RESIDUES 726-732' ? 
3 water   nat water                                    18.015    12 ? ? ?                                      ? 
# 
loop_
_entity_name_com.entity_id 
_entity_name_com.name 
1 SPAGHETTI                                                                    
2 'HEAT SHOCK 86 KDA, HSP 86, HSP86, RENAL CARCINOMA ANTIGEN NY-REN-38, HSP90' 
# 
loop_
_entity_poly.entity_id 
_entity_poly.type 
_entity_poly.nstd_linkage 
_entity_poly.nstd_monomer 
_entity_poly.pdbx_seq_one_letter_code 
_entity_poly.pdbx_seq_one_letter_code_can 
_entity_poly.pdbx_strand_id 
_entity_poly.pdbx_target_identifier 
1 'polypeptide(L)' no no 
;STEGERKQIEAQQNKQQAISEKDRGNGFFKEGKYERAIECYTRGIAADGANALLPANRAMAYLKIQKYEEAEKDCTQAIL
LDGSYSKAFARRGTARTFLGKLNEAKQDFETVLLLEP
;
;STEGERKQIEAQQNKQQAISEKDRGNGFFKEGKYERAIECYTRGIAADGANALLPANRAMAYLKIQKYEEAEKDCTQAIL
LDGSYSKAFARRGTARTFLGKLNEAKQDFETVLLLEP
;
A,B ? 
2 'polypeptide(L)' no no SRMEEVD SRMEEVD C,D ? 
# 
_pdbx_entity_nonpoly.entity_id   3 
_pdbx_entity_nonpoly.name        water 
_pdbx_entity_nonpoly.comp_id     HOH 
# 
loop_
_entity_poly_seq.entity_id 
_entity_poly_seq.num 
_entity_poly_seq.mon_id 
_entity_poly_seq.hetero 
1 1   SER n 
1 2   THR n 
1 3   GLU n 
1 4   GLY n 
1 5   GLU n 
1 6   ARG n 
1 7   LYS n 
1 8   GLN n 
1 9   ILE n 
1 10  GLU n 
1 11  ALA n 
1 12  GLN n 
1 13  GLN n 
1 14  ASN n 
1 15  LYS n 
1 16  GLN n 
1 17  GLN n 
1 18  ALA n 
1 19  ILE n 
1 20  SER n 
1 21  GLU n 
1 22  LYS n 
1 23  ASP n 
1 24  ARG n 
1 25  GLY n 
1 26  ASN n 
1 27  GLY n 
1 28  PHE n 
1 29  PHE n 
1 30  LYS n 
1 31  GLU n 
1 32  GLY n 
1 33  LYS n 
1 34  TYR n 
1 35  GLU n 
1 36  ARG n 
1 37  ALA n 
1 38  ILE n 
1 39  GLU n 
1 40  CYS n 
1 41  TYR n 
1 42  THR n 
1 43  ARG n 
1 44  GLY n 
1 45  ILE n 
1 46  ALA n 
1 47  ALA n 
1 48  ASP n 
1 49  GLY n 
1 50  ALA n 
1 51  ASN n 
1 52  ALA n 
1 53  LEU n 
1 54  LEU n 
1 55  PRO n 
1 56  ALA n 
1 57  ASN n 
1 58  ARG n 
1 59  ALA n 
1 60  MET n 
1 61  ALA n 
1 62  TYR n 
1 63  LEU n 
1 64  LYS n 
1 65  ILE n 
1 66  GLN n 
1 67  LYS n 
1 68  TYR n 
1 69  GLU n 
1 70  GLU n 
1 71  ALA n 
1 72  GLU n 
1 73  LYS n 
1 74  ASP n 
1 75  CYS n 
1 76  THR n 
1 77  GLN n 
1 78  ALA n 
1 79  ILE n 
1 80  LEU n 
1 81  LEU n 
1 82  ASP n 
1 83  GLY n 
1 84  SER n 
1 85  TYR n 
1 86  SER n 
1 87  LYS n 
1 88  ALA n 
1 89  PHE n 
1 90  ALA n 
1 91  ARG n 
1 92  ARG n 
1 93  GLY n 
1 94  THR n 
1 95  ALA n 
1 96  ARG n 
1 97  THR n 
1 98  PHE n 
1 99  LEU n 
1 100 GLY n 
1 101 LYS n 
1 102 LEU n 
1 103 ASN n 
1 104 GLU n 
1 105 ALA n 
1 106 LYS n 
1 107 GLN n 
1 108 ASP n 
1 109 PHE n 
1 110 GLU n 
1 111 THR n 
1 112 VAL n 
1 113 LEU n 
1 114 LEU n 
1 115 LEU n 
1 116 GLU n 
1 117 PRO n 
2 1   SER n 
2 2   ARG n 
2 3   MET n 
2 4   GLU n 
2 5   GLU n 
2 6   VAL n 
2 7   ASP n 
# 
_entity_src_gen.entity_id                          1 
_entity_src_gen.pdbx_src_id                        1 
_entity_src_gen.pdbx_alt_source_flag               sample 
_entity_src_gen.pdbx_seq_type                      ? 
_entity_src_gen.pdbx_beg_seq_num                   ? 
_entity_src_gen.pdbx_end_seq_num                   ? 
_entity_src_gen.gene_src_common_name               HUMAN 
_entity_src_gen.gene_src_genus                     ? 
_entity_src_gen.pdbx_gene_src_gene                 ? 
_entity_src_gen.gene_src_species                   ? 
_entity_src_gen.gene_src_strain                    ? 
_entity_src_gen.gene_src_tissue                    ? 
_entity_src_gen.gene_src_tissue_fraction           ? 
_entity_src_gen.gene_src_details                   ? 
_entity_src_gen.pdbx_gene_src_fragment             ? 
_entity_src_gen.pdbx_gene_src_scientific_name      'HOMO SAPIENS' 
_entity_src_gen.pdbx_gene_src_ncbi_taxonomy_id     9606 
_entity_src_gen.pdbx_gene_src_variant              ? 
_entity_src_gen.pdbx_gene_src_cell_line            ? 
_entity_src_gen.pdbx_gene_src_atcc                 ? 
_entity_src_gen.pdbx_gene_src_organ                ? 
_entity_src_gen.pdbx_gene_src_organelle            ? 
_entity_src_gen.pdbx_gene_src_cell                 ? 
_entity_src_gen.pdbx_gene_src_cellular_location    ? 
_entity_src_gen.host_org_common_name               ? 
_entity_src_gen.pdbx_host_org_scientific_name      'ESCHERICHIA COLI' 
_entity_src_gen.pdbx_host_org_ncbi_taxonomy_id     562 
_entity_src_gen.host_org_genus                     ? 
_entity_src_gen.pdbx_host_org_gene                 ? 
_entity_src_gen.pdbx_host_org_organ                ? 
_entity_src_gen.host_org_species                   ? 
_entity_src_gen.pdbx_host_org_tissue               ? 
_entity_src_gen.pdbx_host_org_tissue_fraction      ? 
_entity_src_gen.pdbx_host_org_strain               ? 
_entity_src_gen.pdbx_host_org_variant              ? 
_entity_src_gen.pdbx_host_org_cell_line            ? 
_entity_src_gen.pdbx_host_org_atcc                 ? 
_entity_src_gen.pdbx_host_org_culture_collection   ? 
_entity_src_gen.pdbx_host_org_cell                 ? 
_entity_src_gen.pdbx_host_org_organelle            ? 
_entity_src_gen.pdbx_host_org_cellular_location    ? 
_entity_src_gen.pdbx_host_org_vector_type          ? 
_entity_src_gen.pdbx_host_org_vector               ? 
_entity_src_gen.host_org_details                   ? 
_entity_src_gen.expression_system_id               ? 
_entity_src_gen.plasmid_name                       ? 
_entity_src_gen.plasmid_details                    ? 
_entity_src_gen.pdbx_description                   ? 
# 
_pdbx_entity_src_syn.entity_id              2 
_pdbx_entity_src_syn.pdbx_src_id            1 
_pdbx_entity_src_syn.pdbx_alt_source_flag   sample 
_pdbx_entity_src_syn.pdbx_beg_seq_num       ? 
_pdbx_entity_src_syn.pdbx_end_seq_num       ? 
_pdbx_entity_src_syn.organism_scientific    'HOMO SAPIENS' 
_pdbx_entity_src_syn.organism_common_name   HUMAN 
_pdbx_entity_src_syn.ncbi_taxonomy_id       9606 
_pdbx_entity_src_syn.details                ? 
# 
loop_
_chem_comp.id 
_chem_comp.type 
_chem_comp.mon_nstd_flag 
_chem_comp.name 
_chem_comp.pdbx_synonyms 
_chem_comp.formula 
_chem_comp.formula_weight 
ALA 'L-peptide linking' y ALANINE         ? 'C3 H7 N O2'     89.093  
ARG 'L-peptide linking' y ARGININE        ? 'C6 H15 N4 O2 1' 175.209 
ASN 'L-peptide linking' y ASPARAGINE      ? 'C4 H8 N2 O3'    132.118 
ASP 'L-peptide linking' y 'ASPARTIC ACID' ? 'C4 H7 N O4'     133.103 
CYS 'L-peptide linking' y CYSTEINE        ? 'C3 H7 N O2 S'   121.158 
GLN 'L-peptide linking' y GLUTAMINE       ? 'C5 H10 N2 O3'   146.144 
GLU 'L-peptide linking' y 'GLUTAMIC ACID' ? 'C5 H9 N O4'     147.129 
GLY 'peptide linking'   y GLYCINE         ? 'C2 H5 N O2'     75.067  
HOH non-polymer         . WATER           ? 'H2 O'           18.015  
ILE 'L-peptide linking' y ISOLEUCINE      ? 'C6 H13 N O2'    131.173 
LEU 'L-peptide linking' y LEUCINE         ? 'C6 H13 N O2'    131.173 
LYS 'L-peptide linking' y LYSINE          ? 'C6 H15 N2 O2 1' 147.195 
MET 'L-peptide linking' y METHIONINE      ? 'C5 H11 N O2 S'  149.211 
PHE 'L-peptide linking' y PHENYLALANINE   ? 'C9 H11 N O2'    165.189 
PRO 'L-peptide linking' y PROLINE         ? 'C5 H9 N O2'     115.130 
SER 'L-peptide linking' y SERINE          ? 'C3 H7 N O3'     105.093 
THR 'L-peptide linking' y THREONINE       ? 'C4 H9 N O3'     119.119 
TYR 'L-peptide linking' y TYROSINE        ? 'C9 H11 N O3'    181.189 
VAL 'L-peptide linking' y VALINE          ? 'C5 H11 N O2'    117.146 
# 
loop_
_pdbx_poly_seq_scheme.asym_id 
_pdbx_poly_seq_scheme.entity_id 
_pdbx_poly_seq_scheme.seq_id 
_pdbx_poly_seq_scheme.mon_id 
_pdbx_poly_seq_scheme.ndb_seq_num 
_pdbx_poly_seq_scheme.pdb_seq_num 
_pdbx_poly_seq_scheme.auth_seq_num 
_pdbx_poly_seq_scheme.pdb_mon_id 
_pdbx_poly_seq_scheme.auth_mon_id 
_pdbx_poly_seq_scheme.pdb_strand_id 
_pdbx_poly_seq_scheme.pdb_ins_code 
_pdbx_poly_seq_scheme.hetero 
A 1 1   SER 1   265 ?   ?   ?   A . n 
A 1 2   THR 2   266 ?   ?   ?   A . n 
A 1 3   GLU 3   267 267 GLU GLU A . n 
A 1 4   GLY 4   268 268 GLY GLY A . n 
A 1 5   GLU 5   269 269 GLU GLU A . n 
A 1 6   ARG 6   270 270 ARG ARG A . n 
A 1 7   LYS 7   271 271 LYS LYS A . n 
A 1 8   GLN 8   272 272 GLN GLN A . n 
A 1 9   ILE 9   273 273 ILE ILE A . n 
A 1 10  GLU 10  274 274 GLU GLU A . n 
A 1 11  ALA 11  275 275 ALA ALA A . n 
A 1 12  GLN 12  276 276 GLN GLN A . n 
A 1 13  GLN 13  277 277 GLN GLN A . n 
A 1 14  ASN 14  278 278 ASN ASN A . n 
A 1 15  LYS 15  279 279 LYS LYS A . n 
A 1 16  GLN 16  280 280 GLN GLN A . n 
A 1 17  GLN 17  281 281 GLN GLN A . n 
A 1 18  ALA 18  282 282 ALA ALA A . n 
A 1 19  ILE 19  283 283 ILE ILE A . n 
A 1 20  SER 20  284 284 SER SER A . n 
A 1 21  GLU 21  285 285 GLU GLU A . n 
A 1 22  LYS 22  286 286 LYS LYS A . n 
A 1 23  ASP 23  287 287 ASP ASP A . n 
A 1 24  ARG 24  288 288 ARG ARG A . n 
A 1 25  GLY 25  289 289 GLY GLY A . n 
A 1 26  ASN 26  290 290 ASN ASN A . n 
A 1 27  GLY 27  291 291 GLY GLY A . n 
A 1 28  PHE 28  292 292 PHE PHE A . n 
A 1 29  PHE 29  293 293 PHE PHE A . n 
A 1 30  LYS 30  294 294 LYS LYS A . n 
A 1 31  GLU 31  295 295 GLU GLU A . n 
A 1 32  GLY 32  296 296 GLY GLY A . n 
A 1 33  LYS 33  297 297 LYS LYS A . n 
A 1 34  TYR 34  298 298 TYR TYR A . n 
A 1 35  GLU 35  299 299 GLU GLU A . n 
A 1 36  ARG 36  300 300 ARG ARG A . n 
A 1 37  ALA 37  301 301 ALA ALA A . n 
A 1 38  ILE 38  302 302 ILE ILE A . n 
A 1 39  GLU 39  303 303 GLU GLU A . n 
A 1 40  CYS 40  304 304 CYS CYS A . n 
A 1 41  TYR 41  305 305 TYR TYR A . n 
A 1 42  THR 42  306 306 THR THR A . n 
A 1 43  ARG 43  307 307 ARG ARG A . n 
A 1 44  GLY 44  308 308 GLY GLY A . n 
A 1 45  ILE 45  309 309 ILE ILE A . n 
A 1 46  ALA 46  310 310 ALA ALA A . n 
A 1 47  ALA 47  311 311 ALA ALA A . n 
A 1 48  ASP 48  312 312 ASP ASP A . n 
A 1 49  GLY 49  313 313 GLY GLY A . n 
A 1 50  ALA 50  314 314 ALA ALA A . n 
A 1 51  ASN 51  315 315 ASN ASN A . n 
A 1 52  ALA 52  316 316 ALA ALA A . n 
A 1 53  LEU 53  317 317 LEU LEU A . n 
A 1 54  LEU 54  318 318 LEU LEU A . n 
A 1 55  PRO 55  319 319 PRO PRO A . n 
A 1 56  ALA 56  320 320 ALA ALA A . n 
A 1 57  ASN 57  321 321 ASN ASN A . n 
A 1 58  ARG 58  322 322 ARG ARG A . n 
A 1 59  ALA 59  323 323 ALA ALA A . n 
A 1 60  MET 60  324 324 MET MET A . n 
A 1 61  ALA 61  325 325 ALA ALA A . n 
A 1 62  TYR 62  326 326 TYR TYR A . n 
A 1 63  LEU 63  327 327 LEU LEU A . n 
A 1 64  LYS 64  328 328 LYS LYS A . n 
A 1 65  ILE 65  329 329 ILE ILE A . n 
A 1 66  GLN 66  330 330 GLN GLN A . n 
A 1 67  LYS 67  331 331 LYS LYS A . n 
A 1 68  TYR 68  332 332 TYR TYR A . n 
A 1 69  GLU 69  333 333 GLU GLU A . n 
A 1 70  GLU 70  334 334 GLU GLU A . n 
A 1 71  ALA 71  335 335 ALA ALA A . n 
A 1 72  GLU 72  336 336 GLU GLU A . n 
A 1 73  LYS 73  337 337 LYS LYS A . n 
A 1 74  ASP 74  338 338 ASP ASP A . n 
A 1 75  CYS 75  339 339 CYS CYS A . n 
A 1 76  THR 76  340 340 THR THR A . n 
A 1 77  GLN 77  341 341 GLN GLN A . n 
A 1 78  ALA 78  342 342 ALA ALA A . n 
A 1 79  ILE 79  343 343 ILE ILE A . n 
A 1 80  LEU 80  344 344 LEU LEU A . n 
A 1 81  LEU 81  345 345 LEU LEU A . n 
A 1 82  ASP 82  346 346 ASP ASP A . n 
A 1 83  GLY 83  347 347 GLY GLY A . n 
A 1 84  SER 84  348 348 SER SER A . n 
A 1 85  TYR 85  349 349 TYR TYR A . n 
A 1 86  SER 86  350 350 SER SER A . n 
A 1 87  LYS 87  351 351 LYS LYS A . n 
A 1 88  ALA 88  352 352 ALA ALA A . n 
A 1 89  PHE 89  353 353 PHE PHE A . n 
A 1 90  ALA 90  354 354 ALA ALA A . n 
A 1 91  ARG 91  355 355 ARG ARG A . n 
A 1 92  ARG 92  356 356 ARG ARG A . n 
A 1 93  GLY 93  357 357 GLY GLY A . n 
A 1 94  THR 94  358 358 THR THR A . n 
A 1 95  ALA 95  359 359 ALA ALA A . n 
A 1 96  ARG 96  360 360 ARG ARG A . n 
A 1 97  THR 97  361 361 THR THR A . n 
A 1 98  PHE 98  362 362 PHE PHE A . n 
A 1 99  LEU 99  363 363 LEU LEU A . n 
A 1 100 GLY 100 364 364 GLY GLY A . n 
A 1 101 LYS 101 365 365 LYS LYS A . n 
A 1 102 LEU 102 366 366 LEU LEU A . n 
A 1 103 ASN 103 367 367 ASN ASN A . n 
A 1 104 GLU 104 368 368 GLU GLU A . n 
A 1 105 ALA 105 369 369 ALA ALA A . n 
A 1 106 LYS 106 370 370 LYS LYS A . n 
A 1 107 GLN 107 371 371 GLN GLN A . n 
A 1 108 ASP 108 372 372 ASP ASP A . n 
A 1 109 PHE 109 373 373 PHE PHE A . n 
A 1 110 GLU 110 374 374 GLU GLU A . n 
A 1 111 THR 111 375 375 THR THR A . n 
A 1 112 VAL 112 376 376 VAL VAL A . n 
A 1 113 LEU 113 377 377 LEU LEU A . n 
A 1 114 LEU 114 378 378 LEU LEU A . n 
A 1 115 LEU 115 379 379 LEU LEU A . n 
A 1 116 GLU 116 380 380 GLU GLU A . n 
A 1 117 PRO 117 381 381 PRO PRO A . n 
B 1 1   SER 1   265 ?   ?   ?   B . n 
B 1 2   THR 2   266 ?   ?   ?   B . n 
B 1 3   GLU 3   267 ?   ?   ?   B . n 
B 1 4   GLY 4   268 ?   ?   ?   B . n 
B 1 5   GLU 5   269 ?   ?   ?   B . n 
B 1 6   ARG 6   270 ?   ?   ?   B . n 
B 1 7   LYS 7   271 ?   ?   ?   B . n 
B 1 8   GLN 8   272 ?   ?   ?   B . n 
B 1 9   ILE 9   273 273 ILE ILE B . n 
B 1 10  GLU 10  274 274 GLU GLU B . n 
B 1 11  ALA 11  275 275 ALA ALA B . n 
B 1 12  GLN 12  276 276 GLN GLN B . n 
B 1 13  GLN 13  277 277 GLN GLN B . n 
B 1 14  ASN 14  278 278 ASN ASN B . n 
B 1 15  LYS 15  279 279 LYS LYS B . n 
B 1 16  GLN 16  280 280 GLN GLN B . n 
B 1 17  GLN 17  281 281 GLN GLN B . n 
B 1 18  ALA 18  282 282 ALA ALA B . n 
B 1 19  ILE 19  283 283 ILE ILE B . n 
B 1 20  SER 20  284 284 SER SER B . n 
B 1 21  GLU 21  285 285 GLU GLU B . n 
B 1 22  LYS 22  286 286 LYS LYS B . n 
B 1 23  ASP 23  287 287 ASP ASP B . n 
B 1 24  ARG 24  288 288 ARG ARG B . n 
B 1 25  GLY 25  289 289 GLY GLY B . n 
B 1 26  ASN 26  290 290 ASN ASN B . n 
B 1 27  GLY 27  291 291 GLY GLY B . n 
B 1 28  PHE 28  292 292 PHE PHE B . n 
B 1 29  PHE 29  293 293 PHE PHE B . n 
B 1 30  LYS 30  294 294 LYS LYS B . n 
B 1 31  GLU 31  295 295 GLU GLU B . n 
B 1 32  GLY 32  296 296 GLY GLY B . n 
B 1 33  LYS 33  297 297 LYS LYS B . n 
B 1 34  TYR 34  298 298 TYR TYR B . n 
B 1 35  GLU 35  299 299 GLU GLU B . n 
B 1 36  ARG 36  300 300 ARG ARG B . n 
B 1 37  ALA 37  301 301 ALA ALA B . n 
B 1 38  ILE 38  302 302 ILE ILE B . n 
B 1 39  GLU 39  303 303 GLU GLU B . n 
B 1 40  CYS 40  304 304 CYS CYS B . n 
B 1 41  TYR 41  305 305 TYR TYR B . n 
B 1 42  THR 42  306 306 THR THR B . n 
B 1 43  ARG 43  307 307 ARG ARG B . n 
B 1 44  GLY 44  308 308 GLY GLY B . n 
B 1 45  ILE 45  309 309 ILE ILE B . n 
B 1 46  ALA 46  310 310 ALA ALA B . n 
B 1 47  ALA 47  311 311 ALA ALA B . n 
B 1 48  ASP 48  312 312 ASP ASP B . n 
B 1 49  GLY 49  313 313 GLY GLY B . n 
B 1 50  ALA 50  314 314 ALA ALA B . n 
B 1 51  ASN 51  315 315 ASN ASN B . n 
B 1 52  ALA 52  316 316 ALA ALA B . n 
B 1 53  LEU 53  317 317 LEU LEU B . n 
B 1 54  LEU 54  318 318 LEU LEU B . n 
B 1 55  PRO 55  319 319 PRO PRO B . n 
B 1 56  ALA 56  320 320 ALA ALA B . n 
B 1 57  ASN 57  321 321 ASN ASN B . n 
B 1 58  ARG 58  322 322 ARG ARG B . n 
B 1 59  ALA 59  323 323 ALA ALA B . n 
B 1 60  MET 60  324 324 MET MET B . n 
B 1 61  ALA 61  325 325 ALA ALA B . n 
B 1 62  TYR 62  326 326 TYR TYR B . n 
B 1 63  LEU 63  327 327 LEU LEU B . n 
B 1 64  LYS 64  328 328 LYS LYS B . n 
B 1 65  ILE 65  329 329 ILE ILE B . n 
B 1 66  GLN 66  330 330 GLN GLN B . n 
B 1 67  LYS 67  331 331 LYS LYS B . n 
B 1 68  TYR 68  332 332 TYR TYR B . n 
B 1 69  GLU 69  333 333 GLU GLU B . n 
B 1 70  GLU 70  334 334 GLU GLU B . n 
B 1 71  ALA 71  335 335 ALA ALA B . n 
B 1 72  GLU 72  336 336 GLU GLU B . n 
B 1 73  LYS 73  337 337 LYS LYS B . n 
B 1 74  ASP 74  338 338 ASP ASP B . n 
B 1 75  CYS 75  339 339 CYS CYS B . n 
B 1 76  THR 76  340 340 THR THR B . n 
B 1 77  GLN 77  341 341 GLN GLN B . n 
B 1 78  ALA 78  342 342 ALA ALA B . n 
B 1 79  ILE 79  343 343 ILE ILE B . n 
B 1 80  LEU 80  344 344 LEU LEU B . n 
B 1 81  LEU 81  345 345 LEU LEU B . n 
B 1 82  ASP 82  346 346 ASP ASP B . n 
B 1 83  GLY 83  347 347 GLY GLY B . n 
B 1 84  SER 84  348 348 SER SER B . n 
B 1 85  TYR 85  349 349 TYR TYR B . n 
B 1 86  SER 86  350 350 SER SER B . n 
B 1 87  LYS 87  351 351 LYS LYS B . n 
B 1 88  ALA 88  352 352 ALA ALA B . n 
B 1 89  PHE 89  353 353 PHE PHE B . n 
B 1 90  ALA 90  354 354 ALA ALA B . n 
B 1 91  ARG 91  355 355 ARG ARG B . n 
B 1 92  ARG 92  356 356 ARG ARG B . n 
B 1 93  GLY 93  357 357 GLY GLY B . n 
B 1 94  THR 94  358 358 THR THR B . n 
B 1 95  ALA 95  359 359 ALA ALA B . n 
B 1 96  ARG 96  360 360 ARG ARG B . n 
B 1 97  THR 97  361 361 THR THR B . n 
B 1 98  PHE 98  362 362 PHE PHE B . n 
B 1 99  LEU 99  363 363 LEU LEU B . n 
B 1 100 GLY 100 364 364 GLY GLY B . n 
B 1 101 LYS 101 365 365 LYS LYS B . n 
B 1 102 LEU 102 366 366 LEU LEU B . n 
B 1 103 ASN 103 367 367 ASN ASN B . n 
B 1 104 GLU 104 368 368 GLU GLU B . n 
B 1 105 ALA 105 369 369 ALA ALA B . n 
B 1 106 LYS 106 370 370 LYS LYS B . n 
B 1 107 GLN 107 371 371 GLN GLN B . n 
B 1 108 ASP 108 372 372 ASP ASP B . n 
B 1 109 PHE 109 373 373 PHE PHE B . n 
B 1 110 GLU 110 374 374 GLU GLU B . n 
B 1 111 THR 111 375 375 THR THR B . n 
B 1 112 VAL 112 376 376 VAL VAL B . n 
B 1 113 LEU 113 377 377 LEU LEU B . n 
B 1 114 LEU 114 378 378 LEU LEU B . n 
B 1 115 LEU 115 379 379 LEU LEU B . n 
B 1 116 GLU 116 380 380 GLU GLU B . n 
B 1 117 PRO 117 381 ?   ?   ?   B . n 
C 2 1   SER 1   1   1   SER SER C . n 
C 2 2   ARG 2   2   2   ARG ARG C . n 
C 2 3   MET 3   3   3   MET MET C . n 
C 2 4   GLU 4   4   4   GLU GLU C . n 
C 2 5   GLU 5   5   5   GLU GLU C . n 
C 2 6   VAL 6   6   6   VAL VAL C . n 
C 2 7   ASP 7   7   7   ASP ASP C . n 
D 2 1   SER 1   1   ?   ?   ?   D . n 
D 2 2   ARG 2   2   ?   ?   ?   D . n 
D 2 3   MET 3   3   3   MET MET D . n 
D 2 4   GLU 4   4   4   GLU GLU D . n 
D 2 5   GLU 5   5   5   GLU GLU D . n 
D 2 6   VAL 6   6   6   VAL VAL D . n 
D 2 7   ASP 7   7   7   ASP ASP D . n 
# 
loop_
_pdbx_nonpoly_scheme.asym_id 
_pdbx_nonpoly_scheme.entity_id 
_pdbx_nonpoly_scheme.mon_id 
_pdbx_nonpoly_scheme.ndb_seq_num 
_pdbx_nonpoly_scheme.pdb_seq_num 
_pdbx_nonpoly_scheme.auth_seq_num 
_pdbx_nonpoly_scheme.pdb_mon_id 
_pdbx_nonpoly_scheme.auth_mon_id 
_pdbx_nonpoly_scheme.pdb_strand_id 
_pdbx_nonpoly_scheme.pdb_ins_code 
E 3 HOH 1 2001 2001 HOH HOH A . 
E 3 HOH 2 2002 2002 HOH HOH A . 
E 3 HOH 3 2003 2003 HOH HOH A . 
E 3 HOH 4 2004 2004 HOH HOH A . 
E 3 HOH 5 2005 2005 HOH HOH A . 
E 3 HOH 6 2006 2006 HOH HOH A . 
E 3 HOH 7 2007 2007 HOH HOH A . 
E 3 HOH 8 2008 2008 HOH HOH A . 
F 3 HOH 1 2001 2001 HOH HOH B . 
F 3 HOH 2 2002 2002 HOH HOH B . 
F 3 HOH 3 2003 2003 HOH HOH B . 
F 3 HOH 4 2004 2004 HOH HOH B . 
# 
loop_
_pdbx_unobs_or_zero_occ_atoms.id 
_pdbx_unobs_or_zero_occ_atoms.PDB_model_num 
_pdbx_unobs_or_zero_occ_atoms.polymer_flag 
_pdbx_unobs_or_zero_occ_atoms.occupancy_flag 
_pdbx_unobs_or_zero_occ_atoms.auth_asym_id 
_pdbx_unobs_or_zero_occ_atoms.auth_comp_id 
_pdbx_unobs_or_zero_occ_atoms.auth_seq_id 
_pdbx_unobs_or_zero_occ_atoms.PDB_ins_code 
_pdbx_unobs_or_zero_occ_atoms.auth_atom_id 
_pdbx_unobs_or_zero_occ_atoms.label_alt_id 
_pdbx_unobs_or_zero_occ_atoms.label_asym_id 
_pdbx_unobs_or_zero_occ_atoms.label_comp_id 
_pdbx_unobs_or_zero_occ_atoms.label_seq_id 
_pdbx_unobs_or_zero_occ_atoms.label_atom_id 
1  1 Y 1 A GLU 267 ? CG  ? A GLU 3   CG  
2  1 Y 1 A GLU 267 ? CD  ? A GLU 3   CD  
3  1 Y 1 A GLU 267 ? OE1 ? A GLU 3   OE1 
4  1 Y 1 A GLU 267 ? OE2 ? A GLU 3   OE2 
5  1 Y 1 A GLU 269 ? CG  ? A GLU 5   CG  
6  1 Y 1 A GLU 269 ? CD  ? A GLU 5   CD  
7  1 Y 1 A GLU 269 ? OE1 ? A GLU 5   OE1 
8  1 Y 1 A GLU 269 ? OE2 ? A GLU 5   OE2 
9  1 Y 1 A ARG 270 ? CZ  ? A ARG 6   CZ  
10 1 Y 1 A ARG 270 ? NH1 ? A ARG 6   NH1 
11 1 Y 1 A ARG 270 ? NH2 ? A ARG 6   NH2 
12 1 Y 1 A LYS 271 ? CG  ? A LYS 7   CG  
13 1 Y 1 A LYS 271 ? CD  ? A LYS 7   CD  
14 1 Y 1 A LYS 271 ? CE  ? A LYS 7   CE  
15 1 Y 1 A LYS 271 ? NZ  ? A LYS 7   NZ  
16 1 Y 1 A GLN 272 ? CG  ? A GLN 8   CG  
17 1 Y 1 A GLN 272 ? CD  ? A GLN 8   CD  
18 1 Y 1 A GLN 272 ? OE1 ? A GLN 8   OE1 
19 1 Y 1 A GLN 272 ? NE2 ? A GLN 8   NE2 
20 1 Y 1 A GLN 276 ? CG  ? A GLN 12  CG  
21 1 Y 1 A GLN 276 ? CD  ? A GLN 12  CD  
22 1 Y 1 A GLN 276 ? OE1 ? A GLN 12  OE1 
23 1 Y 1 A GLN 276 ? NE2 ? A GLN 12  NE2 
24 1 Y 1 A GLN 277 ? CG  ? A GLN 13  CG  
25 1 Y 1 A GLN 277 ? CD  ? A GLN 13  CD  
26 1 Y 1 A GLN 277 ? OE1 ? A GLN 13  OE1 
27 1 Y 1 A GLN 277 ? NE2 ? A GLN 13  NE2 
28 1 Y 1 A LYS 279 ? CE  ? A LYS 15  CE  
29 1 Y 1 A LYS 279 ? NZ  ? A LYS 15  NZ  
30 1 Y 1 A LYS 294 ? CE  ? A LYS 30  CE  
31 1 Y 1 A LYS 294 ? NZ  ? A LYS 30  NZ  
32 1 Y 1 A GLU 380 ? CG  ? A GLU 116 CG  
33 1 Y 1 A GLU 380 ? CD  ? A GLU 116 CD  
34 1 Y 1 A GLU 380 ? OE1 ? A GLU 116 OE1 
35 1 Y 1 A GLU 380 ? OE2 ? A GLU 116 OE2 
36 1 Y 1 A PRO 381 ? C   ? A PRO 117 C   
37 1 Y 1 A PRO 381 ? O   ? A PRO 117 O   
38 1 Y 1 B ILE 273 ? CG1 ? B ILE 9   CG1 
39 1 Y 1 B ILE 273 ? CG2 ? B ILE 9   CG2 
40 1 Y 1 B ILE 273 ? CD1 ? B ILE 9   CD1 
41 1 Y 1 B GLU 274 ? CG  ? B GLU 10  CG  
42 1 Y 1 B GLU 274 ? CD  ? B GLU 10  CD  
43 1 Y 1 B GLU 274 ? OE1 ? B GLU 10  OE1 
44 1 Y 1 B GLU 274 ? OE2 ? B GLU 10  OE2 
45 1 Y 1 B GLN 277 ? CG  ? B GLN 13  CG  
46 1 Y 1 B GLN 277 ? CD  ? B GLN 13  CD  
47 1 Y 1 B GLN 277 ? OE1 ? B GLN 13  OE1 
48 1 Y 1 B GLN 277 ? NE2 ? B GLN 13  NE2 
49 1 Y 1 B ASN 278 ? CG  ? B ASN 14  CG  
50 1 Y 1 B ASN 278 ? OD1 ? B ASN 14  OD1 
51 1 Y 1 B ASN 278 ? ND2 ? B ASN 14  ND2 
52 1 Y 1 B LYS 279 ? CE  ? B LYS 15  CE  
53 1 Y 1 B LYS 279 ? NZ  ? B LYS 15  NZ  
54 1 Y 1 B LYS 294 ? CE  ? B LYS 30  CE  
55 1 Y 1 B LYS 294 ? NZ  ? B LYS 30  NZ  
56 1 Y 1 B LYS 331 ? CE  ? B LYS 67  CE  
57 1 Y 1 B LYS 331 ? NZ  ? B LYS 67  NZ  
58 1 Y 1 B LYS 351 ? CG  ? B LYS 87  CG  
59 1 Y 1 B LYS 351 ? CD  ? B LYS 87  CD  
60 1 Y 1 B LYS 351 ? CE  ? B LYS 87  CE  
61 1 Y 1 B LYS 351 ? NZ  ? B LYS 87  NZ  
62 1 Y 1 B GLU 380 ? CG  ? B GLU 116 CG  
63 1 Y 1 B GLU 380 ? CD  ? B GLU 116 CD  
64 1 Y 1 B GLU 380 ? OE1 ? B GLU 116 OE1 
65 1 Y 1 B GLU 380 ? OE2 ? B GLU 116 OE2 
66 1 Y 1 C SER 1   ? OG  ? C SER 1   OG  
67 1 Y 1 C ARG 2   ? CG  ? C ARG 2   CG  
68 1 Y 1 C ARG 2   ? CD  ? C ARG 2   CD  
69 1 Y 1 C ARG 2   ? NE  ? C ARG 2   NE  
70 1 Y 1 C ARG 2   ? CZ  ? C ARG 2   CZ  
71 1 Y 1 C ARG 2   ? NH1 ? C ARG 2   NH1 
72 1 Y 1 C ARG 2   ? NH2 ? C ARG 2   NH2 
73 1 Y 1 D MET 3   ? CG  ? D MET 3   CG  
74 1 Y 1 D MET 3   ? SD  ? D MET 3   SD  
75 1 Y 1 D MET 3   ? CE  ? D MET 3   CE  
# 
loop_
_software.name 
_software.classification 
_software.version 
_software.citation_id 
_software.pdbx_ordinal 
PHENIX refinement       '(PHENIX.REFINE)' ? 1 
xia2   'data reduction' .                 ? 2 
xia2   'data scaling'   .                 ? 3 
PHASER phasing          .                 ? 4 
# 
_cell.entry_id           4CGW 
_cell.length_a           63.570 
_cell.length_b           96.510 
_cell.length_c           52.090 
_cell.angle_alpha        90.00 
_cell.angle_beta         90.00 
_cell.angle_gamma        90.00 
_cell.Z_PDB              8 
_cell.pdbx_unique_axis   ? 
# 
_symmetry.entry_id                         4CGW 
_symmetry.space_group_name_H-M             'P 21 21 21' 
_symmetry.pdbx_full_space_group_name_H-M   ? 
_symmetry.cell_setting                     ? 
_symmetry.Int_Tables_number                19 
# 
_exptl.entry_id          4CGW 
_exptl.method            'X-RAY DIFFRACTION' 
_exptl.crystals_number   1 
# 
_exptl_crystal.id                    1 
_exptl_crystal.density_meas          ? 
_exptl_crystal.density_Matthews      3.09 
_exptl_crystal.density_percent_sol   60.9 
_exptl_crystal.description           NONE 
# 
_exptl_crystal_grow.crystal_id      1 
_exptl_crystal_grow.method          ? 
_exptl_crystal_grow.temp            ? 
_exptl_crystal_grow.temp_details    ? 
_exptl_crystal_grow.pH              7 
_exptl_crystal_grow.pdbx_pH_range   ? 
_exptl_crystal_grow.pdbx_details    'pH 7' 
# 
_diffrn.id                     1 
_diffrn.ambient_temp           100 
_diffrn.ambient_temp_details   ? 
_diffrn.crystal_id             1 
# 
_diffrn_detector.diffrn_id              1 
_diffrn_detector.detector               PIXEL 
_diffrn_detector.type                   'DECTRIS PILATUS 2M' 
_diffrn_detector.pdbx_collection_date   2013-10-21 
_diffrn_detector.details                ? 
# 
_diffrn_radiation.diffrn_id                        1 
_diffrn_radiation.wavelength_id                    1 
_diffrn_radiation.pdbx_monochromatic_or_laue_m_l   M 
_diffrn_radiation.monochromator                    ? 
_diffrn_radiation.pdbx_diffrn_protocol             'SINGLE WAVELENGTH' 
_diffrn_radiation.pdbx_scattering_type             x-ray 
# 
_diffrn_radiation_wavelength.id           1 
_diffrn_radiation_wavelength.wavelength   0.9200 
_diffrn_radiation_wavelength.wt           1.0 
# 
_diffrn_source.diffrn_id                   1 
_diffrn_source.source                      SYNCHROTRON 
_diffrn_source.type                        'DIAMOND BEAMLINE I04-1' 
_diffrn_source.pdbx_synchrotron_site       Diamond 
_diffrn_source.pdbx_synchrotron_beamline   I04-1 
_diffrn_source.pdbx_wavelength             0.9200 
_diffrn_source.pdbx_wavelength_list        ? 
# 
_reflns.pdbx_diffrn_id               1 
_reflns.pdbx_ordinal                 1 
_reflns.entry_id                     4CGW 
_reflns.observed_criterion_sigma_I   0.0 
_reflns.observed_criterion_sigma_F   ? 
_reflns.d_resolution_low             48.26 
_reflns.d_resolution_high            3.00 
_reflns.number_obs                   6373 
_reflns.number_all                   ? 
_reflns.percent_possible_obs         94.3 
_reflns.pdbx_Rmerge_I_obs            0.08 
_reflns.pdbx_Rsym_value              ? 
_reflns.pdbx_netI_over_sigmaI        12.50 
_reflns.B_iso_Wilson_estimate        61.46 
_reflns.pdbx_redundancy              3.3 
# 
_reflns_shell.pdbx_diffrn_id         1 
_reflns_shell.pdbx_ordinal           1 
_reflns_shell.d_res_high             3.00 
_reflns_shell.d_res_low              3.08 
_reflns_shell.percent_possible_all   94.6 
_reflns_shell.Rmerge_I_obs           0.51 
_reflns_shell.pdbx_Rsym_value        ? 
_reflns_shell.meanI_over_sigI_obs    2.00 
_reflns_shell.pdbx_redundancy        3.4 
# 
_refine.pdbx_refine_id                           'X-RAY DIFFRACTION' 
_refine.entry_id                                 4CGW 
_refine.pdbx_diffrn_id                           1 
_refine.pdbx_TLS_residual_ADP_flag               ? 
_refine.ls_number_reflns_obs                     6351 
_refine.ls_number_reflns_all                     ? 
_refine.pdbx_ls_sigma_I                          ? 
_refine.pdbx_ls_sigma_F                          1.35 
_refine.pdbx_data_cutoff_high_absF               ? 
_refine.pdbx_data_cutoff_low_absF                ? 
_refine.pdbx_data_cutoff_high_rms_absF           ? 
_refine.ls_d_res_low                             48.255 
_refine.ls_d_res_high                            3.001 
_refine.ls_percent_reflns_obs                    93.16 
_refine.ls_R_factor_obs                          0.2437 
_refine.ls_R_factor_all                          ? 
_refine.ls_R_factor_R_work                       0.2414 
_refine.ls_R_factor_R_free                       0.2913 
_refine.ls_R_factor_R_free_error                 ? 
_refine.ls_R_factor_R_free_error_details         ? 
_refine.ls_percent_reflns_R_free                 4.6 
_refine.ls_number_reflns_R_free                  293 
_refine.ls_number_parameters                     ? 
_refine.ls_number_restraints                     ? 
_refine.occupancy_min                            ? 
_refine.occupancy_max                            ? 
_refine.correlation_coeff_Fo_to_Fc               ? 
_refine.correlation_coeff_Fo_to_Fc_free          ? 
_refine.B_iso_mean                               ? 
_refine.aniso_B[1][1]                            ? 
_refine.aniso_B[2][2]                            ? 
_refine.aniso_B[3][3]                            ? 
_refine.aniso_B[1][2]                            ? 
_refine.aniso_B[1][3]                            ? 
_refine.aniso_B[2][3]                            ? 
_refine.solvent_model_details                    'FLAT BULK SOLVENT MODEL' 
_refine.solvent_model_param_ksol                 ? 
_refine.solvent_model_param_bsol                 ? 
_refine.pdbx_solvent_vdw_probe_radii             1.11 
_refine.pdbx_solvent_ion_probe_radii             ? 
_refine.pdbx_solvent_shrinkage_radii             0.90 
_refine.pdbx_ls_cross_valid_method               ? 
_refine.details                                  ? 
_refine.pdbx_starting_model                      'IN-HOUSE STRUCTURE' 
_refine.pdbx_method_to_determine_struct          'MOLECULAR REPLACEMENT' 
_refine.pdbx_isotropic_thermal_model             ? 
_refine.pdbx_stereochemistry_target_values       ML 
_refine.pdbx_stereochem_target_val_spec_case     ? 
_refine.pdbx_R_Free_selection_details            ? 
_refine.pdbx_overall_ESU_R                       ? 
_refine.pdbx_overall_ESU_R_Free                  ? 
_refine.overall_SU_ML                            0.30 
_refine.pdbx_overall_phase_error                 29.75 
_refine.overall_SU_B                             ? 
_refine.overall_SU_R_Cruickshank_DPI             ? 
_refine.pdbx_overall_SU_R_free_Cruickshank_DPI   ? 
_refine.pdbx_overall_SU_R_Blow_DPI               ? 
_refine.pdbx_overall_SU_R_free_Blow_DPI          ? 
# 
_refine_hist.pdbx_refine_id                   'X-RAY DIFFRACTION' 
_refine_hist.cycle_id                         LAST 
_refine_hist.pdbx_number_atoms_protein        1786 
_refine_hist.pdbx_number_atoms_nucleic_acid   0 
_refine_hist.pdbx_number_atoms_ligand         0 
_refine_hist.number_atoms_solvent             12 
_refine_hist.number_atoms_total               1798 
_refine_hist.d_res_high                       3.001 
_refine_hist.d_res_low                        48.255 
# 
loop_
_refine_ls_restr.type 
_refine_ls_restr.dev_ideal 
_refine_ls_restr.dev_ideal_target 
_refine_ls_restr.weight 
_refine_ls_restr.number 
_refine_ls_restr.pdbx_refine_id 
_refine_ls_restr.pdbx_restraint_function 
f_bond_d           0.003  ? ? 1805 'X-RAY DIFFRACTION' ? 
f_angle_d          0.671  ? ? 2421 'X-RAY DIFFRACTION' ? 
f_dihedral_angle_d 14.084 ? ? 670  'X-RAY DIFFRACTION' ? 
f_chiral_restr     0.048  ? ? 262  'X-RAY DIFFRACTION' ? 
f_plane_restr      0.002  ? ? 325  'X-RAY DIFFRACTION' ? 
# 
loop_
_refine_ls_shell.pdbx_refine_id 
_refine_ls_shell.pdbx_total_number_of_bins_used 
_refine_ls_shell.d_res_high 
_refine_ls_shell.d_res_low 
_refine_ls_shell.number_reflns_R_work 
_refine_ls_shell.R_factor_R_work 
_refine_ls_shell.percent_reflns_obs 
_refine_ls_shell.R_factor_R_free 
_refine_ls_shell.R_factor_R_free_error 
_refine_ls_shell.percent_reflns_R_free 
_refine_ls_shell.number_reflns_R_free 
_refine_ls_shell.number_reflns_all 
_refine_ls_shell.R_factor_all 
'X-RAY DIFFRACTION' . 3.0006 3.7803  2996 0.2884 94.00 0.3555 . . 149 . . 
'X-RAY DIFFRACTION' . 3.7803 48.2612 3062 0.2189 92.00 0.2566 . . 144 . . 
# 
_struct.entry_id                  4CGW 
_struct.title                     'Second TPR of Spaghetti (RPAP3) bound to HSP90 peptide SRMEEVD' 
_struct.pdbx_model_details        ? 
_struct.pdbx_CASP_flag            ? 
_struct.pdbx_model_type_details   ? 
# 
_struct_keywords.entry_id        4CGW 
_struct_keywords.pdbx_keywords   CHAPERONE 
_struct_keywords.text            'CHAPERONE, R2TP, TAH1, PIH1' 
# 
loop_
_struct_asym.id 
_struct_asym.pdbx_blank_PDB_chainid_flag 
_struct_asym.pdbx_modified 
_struct_asym.entity_id 
_struct_asym.details 
A N N 1 ? 
B N N 1 ? 
C N N 2 ? 
D N N 2 ? 
E N N 3 ? 
F N N 3 ? 
# 
loop_
_struct_ref.id 
_struct_ref.db_name 
_struct_ref.db_code 
_struct_ref.entity_id 
_struct_ref.pdbx_seq_one_letter_code 
_struct_ref.pdbx_align_begin 
_struct_ref.pdbx_db_accession 
_struct_ref.pdbx_db_isoform 
1 UNP RPAP3_HUMAN 1 ? ? Q9H6T3 ? 
2 UNP HS90A_HUMAN 2 ? ? P07900 ? 
# 
loop_
_struct_ref_seq.align_id 
_struct_ref_seq.ref_id 
_struct_ref_seq.pdbx_PDB_id_code 
_struct_ref_seq.pdbx_strand_id 
_struct_ref_seq.seq_align_beg 
_struct_ref_seq.pdbx_seq_align_beg_ins_code 
_struct_ref_seq.seq_align_end 
_struct_ref_seq.pdbx_seq_align_end_ins_code 
_struct_ref_seq.pdbx_db_accession 
_struct_ref_seq.db_align_beg 
_struct_ref_seq.pdbx_db_align_beg_ins_code 
_struct_ref_seq.db_align_end 
_struct_ref_seq.pdbx_db_align_end_ins_code 
_struct_ref_seq.pdbx_auth_seq_align_beg 
_struct_ref_seq.pdbx_auth_seq_align_end 
1 1 4CGW A 1 ? 117 ? Q9H6T3 265 ? 381 ? 265 381 
2 1 4CGW B 1 ? 117 ? Q9H6T3 265 ? 381 ? 265 381 
3 2 4CGW C 1 ? 7   ? P07900 726 ? 732 ? 1   7   
4 2 4CGW D 1 ? 7   ? P07900 726 ? 732 ? 1   7   
# 
loop_
_pdbx_struct_assembly.id 
_pdbx_struct_assembly.details 
_pdbx_struct_assembly.method_details 
_pdbx_struct_assembly.oligomeric_details 
_pdbx_struct_assembly.oligomeric_count 
1 software_defined_assembly PISA dimeric 2 
2 software_defined_assembly PISA dimeric 2 
# 
loop_
_pdbx_struct_assembly_prop.biol_id 
_pdbx_struct_assembly_prop.type 
_pdbx_struct_assembly_prop.value 
_pdbx_struct_assembly_prop.details 
1 'ABSA (A^2)' 920  ? 
1 MORE         -4.5 ? 
1 'SSA (A^2)'  8210 ? 
2 'ABSA (A^2)' 680  ? 
2 MORE         -2.0 ? 
2 'SSA (A^2)'  7630 ? 
# 
loop_
_pdbx_struct_assembly_gen.assembly_id 
_pdbx_struct_assembly_gen.oper_expression 
_pdbx_struct_assembly_gen.asym_id_list 
1 1 A,C,E 
2 1 B,D,F 
# 
_pdbx_struct_oper_list.id                   1 
_pdbx_struct_oper_list.type                 'identity operation' 
_pdbx_struct_oper_list.name                 1_555 
_pdbx_struct_oper_list.symmetry_operation   x,y,z 
_pdbx_struct_oper_list.matrix[1][1]         1.0000000000 
_pdbx_struct_oper_list.matrix[1][2]         0.0000000000 
_pdbx_struct_oper_list.matrix[1][3]         0.0000000000 
_pdbx_struct_oper_list.vector[1]            0.0000000000 
_pdbx_struct_oper_list.matrix[2][1]         0.0000000000 
_pdbx_struct_oper_list.matrix[2][2]         1.0000000000 
_pdbx_struct_oper_list.matrix[2][3]         0.0000000000 
_pdbx_struct_oper_list.vector[2]            0.0000000000 
_pdbx_struct_oper_list.matrix[3][1]         0.0000000000 
_pdbx_struct_oper_list.matrix[3][2]         0.0000000000 
_pdbx_struct_oper_list.matrix[3][3]         1.0000000000 
_pdbx_struct_oper_list.vector[3]            0.0000000000 
# 
_struct_biol.id   1 
# 
loop_
_struct_conf.conf_type_id 
_struct_conf.id 
_struct_conf.pdbx_PDB_helix_id 
_struct_conf.beg_label_comp_id 
_struct_conf.beg_label_asym_id 
_struct_conf.beg_label_seq_id 
_struct_conf.pdbx_beg_PDB_ins_code 
_struct_conf.end_label_comp_id 
_struct_conf.end_label_asym_id 
_struct_conf.end_label_seq_id 
_struct_conf.pdbx_end_PDB_ins_code 
_struct_conf.beg_auth_comp_id 
_struct_conf.beg_auth_asym_id 
_struct_conf.beg_auth_seq_id 
_struct_conf.end_auth_comp_id 
_struct_conf.end_auth_asym_id 
_struct_conf.end_auth_seq_id 
_struct_conf.pdbx_PDB_helix_class 
_struct_conf.details 
_struct_conf.pdbx_PDB_helix_length 
HELX_P HELX_P1  1  GLU A 3   ? ASN A 14  ? GLU A 267 ASN A 278 1 ? 12 
HELX_P HELX_P2  2  GLN A 16  ? GLU A 31  ? GLN A 280 GLU A 295 1 ? 16 
HELX_P HELX_P3  3  LYS A 33  ? ALA A 47  ? LYS A 297 ALA A 311 1 ? 15 
HELX_P HELX_P4  4  ALA A 52  ? ILE A 65  ? ALA A 316 ILE A 329 1 ? 14 
HELX_P HELX_P5  5  TYR A 68  ? ASP A 82  ? TYR A 332 ASP A 346 1 ? 15 
HELX_P HELX_P6  6  TYR A 85  ? GLY A 100 ? TYR A 349 GLY A 364 1 ? 16 
HELX_P HELX_P7  7  LYS A 101 ? GLU A 116 ? LYS A 365 GLU A 380 1 ? 16 
HELX_P HELX_P8  8  GLN B 16  ? GLU B 31  ? GLN B 280 GLU B 295 1 ? 16 
HELX_P HELX_P9  9  LYS B 33  ? ASP B 48  ? LYS B 297 ASP B 312 1 ? 16 
HELX_P HELX_P10 10 ALA B 52  ? LYS B 64  ? ALA B 316 LYS B 328 1 ? 13 
HELX_P HELX_P11 11 LYS B 67  ? ASP B 82  ? LYS B 331 ASP B 346 1 ? 16 
HELX_P HELX_P12 12 TYR B 85  ? GLY B 100 ? TYR B 349 GLY B 364 1 ? 16 
HELX_P HELX_P13 13 LYS B 101 ? GLU B 116 ? LYS B 365 GLU B 380 1 ? 16 
# 
_struct_conf_type.id          HELX_P 
_struct_conf_type.criteria    ? 
_struct_conf_type.reference   ? 
# 
_struct_mon_prot_cis.pdbx_id                1 
_struct_mon_prot_cis.label_comp_id          ASP 
_struct_mon_prot_cis.label_seq_id           48 
_struct_mon_prot_cis.label_asym_id          A 
_struct_mon_prot_cis.label_alt_id           . 
_struct_mon_prot_cis.pdbx_PDB_ins_code      ? 
_struct_mon_prot_cis.auth_comp_id           ASP 
_struct_mon_prot_cis.auth_seq_id            312 
_struct_mon_prot_cis.auth_asym_id           A 
_struct_mon_prot_cis.pdbx_label_comp_id_2   GLY 
_struct_mon_prot_cis.pdbx_label_seq_id_2    49 
_struct_mon_prot_cis.pdbx_label_asym_id_2   A 
_struct_mon_prot_cis.pdbx_PDB_ins_code_2    ? 
_struct_mon_prot_cis.pdbx_auth_comp_id_2    GLY 
_struct_mon_prot_cis.pdbx_auth_seq_id_2     313 
_struct_mon_prot_cis.pdbx_auth_asym_id_2    A 
_struct_mon_prot_cis.pdbx_PDB_model_num     1 
_struct_mon_prot_cis.pdbx_omega_angle       2.64 
# 
loop_
_pdbx_validate_torsion.id 
_pdbx_validate_torsion.PDB_model_num 
_pdbx_validate_torsion.auth_comp_id 
_pdbx_validate_torsion.auth_asym_id 
_pdbx_validate_torsion.auth_seq_id 
_pdbx_validate_torsion.PDB_ins_code 
_pdbx_validate_torsion.label_alt_id 
_pdbx_validate_torsion.phi 
_pdbx_validate_torsion.psi 
1 1 GLN A 276 ? ? -63.02  -81.51 
2 1 GLN A 277 ? ? -36.57  -27.24 
3 1 ASP A 312 ? ? 64.43   111.73 
4 1 TYR A 332 ? ? 69.91   -49.99 
5 1 LYS B 279 ? ? -84.51  46.21  
6 1 ALA B 311 ? ? -90.56  -81.38 
7 1 LYS B 331 ? ? -112.18 74.78  
8 1 LEU B 379 ? ? -68.11  -83.75 
# 
loop_
_pdbx_unobs_or_zero_occ_residues.id 
_pdbx_unobs_or_zero_occ_residues.PDB_model_num 
_pdbx_unobs_or_zero_occ_residues.polymer_flag 
_pdbx_unobs_or_zero_occ_residues.occupancy_flag 
_pdbx_unobs_or_zero_occ_residues.auth_asym_id 
_pdbx_unobs_or_zero_occ_residues.auth_comp_id 
_pdbx_unobs_or_zero_occ_residues.auth_seq_id 
_pdbx_unobs_or_zero_occ_residues.PDB_ins_code 
_pdbx_unobs_or_zero_occ_residues.label_asym_id 
_pdbx_unobs_or_zero_occ_residues.label_comp_id 
_pdbx_unobs_or_zero_occ_residues.label_seq_id 
1  1 Y 1 A SER 265 ? A SER 1   
2  1 Y 1 A THR 266 ? A THR 2   
3  1 Y 1 B SER 265 ? B SER 1   
4  1 Y 1 B THR 266 ? B THR 2   
5  1 Y 1 B GLU 267 ? B GLU 3   
6  1 Y 1 B GLY 268 ? B GLY 4   
7  1 Y 1 B GLU 269 ? B GLU 5   
8  1 Y 1 B ARG 270 ? B ARG 6   
9  1 Y 1 B LYS 271 ? B LYS 7   
10 1 Y 1 B GLN 272 ? B GLN 8   
11 1 Y 1 B PRO 381 ? B PRO 117 
12 1 Y 1 D SER 1   ? D SER 1   
13 1 Y 1 D ARG 2   ? D ARG 2   
# 
loop_
_chem_comp_atom.comp_id 
_chem_comp_atom.atom_id 
_chem_comp_atom.type_symbol 
_chem_comp_atom.pdbx_aromatic_flag 
_chem_comp_atom.pdbx_stereo_config 
_chem_comp_atom.pdbx_ordinal 
ALA N    N N N 1   
ALA CA   C N S 2   
ALA C    C N N 3   
ALA O    O N N 4   
ALA CB   C N N 5   
ALA OXT  O N N 6   
ALA H    H N N 7   
ALA H2   H N N 8   
ALA HA   H N N 9   
ALA HB1  H N N 10  
ALA HB2  H N N 11  
ALA HB3  H N N 12  
ALA HXT  H N N 13  
ARG N    N N N 14  
ARG CA   C N S 15  
ARG C    C N N 16  
ARG O    O N N 17  
ARG CB   C N N 18  
ARG CG   C N N 19  
ARG CD   C N N 20  
ARG NE   N N N 21  
ARG CZ   C N N 22  
ARG NH1  N N N 23  
ARG NH2  N N N 24  
ARG OXT  O N N 25  
ARG H    H N N 26  
ARG H2   H N N 27  
ARG HA   H N N 28  
ARG HB2  H N N 29  
ARG HB3  H N N 30  
ARG HG2  H N N 31  
ARG HG3  H N N 32  
ARG HD2  H N N 33  
ARG HD3  H N N 34  
ARG HE   H N N 35  
ARG HH11 H N N 36  
ARG HH12 H N N 37  
ARG HH21 H N N 38  
ARG HH22 H N N 39  
ARG HXT  H N N 40  
ASN N    N N N 41  
ASN CA   C N S 42  
ASN C    C N N 43  
ASN O    O N N 44  
ASN CB   C N N 45  
ASN CG   C N N 46  
ASN OD1  O N N 47  
ASN ND2  N N N 48  
ASN OXT  O N N 49  
ASN H    H N N 50  
ASN H2   H N N 51  
ASN HA   H N N 52  
ASN HB2  H N N 53  
ASN HB3  H N N 54  
ASN HD21 H N N 55  
ASN HD22 H N N 56  
ASN HXT  H N N 57  
ASP N    N N N 58  
ASP CA   C N S 59  
ASP C    C N N 60  
ASP O    O N N 61  
ASP CB   C N N 62  
ASP CG   C N N 63  
ASP OD1  O N N 64  
ASP OD2  O N N 65  
ASP OXT  O N N 66  
ASP H    H N N 67  
ASP H2   H N N 68  
ASP HA   H N N 69  
ASP HB2  H N N 70  
ASP HB3  H N N 71  
ASP HD2  H N N 72  
ASP HXT  H N N 73  
CYS N    N N N 74  
CYS CA   C N R 75  
CYS C    C N N 76  
CYS O    O N N 77  
CYS CB   C N N 78  
CYS SG   S N N 79  
CYS OXT  O N N 80  
CYS H    H N N 81  
CYS H2   H N N 82  
CYS HA   H N N 83  
CYS HB2  H N N 84  
CYS HB3  H N N 85  
CYS HG   H N N 86  
CYS HXT  H N N 87  
GLN N    N N N 88  
GLN CA   C N S 89  
GLN C    C N N 90  
GLN O    O N N 91  
GLN CB   C N N 92  
GLN CG   C N N 93  
GLN CD   C N N 94  
GLN OE1  O N N 95  
GLN NE2  N N N 96  
GLN OXT  O N N 97  
GLN H    H N N 98  
GLN H2   H N N 99  
GLN HA   H N N 100 
GLN HB2  H N N 101 
GLN HB3  H N N 102 
GLN HG2  H N N 103 
GLN HG3  H N N 104 
GLN HE21 H N N 105 
GLN HE22 H N N 106 
GLN HXT  H N N 107 
GLU N    N N N 108 
GLU CA   C N S 109 
GLU C    C N N 110 
GLU O    O N N 111 
GLU CB   C N N 112 
GLU CG   C N N 113 
GLU CD   C N N 114 
GLU OE1  O N N 115 
GLU OE2  O N N 116 
GLU OXT  O N N 117 
GLU H    H N N 118 
GLU H2   H N N 119 
GLU HA   H N N 120 
GLU HB2  H N N 121 
GLU HB3  H N N 122 
GLU HG2  H N N 123 
GLU HG3  H N N 124 
GLU HE2  H N N 125 
GLU HXT  H N N 126 
GLY N    N N N 127 
GLY CA   C N N 128 
GLY C    C N N 129 
GLY O    O N N 130 
GLY OXT  O N N 131 
GLY H    H N N 132 
GLY H2   H N N 133 
GLY HA2  H N N 134 
GLY HA3  H N N 135 
GLY HXT  H N N 136 
HOH O    O N N 137 
HOH H1   H N N 138 
HOH H2   H N N 139 
ILE N    N N N 140 
ILE CA   C N S 141 
ILE C    C N N 142 
ILE O    O N N 143 
ILE CB   C N S 144 
ILE CG1  C N N 145 
ILE CG2  C N N 146 
ILE CD1  C N N 147 
ILE OXT  O N N 148 
ILE H    H N N 149 
ILE H2   H N N 150 
ILE HA   H N N 151 
ILE HB   H N N 152 
ILE HG12 H N N 153 
ILE HG13 H N N 154 
ILE HG21 H N N 155 
ILE HG22 H N N 156 
ILE HG23 H N N 157 
ILE HD11 H N N 158 
ILE HD12 H N N 159 
ILE HD13 H N N 160 
ILE HXT  H N N 161 
LEU N    N N N 162 
LEU CA   C N S 163 
LEU C    C N N 164 
LEU O    O N N 165 
LEU CB   C N N 166 
LEU CG   C N N 167 
LEU CD1  C N N 168 
LEU CD2  C N N 169 
LEU OXT  O N N 170 
LEU H    H N N 171 
LEU H2   H N N 172 
LEU HA   H N N 173 
LEU HB2  H N N 174 
LEU HB3  H N N 175 
LEU HG   H N N 176 
LEU HD11 H N N 177 
LEU HD12 H N N 178 
LEU HD13 H N N 179 
LEU HD21 H N N 180 
LEU HD22 H N N 181 
LEU HD23 H N N 182 
LEU HXT  H N N 183 
LYS N    N N N 184 
LYS CA   C N S 185 
LYS C    C N N 186 
LYS O    O N N 187 
LYS CB   C N N 188 
LYS CG   C N N 189 
LYS CD   C N N 190 
LYS CE   C N N 191 
LYS NZ   N N N 192 
LYS OXT  O N N 193 
LYS H    H N N 194 
LYS H2   H N N 195 
LYS HA   H N N 196 
LYS HB2  H N N 197 
LYS HB3  H N N 198 
LYS HG2  H N N 199 
LYS HG3  H N N 200 
LYS HD2  H N N 201 
LYS HD3  H N N 202 
LYS HE2  H N N 203 
LYS HE3  H N N 204 
LYS HZ1  H N N 205 
LYS HZ2  H N N 206 
LYS HZ3  H N N 207 
LYS HXT  H N N 208 
MET N    N N N 209 
MET CA   C N S 210 
MET C    C N N 211 
MET O    O N N 212 
MET CB   C N N 213 
MET CG   C N N 214 
MET SD   S N N 215 
MET CE   C N N 216 
MET OXT  O N N 217 
MET H    H N N 218 
MET H2   H N N 219 
MET HA   H N N 220 
MET HB2  H N N 221 
MET HB3  H N N 222 
MET HG2  H N N 223 
MET HG3  H N N 224 
MET HE1  H N N 225 
MET HE2  H N N 226 
MET HE3  H N N 227 
MET HXT  H N N 228 
PHE N    N N N 229 
PHE CA   C N S 230 
PHE C    C N N 231 
PHE O    O N N 232 
PHE CB   C N N 233 
PHE CG   C Y N 234 
PHE CD1  C Y N 235 
PHE CD2  C Y N 236 
PHE CE1  C Y N 237 
PHE CE2  C Y N 238 
PHE CZ   C Y N 239 
PHE OXT  O N N 240 
PHE H    H N N 241 
PHE H2   H N N 242 
PHE HA   H N N 243 
PHE HB2  H N N 244 
PHE HB3  H N N 245 
PHE HD1  H N N 246 
PHE HD2  H N N 247 
PHE HE1  H N N 248 
PHE HE2  H N N 249 
PHE HZ   H N N 250 
PHE HXT  H N N 251 
PRO N    N N N 252 
PRO CA   C N S 253 
PRO C    C N N 254 
PRO O    O N N 255 
PRO CB   C N N 256 
PRO CG   C N N 257 
PRO CD   C N N 258 
PRO OXT  O N N 259 
PRO H    H N N 260 
PRO HA   H N N 261 
PRO HB2  H N N 262 
PRO HB3  H N N 263 
PRO HG2  H N N 264 
PRO HG3  H N N 265 
PRO HD2  H N N 266 
PRO HD3  H N N 267 
PRO HXT  H N N 268 
SER N    N N N 269 
SER CA   C N S 270 
SER C    C N N 271 
SER O    O N N 272 
SER CB   C N N 273 
SER OG   O N N 274 
SER OXT  O N N 275 
SER H    H N N 276 
SER H2   H N N 277 
SER HA   H N N 278 
SER HB2  H N N 279 
SER HB3  H N N 280 
SER HG   H N N 281 
SER HXT  H N N 282 
THR N    N N N 283 
THR CA   C N S 284 
THR C    C N N 285 
THR O    O N N 286 
THR CB   C N R 287 
THR OG1  O N N 288 
THR CG2  C N N 289 
THR OXT  O N N 290 
THR H    H N N 291 
THR H2   H N N 292 
THR HA   H N N 293 
THR HB   H N N 294 
THR HG1  H N N 295 
THR HG21 H N N 296 
THR HG22 H N N 297 
THR HG23 H N N 298 
THR HXT  H N N 299 
TYR N    N N N 300 
TYR CA   C N S 301 
TYR C    C N N 302 
TYR O    O N N 303 
TYR CB   C N N 304 
TYR CG   C Y N 305 
TYR CD1  C Y N 306 
TYR CD2  C Y N 307 
TYR CE1  C Y N 308 
TYR CE2  C Y N 309 
TYR CZ   C Y N 310 
TYR OH   O N N 311 
TYR OXT  O N N 312 
TYR H    H N N 313 
TYR H2   H N N 314 
TYR HA   H N N 315 
TYR HB2  H N N 316 
TYR HB3  H N N 317 
TYR HD1  H N N 318 
TYR HD2  H N N 319 
TYR HE1  H N N 320 
TYR HE2  H N N 321 
TYR HH   H N N 322 
TYR HXT  H N N 323 
VAL N    N N N 324 
VAL CA   C N S 325 
VAL C    C N N 326 
VAL O    O N N 327 
VAL CB   C N N 328 
VAL CG1  C N N 329 
VAL CG2  C N N 330 
VAL OXT  O N N 331 
VAL H    H N N 332 
VAL H2   H N N 333 
VAL HA   H N N 334 
VAL HB   H N N 335 
VAL HG11 H N N 336 
VAL HG12 H N N 337 
VAL HG13 H N N 338 
VAL HG21 H N N 339 
VAL HG22 H N N 340 
VAL HG23 H N N 341 
VAL HXT  H N N 342 
# 
loop_
_chem_comp_bond.comp_id 
_chem_comp_bond.atom_id_1 
_chem_comp_bond.atom_id_2 
_chem_comp_bond.value_order 
_chem_comp_bond.pdbx_aromatic_flag 
_chem_comp_bond.pdbx_stereo_config 
_chem_comp_bond.pdbx_ordinal 
ALA N   CA   sing N N 1   
ALA N   H    sing N N 2   
ALA N   H2   sing N N 3   
ALA CA  C    sing N N 4   
ALA CA  CB   sing N N 5   
ALA CA  HA   sing N N 6   
ALA C   O    doub N N 7   
ALA C   OXT  sing N N 8   
ALA CB  HB1  sing N N 9   
ALA CB  HB2  sing N N 10  
ALA CB  HB3  sing N N 11  
ALA OXT HXT  sing N N 12  
ARG N   CA   sing N N 13  
ARG N   H    sing N N 14  
ARG N   H2   sing N N 15  
ARG CA  C    sing N N 16  
ARG CA  CB   sing N N 17  
ARG CA  HA   sing N N 18  
ARG C   O    doub N N 19  
ARG C   OXT  sing N N 20  
ARG CB  CG   sing N N 21  
ARG CB  HB2  sing N N 22  
ARG CB  HB3  sing N N 23  
ARG CG  CD   sing N N 24  
ARG CG  HG2  sing N N 25  
ARG CG  HG3  sing N N 26  
ARG CD  NE   sing N N 27  
ARG CD  HD2  sing N N 28  
ARG CD  HD3  sing N N 29  
ARG NE  CZ   sing N N 30  
ARG NE  HE   sing N N 31  
ARG CZ  NH1  sing N N 32  
ARG CZ  NH2  doub N N 33  
ARG NH1 HH11 sing N N 34  
ARG NH1 HH12 sing N N 35  
ARG NH2 HH21 sing N N 36  
ARG NH2 HH22 sing N N 37  
ARG OXT HXT  sing N N 38  
ASN N   CA   sing N N 39  
ASN N   H    sing N N 40  
ASN N   H2   sing N N 41  
ASN CA  C    sing N N 42  
ASN CA  CB   sing N N 43  
ASN CA  HA   sing N N 44  
ASN C   O    doub N N 45  
ASN C   OXT  sing N N 46  
ASN CB  CG   sing N N 47  
ASN CB  HB2  sing N N 48  
ASN CB  HB3  sing N N 49  
ASN CG  OD1  doub N N 50  
ASN CG  ND2  sing N N 51  
ASN ND2 HD21 sing N N 52  
ASN ND2 HD22 sing N N 53  
ASN OXT HXT  sing N N 54  
ASP N   CA   sing N N 55  
ASP N   H    sing N N 56  
ASP N   H2   sing N N 57  
ASP CA  C    sing N N 58  
ASP CA  CB   sing N N 59  
ASP CA  HA   sing N N 60  
ASP C   O    doub N N 61  
ASP C   OXT  sing N N 62  
ASP CB  CG   sing N N 63  
ASP CB  HB2  sing N N 64  
ASP CB  HB3  sing N N 65  
ASP CG  OD1  doub N N 66  
ASP CG  OD2  sing N N 67  
ASP OD2 HD2  sing N N 68  
ASP OXT HXT  sing N N 69  
CYS N   CA   sing N N 70  
CYS N   H    sing N N 71  
CYS N   H2   sing N N 72  
CYS CA  C    sing N N 73  
CYS CA  CB   sing N N 74  
CYS CA  HA   sing N N 75  
CYS C   O    doub N N 76  
CYS C   OXT  sing N N 77  
CYS CB  SG   sing N N 78  
CYS CB  HB2  sing N N 79  
CYS CB  HB3  sing N N 80  
CYS SG  HG   sing N N 81  
CYS OXT HXT  sing N N 82  
GLN N   CA   sing N N 83  
GLN N   H    sing N N 84  
GLN N   H2   sing N N 85  
GLN CA  C    sing N N 86  
GLN CA  CB   sing N N 87  
GLN CA  HA   sing N N 88  
GLN C   O    doub N N 89  
GLN C   OXT  sing N N 90  
GLN CB  CG   sing N N 91  
GLN CB  HB2  sing N N 92  
GLN CB  HB3  sing N N 93  
GLN CG  CD   sing N N 94  
GLN CG  HG2  sing N N 95  
GLN CG  HG3  sing N N 96  
GLN CD  OE1  doub N N 97  
GLN CD  NE2  sing N N 98  
GLN NE2 HE21 sing N N 99  
GLN NE2 HE22 sing N N 100 
GLN OXT HXT  sing N N 101 
GLU N   CA   sing N N 102 
GLU N   H    sing N N 103 
GLU N   H2   sing N N 104 
GLU CA  C    sing N N 105 
GLU CA  CB   sing N N 106 
GLU CA  HA   sing N N 107 
GLU C   O    doub N N 108 
GLU C   OXT  sing N N 109 
GLU CB  CG   sing N N 110 
GLU CB  HB2  sing N N 111 
GLU CB  HB3  sing N N 112 
GLU CG  CD   sing N N 113 
GLU CG  HG2  sing N N 114 
GLU CG  HG3  sing N N 115 
GLU CD  OE1  doub N N 116 
GLU CD  OE2  sing N N 117 
GLU OE2 HE2  sing N N 118 
GLU OXT HXT  sing N N 119 
GLY N   CA   sing N N 120 
GLY N   H    sing N N 121 
GLY N   H2   sing N N 122 
GLY CA  C    sing N N 123 
GLY CA  HA2  sing N N 124 
GLY CA  HA3  sing N N 125 
GLY C   O    doub N N 126 
GLY C   OXT  sing N N 127 
GLY OXT HXT  sing N N 128 
HOH O   H1   sing N N 129 
HOH O   H2   sing N N 130 
ILE N   CA   sing N N 131 
ILE N   H    sing N N 132 
ILE N   H2   sing N N 133 
ILE CA  C    sing N N 134 
ILE CA  CB   sing N N 135 
ILE CA  HA   sing N N 136 
ILE C   O    doub N N 137 
ILE C   OXT  sing N N 138 
ILE CB  CG1  sing N N 139 
ILE CB  CG2  sing N N 140 
ILE CB  HB   sing N N 141 
ILE CG1 CD1  sing N N 142 
ILE CG1 HG12 sing N N 143 
ILE CG1 HG13 sing N N 144 
ILE CG2 HG21 sing N N 145 
ILE CG2 HG22 sing N N 146 
ILE CG2 HG23 sing N N 147 
ILE CD1 HD11 sing N N 148 
ILE CD1 HD12 sing N N 149 
ILE CD1 HD13 sing N N 150 
ILE OXT HXT  sing N N 151 
LEU N   CA   sing N N 152 
LEU N   H    sing N N 153 
LEU N   H2   sing N N 154 
LEU CA  C    sing N N 155 
LEU CA  CB   sing N N 156 
LEU CA  HA   sing N N 157 
LEU C   O    doub N N 158 
LEU C   OXT  sing N N 159 
LEU CB  CG   sing N N 160 
LEU CB  HB2  sing N N 161 
LEU CB  HB3  sing N N 162 
LEU CG  CD1  sing N N 163 
LEU CG  CD2  sing N N 164 
LEU CG  HG   sing N N 165 
LEU CD1 HD11 sing N N 166 
LEU CD1 HD12 sing N N 167 
LEU CD1 HD13 sing N N 168 
LEU CD2 HD21 sing N N 169 
LEU CD2 HD22 sing N N 170 
LEU CD2 HD23 sing N N 171 
LEU OXT HXT  sing N N 172 
LYS N   CA   sing N N 173 
LYS N   H    sing N N 174 
LYS N   H2   sing N N 175 
LYS CA  C    sing N N 176 
LYS CA  CB   sing N N 177 
LYS CA  HA   sing N N 178 
LYS C   O    doub N N 179 
LYS C   OXT  sing N N 180 
LYS CB  CG   sing N N 181 
LYS CB  HB2  sing N N 182 
LYS CB  HB3  sing N N 183 
LYS CG  CD   sing N N 184 
LYS CG  HG2  sing N N 185 
LYS CG  HG3  sing N N 186 
LYS CD  CE   sing N N 187 
LYS CD  HD2  sing N N 188 
LYS CD  HD3  sing N N 189 
LYS CE  NZ   sing N N 190 
LYS CE  HE2  sing N N 191 
LYS CE  HE3  sing N N 192 
LYS NZ  HZ1  sing N N 193 
LYS NZ  HZ2  sing N N 194 
LYS NZ  HZ3  sing N N 195 
LYS OXT HXT  sing N N 196 
MET N   CA   sing N N 197 
MET N   H    sing N N 198 
MET N   H2   sing N N 199 
MET CA  C    sing N N 200 
MET CA  CB   sing N N 201 
MET CA  HA   sing N N 202 
MET C   O    doub N N 203 
MET C   OXT  sing N N 204 
MET CB  CG   sing N N 205 
MET CB  HB2  sing N N 206 
MET CB  HB3  sing N N 207 
MET CG  SD   sing N N 208 
MET CG  HG2  sing N N 209 
MET CG  HG3  sing N N 210 
MET SD  CE   sing N N 211 
MET CE  HE1  sing N N 212 
MET CE  HE2  sing N N 213 
MET CE  HE3  sing N N 214 
MET OXT HXT  sing N N 215 
PHE N   CA   sing N N 216 
PHE N   H    sing N N 217 
PHE N   H2   sing N N 218 
PHE CA  C    sing N N 219 
PHE CA  CB   sing N N 220 
PHE CA  HA   sing N N 221 
PHE C   O    doub N N 222 
PHE C   OXT  sing N N 223 
PHE CB  CG   sing N N 224 
PHE CB  HB2  sing N N 225 
PHE CB  HB3  sing N N 226 
PHE CG  CD1  doub Y N 227 
PHE CG  CD2  sing Y N 228 
PHE CD1 CE1  sing Y N 229 
PHE CD1 HD1  sing N N 230 
PHE CD2 CE2  doub Y N 231 
PHE CD2 HD2  sing N N 232 
PHE CE1 CZ   doub Y N 233 
PHE CE1 HE1  sing N N 234 
PHE CE2 CZ   sing Y N 235 
PHE CE2 HE2  sing N N 236 
PHE CZ  HZ   sing N N 237 
PHE OXT HXT  sing N N 238 
PRO N   CA   sing N N 239 
PRO N   CD   sing N N 240 
PRO N   H    sing N N 241 
PRO CA  C    sing N N 242 
PRO CA  CB   sing N N 243 
PRO CA  HA   sing N N 244 
PRO C   O    doub N N 245 
PRO C   OXT  sing N N 246 
PRO CB  CG   sing N N 247 
PRO CB  HB2  sing N N 248 
PRO CB  HB3  sing N N 249 
PRO CG  CD   sing N N 250 
PRO CG  HG2  sing N N 251 
PRO CG  HG3  sing N N 252 
PRO CD  HD2  sing N N 253 
PRO CD  HD3  sing N N 254 
PRO OXT HXT  sing N N 255 
SER N   CA   sing N N 256 
SER N   H    sing N N 257 
SER N   H2   sing N N 258 
SER CA  C    sing N N 259 
SER CA  CB   sing N N 260 
SER CA  HA   sing N N 261 
SER C   O    doub N N 262 
SER C   OXT  sing N N 263 
SER CB  OG   sing N N 264 
SER CB  HB2  sing N N 265 
SER CB  HB3  sing N N 266 
SER OG  HG   sing N N 267 
SER OXT HXT  sing N N 268 
THR N   CA   sing N N 269 
THR N   H    sing N N 270 
THR N   H2   sing N N 271 
THR CA  C    sing N N 272 
THR CA  CB   sing N N 273 
THR CA  HA   sing N N 274 
THR C   O    doub N N 275 
THR C   OXT  sing N N 276 
THR CB  OG1  sing N N 277 
THR CB  CG2  sing N N 278 
THR CB  HB   sing N N 279 
THR OG1 HG1  sing N N 280 
THR CG2 HG21 sing N N 281 
THR CG2 HG22 sing N N 282 
THR CG2 HG23 sing N N 283 
THR OXT HXT  sing N N 284 
TYR N   CA   sing N N 285 
TYR N   H    sing N N 286 
TYR N   H2   sing N N 287 
TYR CA  C    sing N N 288 
TYR CA  CB   sing N N 289 
TYR CA  HA   sing N N 290 
TYR C   O    doub N N 291 
TYR C   OXT  sing N N 292 
TYR CB  CG   sing N N 293 
TYR CB  HB2  sing N N 294 
TYR CB  HB3  sing N N 295 
TYR CG  CD1  doub Y N 296 
TYR CG  CD2  sing Y N 297 
TYR CD1 CE1  sing Y N 298 
TYR CD1 HD1  sing N N 299 
TYR CD2 CE2  doub Y N 300 
TYR CD2 HD2  sing N N 301 
TYR CE1 CZ   doub Y N 302 
TYR CE1 HE1  sing N N 303 
TYR CE2 CZ   sing Y N 304 
TYR CE2 HE2  sing N N 305 
TYR CZ  OH   sing N N 306 
TYR OH  HH   sing N N 307 
TYR OXT HXT  sing N N 308 
VAL N   CA   sing N N 309 
VAL N   H    sing N N 310 
VAL N   H2   sing N N 311 
VAL CA  C    sing N N 312 
VAL CA  CB   sing N N 313 
VAL CA  HA   sing N N 314 
VAL C   O    doub N N 315 
VAL C   OXT  sing N N 316 
VAL CB  CG1  sing N N 317 
VAL CB  CG2  sing N N 318 
VAL CB  HB   sing N N 319 
VAL CG1 HG11 sing N N 320 
VAL CG1 HG12 sing N N 321 
VAL CG1 HG13 sing N N 322 
VAL CG2 HG21 sing N N 323 
VAL CG2 HG22 sing N N 324 
VAL CG2 HG23 sing N N 325 
VAL OXT HXT  sing N N 326 
# 
_pdbx_initial_refinement_model.accession_code   ? 
_pdbx_initial_refinement_model.id               1 
_pdbx_initial_refinement_model.entity_id_list   ? 
_pdbx_initial_refinement_model.type             other 
_pdbx_initial_refinement_model.source_name      ? 
_pdbx_initial_refinement_model.details          'IN-HOUSE STRUCTURE' 
# 
_atom_sites.entry_id                    4CGW 
_atom_sites.fract_transf_matrix[1][1]   -0.00569108 
_atom_sites.fract_transf_matrix[1][2]   -0.01410259 
_atom_sites.fract_transf_matrix[1][3]   -0.00402404 
_atom_sites.fract_transf_matrix[2][1]   -0.00054862 
_atom_sites.fract_transf_matrix[2][2]   -0.00263390 
_atom_sites.fract_transf_matrix[2][3]   0.01000663 
_atom_sites.fract_transf_matrix[3][1]   -0.01786875 
_atom_sites.fract_transf_matrix[3][2]   0.00696717 
_atom_sites.fract_transf_matrix[3][3]   0.00085419 
_atom_sites.fract_transf_vector[1]      0.076242 
_atom_sites.fract_transf_vector[2]      0.191439 
_atom_sites.fract_transf_vector[3]      0.587966 
# 
loop_
_atom_type.symbol 
C 
N 
O 
S 
# 
loop_
_atom_site.group_PDB 
_atom_site.id 
_atom_site.type_symbol 
_atom_site.label_atom_id 
_atom_site.label_alt_id 
_atom_site.label_comp_id 
_atom_site.label_asym_id 
_atom_site.label_entity_id 
_atom_site.label_seq_id 
_atom_site.pdbx_PDB_ins_code 
_atom_site.Cartn_x 
_atom_site.Cartn_y 
_atom_site.Cartn_z 
_atom_site.occupancy 
_atom_site.B_iso_or_equiv 
_atom_site.pdbx_formal_charge 
_atom_site.auth_seq_id 
_atom_site.auth_comp_id 
_atom_site.auth_asym_id 
_atom_site.auth_atom_id 
_atom_site.pdbx_PDB_model_num 
ATOM   1    N N   . GLU A 1 3   ? -1.641  32.381  7.425   1.00 77.62  ? 267  GLU A N   1 
ATOM   2    C CA  . GLU A 1 3   ? -2.578  32.754  8.479   1.00 92.33  ? 267  GLU A CA  1 
ATOM   3    C C   . GLU A 1 3   ? -3.494  31.588  8.834   1.00 99.60  ? 267  GLU A C   1 
ATOM   4    O O   . GLU A 1 3   ? -3.196  30.805  9.737   1.00 97.36  ? 267  GLU A O   1 
ATOM   5    C CB  . GLU A 1 3   ? -3.409  33.965  8.052   1.00 87.01  ? 267  GLU A CB  1 
ATOM   6    N N   . GLY A 1 4   ? -4.609  31.477  8.120   1.00 101.07 ? 268  GLY A N   1 
ATOM   7    C CA  . GLY A 1 4   ? -5.546  30.392  8.335   1.00 94.48  ? 268  GLY A CA  1 
ATOM   8    C C   . GLY A 1 4   ? -5.004  29.066  7.837   1.00 100.44 ? 268  GLY A C   1 
ATOM   9    O O   . GLY A 1 4   ? -5.338  28.007  8.369   1.00 102.26 ? 268  GLY A O   1 
ATOM   10   N N   . GLU A 1 5   ? -4.160  29.129  6.810   1.00 98.80  ? 269  GLU A N   1 
ATOM   11   C CA  . GLU A 1 5   ? -3.565  27.932  6.227   1.00 97.24  ? 269  GLU A CA  1 
ATOM   12   C C   . GLU A 1 5   ? -2.572  27.279  7.183   1.00 96.91  ? 269  GLU A C   1 
ATOM   13   O O   . GLU A 1 5   ? -2.529  26.056  7.307   1.00 99.70  ? 269  GLU A O   1 
ATOM   14   C CB  . GLU A 1 5   ? -2.873  28.267  4.905   1.00 89.60  ? 269  GLU A CB  1 
ATOM   15   N N   . ARG A 1 6   ? -1.770  28.100  7.851   1.00 86.85  ? 270  ARG A N   1 
ATOM   16   C CA  . ARG A 1 6   ? -0.811  27.597  8.828   1.00 84.92  ? 270  ARG A CA  1 
ATOM   17   C C   . ARG A 1 6   ? -1.539  27.001  10.027  1.00 90.18  ? 270  ARG A C   1 
ATOM   18   O O   . ARG A 1 6   ? -1.136  25.966  10.565  1.00 86.35  ? 270  ARG A O   1 
ATOM   19   C CB  . ARG A 1 6   ? 0.139   28.713  9.269   1.00 83.81  ? 270  ARG A CB  1 
ATOM   20   C CG  . ARG A 1 6   ? 1.576   28.508  8.816   1.00 83.35  ? 270  ARG A CG  1 
ATOM   21   C CD  . ARG A 1 6   ? 2.333   29.823  8.760   1.00 71.77  ? 270  ARG A CD  1 
ATOM   22   N NE  . ARG A 1 6   ? 1.835   30.690  7.695   1.00 62.20  ? 270  ARG A NE  1 
ATOM   23   N N   . LYS A 1 7   ? -2.623  27.655  10.431  1.00 92.08  ? 271  LYS A N   1 
ATOM   24   C CA  . LYS A 1 7   ? -3.480  27.134  11.487  1.00 84.53  ? 271  LYS A CA  1 
ATOM   25   C C   . LYS A 1 7   ? -4.158  25.849  11.026  1.00 95.12  ? 271  LYS A C   1 
ATOM   26   O O   . LYS A 1 7   ? -4.584  25.035  11.844  1.00 93.47  ? 271  LYS A O   1 
ATOM   27   C CB  . LYS A 1 7   ? -4.533  28.169  11.889  1.00 70.26  ? 271  LYS A CB  1 
ATOM   28   N N   . GLN A 1 8   ? -4.251  25.672  9.709   1.00 97.44  ? 272  GLN A N   1 
ATOM   29   C CA  . GLN A 1 8   ? -4.829  24.460  9.138   1.00 93.15  ? 272  GLN A CA  1 
ATOM   30   C C   . GLN A 1 8   ? -3.826  23.308  9.162   1.00 95.36  ? 272  GLN A C   1 
ATOM   31   O O   . GLN A 1 8   ? -4.194  22.165  9.427   1.00 96.31  ? 272  GLN A O   1 
ATOM   32   C CB  . GLN A 1 8   ? -5.321  24.709  7.711   1.00 81.37  ? 272  GLN A CB  1 
ATOM   33   N N   . ILE A 1 9   ? -2.561  23.608  8.887   1.00 91.35  ? 273  ILE A N   1 
ATOM   34   C CA  . ILE A 1 9   ? -1.516  22.599  9.012   1.00 87.33  ? 273  ILE A CA  1 
ATOM   35   C C   . ILE A 1 9   ? -1.356  22.222  10.483  1.00 84.03  ? 273  ILE A C   1 
ATOM   36   O O   . ILE A 1 9   ? -1.064  21.074  10.813  1.00 80.17  ? 273  ILE A O   1 
ATOM   37   C CB  . ILE A 1 9   ? -0.172  23.080  8.434   1.00 84.30  ? 273  ILE A CB  1 
ATOM   38   C CG1 . ILE A 1 9   ? -0.351  23.536  6.985   1.00 79.92  ? 273  ILE A CG1 1 
ATOM   39   C CG2 . ILE A 1 9   ? 0.872   21.975  8.511   1.00 80.38  ? 273  ILE A CG2 1 
ATOM   40   C CD1 . ILE A 1 9   ? 0.954   23.836  6.283   1.00 60.18  ? 273  ILE A CD1 1 
ATOM   41   N N   . GLU A 1 10  ? -1.559  23.196  11.367  1.00 87.49  ? 274  GLU A N   1 
ATOM   42   C CA  . GLU A 1 10  ? -1.552  22.935  12.805  1.00 84.74  ? 274  GLU A CA  1 
ATOM   43   C C   . GLU A 1 10  ? -2.747  22.079  13.216  1.00 84.54  ? 274  GLU A C   1 
ATOM   44   O O   . GLU A 1 10  ? -2.636  21.223  14.096  1.00 82.89  ? 274  GLU A O   1 
ATOM   45   C CB  . GLU A 1 10  ? -1.541  24.244  13.598  1.00 83.09  ? 274  GLU A CB  1 
ATOM   46   C CG  . GLU A 1 10  ? -0.224  24.995  13.533  1.00 83.83  ? 274  GLU A CG  1 
ATOM   47   C CD  . GLU A 1 10  ? 0.944   24.151  14.004  1.00 88.79  ? 274  GLU A CD  1 
ATOM   48   O OE1 . GLU A 1 10  ? 1.167   24.075  15.231  1.00 83.20  ? 274  GLU A OE1 1 
ATOM   49   O OE2 . GLU A 1 10  ? 1.639   23.559  13.150  1.00 93.00  ? 274  GLU A OE2 1 
ATOM   50   N N   . ALA A 1 11  ? -3.888  22.321  12.578  1.00 88.41  ? 275  ALA A N   1 
ATOM   51   C CA  . ALA A 1 11  ? -5.080  21.513  12.811  1.00 90.59  ? 275  ALA A CA  1 
ATOM   52   C C   . ALA A 1 11  ? -4.826  20.087  12.344  1.00 87.81  ? 275  ALA A C   1 
ATOM   53   O O   . ALA A 1 11  ? -5.352  19.133  12.917  1.00 81.86  ? 275  ALA A O   1 
ATOM   54   C CB  . ALA A 1 11  ? -6.279  22.106  12.088  1.00 93.17  ? 275  ALA A CB  1 
ATOM   55   N N   . GLN A 1 12  ? -4.021  19.955  11.294  1.00 86.04  ? 276  GLN A N   1 
ATOM   56   C CA  . GLN A 1 12  ? -3.567  18.649  10.841  1.00 76.84  ? 276  GLN A CA  1 
ATOM   57   C C   . GLN A 1 12  ? -2.732  18.014  11.943  1.00 75.34  ? 276  GLN A C   1 
ATOM   58   O O   . GLN A 1 12  ? -3.250  17.228  12.728  1.00 74.42  ? 276  GLN A O   1 
ATOM   59   C CB  . GLN A 1 12  ? -2.753  18.770  9.552   1.00 77.85  ? 276  GLN A CB  1 
ATOM   60   N N   . GLN A 1 13  ? -1.458  18.403  12.021  1.00 75.81  ? 277  GLN A N   1 
ATOM   61   C CA  . GLN A 1 13  ? -0.485  17.855  12.979  1.00 74.52  ? 277  GLN A CA  1 
ATOM   62   C C   . GLN A 1 13  ? -1.033  17.515  14.369  1.00 85.61  ? 277  GLN A C   1 
ATOM   63   O O   . GLN A 1 13  ? -0.509  16.633  15.049  1.00 88.15  ? 277  GLN A O   1 
ATOM   64   C CB  . GLN A 1 13  ? 0.713   18.801  13.114  1.00 80.51  ? 277  GLN A CB  1 
ATOM   65   N N   . ASN A 1 14  ? -2.090  18.207  14.784  1.00 85.38  ? 278  ASN A N   1 
ATOM   66   C CA  . ASN A 1 14  ? -2.787  17.869  16.020  1.00 70.30  ? 278  ASN A CA  1 
ATOM   67   C C   . ASN A 1 14  ? -3.601  16.578  15.913  1.00 76.00  ? 278  ASN A C   1 
ATOM   68   O O   . ASN A 1 14  ? -4.242  16.166  16.878  1.00 84.97  ? 278  ASN A O   1 
ATOM   69   C CB  . ASN A 1 14  ? -3.701  19.017  16.457  1.00 79.04  ? 278  ASN A CB  1 
ATOM   70   C CG  . ASN A 1 14  ? -2.929  20.208  16.998  1.00 82.77  ? 278  ASN A CG  1 
ATOM   71   O OD1 . ASN A 1 14  ? -1.697  20.229  16.979  1.00 85.11  ? 278  ASN A OD1 1 
ATOM   72   N ND2 . ASN A 1 14  ? -3.655  21.212  17.480  1.00 68.06  ? 278  ASN A ND2 1 
ATOM   73   N N   . LYS A 1 15  ? -3.574  15.938  14.745  1.00 80.42  ? 279  LYS A N   1 
ATOM   74   C CA  . LYS A 1 15  ? -4.365  14.725  14.528  1.00 70.75  ? 279  LYS A CA  1 
ATOM   75   C C   . LYS A 1 15  ? -3.664  13.458  15.043  1.00 75.98  ? 279  LYS A C   1 
ATOM   76   O O   . LYS A 1 15  ? -4.011  12.338  14.662  1.00 75.79  ? 279  LYS A O   1 
ATOM   77   C CB  . LYS A 1 15  ? -4.811  14.593  13.058  1.00 65.83  ? 279  LYS A CB  1 
ATOM   78   C CG  . LYS A 1 15  ? -3.881  13.813  12.114  1.00 70.42  ? 279  LYS A CG  1 
ATOM   79   C CD  . LYS A 1 15  ? -2.480  14.382  12.075  1.00 73.04  ? 279  LYS A CD  1 
ATOM   80   N N   . GLN A 1 16  ? -2.695  13.646  15.934  1.00 80.41  ? 280  GLN A N   1 
ATOM   81   C CA  . GLN A 1 16  ? -2.068  12.528  16.640  1.00 67.65  ? 280  GLN A CA  1 
ATOM   82   C C   . GLN A 1 16  ? -3.038  11.909  17.644  1.00 64.69  ? 280  GLN A C   1 
ATOM   83   O O   . GLN A 1 16  ? -2.760  10.859  18.225  1.00 66.12  ? 280  GLN A O   1 
ATOM   84   C CB  . GLN A 1 16  ? -0.784  12.968  17.352  1.00 70.41  ? 280  GLN A CB  1 
ATOM   85   C CG  . GLN A 1 16  ? 0.362   13.321  16.414  1.00 78.71  ? 280  GLN A CG  1 
ATOM   86   C CD  . GLN A 1 16  ? 1.723   13.273  17.092  1.00 86.33  ? 280  GLN A CD  1 
ATOM   87   O OE1 . GLN A 1 16  ? 1.823   13.100  18.306  1.00 82.75  ? 280  GLN A OE1 1 
ATOM   88   N NE2 . GLN A 1 16  ? 2.781   13.421  16.302  1.00 81.37  ? 280  GLN A NE2 1 
ATOM   89   N N   . GLN A 1 17  ? -4.173  12.578  17.846  1.00 62.70  ? 281  GLN A N   1 
ATOM   90   C CA  . GLN A 1 17  ? -5.274  12.043  18.635  1.00 69.73  ? 281  GLN A CA  1 
ATOM   91   C C   . GLN A 1 17  ? -5.662  10.691  18.058  1.00 67.99  ? 281  GLN A C   1 
ATOM   92   O O   . GLN A 1 17  ? -5.943  9.754   18.795  1.00 74.13  ? 281  GLN A O   1 
ATOM   93   C CB  . GLN A 1 17  ? -6.473  12.999  18.590  1.00 69.60  ? 281  GLN A CB  1 
ATOM   94   C CG  . GLN A 1 17  ? -7.446  12.851  19.755  1.00 74.99  ? 281  GLN A CG  1 
ATOM   95   C CD  . GLN A 1 17  ? -6.839  13.291  21.074  1.00 87.71  ? 281  GLN A CD  1 
ATOM   96   O OE1 . GLN A 1 17  ? -6.507  12.464  21.923  1.00 89.28  ? 281  GLN A OE1 1 
ATOM   97   N NE2 . GLN A 1 17  ? -6.691  14.600  21.252  1.00 89.05  ? 281  GLN A NE2 1 
ATOM   98   N N   . ALA A 1 18  ? -5.655  10.597  16.732  1.00 61.72  ? 282  ALA A N   1 
ATOM   99   C CA  . ALA A 1 18  ? -5.948  9.348   16.038  1.00 61.47  ? 282  ALA A CA  1 
ATOM   100  C C   . ALA A 1 18  ? -4.997  8.227   16.448  1.00 59.85  ? 282  ALA A C   1 
ATOM   101  O O   . ALA A 1 18  ? -5.417  7.086   16.638  1.00 64.17  ? 282  ALA A O   1 
ATOM   102  C CB  . ALA A 1 18  ? -5.897  9.556   14.535  1.00 57.15  ? 282  ALA A CB  1 
ATOM   103  N N   . ILE A 1 19  ? -3.717  8.559   16.582  1.00 59.01  ? 283  ILE A N   1 
ATOM   104  C CA  . ILE A 1 19  ? -2.700  7.566   16.919  1.00 62.49  ? 283  ILE A CA  1 
ATOM   105  C C   . ILE A 1 19  ? -2.818  7.092   18.370  1.00 67.93  ? 283  ILE A C   1 
ATOM   106  O O   . ILE A 1 19  ? -2.615  5.912   18.669  1.00 66.09  ? 283  ILE A O   1 
ATOM   107  C CB  . ILE A 1 19  ? -1.271  8.091   16.638  1.00 63.38  ? 283  ILE A CB  1 
ATOM   108  C CG1 . ILE A 1 19  ? -1.157  8.600   15.198  1.00 54.57  ? 283  ILE A CG1 1 
ATOM   109  C CG2 . ILE A 1 19  ? -0.235  7.004   16.902  1.00 58.88  ? 283  ILE A CG2 1 
ATOM   110  C CD1 . ILE A 1 19  ? 0.230   9.078   14.830  1.00 55.57  ? 283  ILE A CD1 1 
ATOM   111  N N   . SER A 1 20  ? -3.164  8.009   19.271  1.00 66.33  ? 284  SER A N   1 
ATOM   112  C CA  . SER A 1 20  ? -3.341  7.655   20.676  1.00 64.21  ? 284  SER A CA  1 
ATOM   113  C C   . SER A 1 20  ? -4.625  6.868   20.898  1.00 61.76  ? 284  SER A C   1 
ATOM   114  O O   . SER A 1 20  ? -4.660  5.950   21.718  1.00 70.50  ? 284  SER A O   1 
ATOM   115  C CB  . SER A 1 20  ? -3.327  8.898   21.566  1.00 68.05  ? 284  SER A CB  1 
ATOM   116  O OG  . SER A 1 20  ? -2.045  9.103   22.135  1.00 74.34  ? 284  SER A OG  1 
ATOM   117  N N   . GLU A 1 21  ? -5.677  7.238   20.173  1.00 61.81  ? 285  GLU A N   1 
ATOM   118  C CA  . GLU A 1 21  ? -6.932  6.497   20.202  1.00 62.17  ? 285  GLU A CA  1 
ATOM   119  C C   . GLU A 1 21  ? -6.672  5.109   19.638  1.00 59.50  ? 285  GLU A C   1 
ATOM   120  O O   . GLU A 1 21  ? -7.278  4.121   20.059  1.00 60.18  ? 285  GLU A O   1 
ATOM   121  C CB  . GLU A 1 21  ? -8.008  7.203   19.368  1.00 57.55  ? 285  GLU A CB  1 
ATOM   122  C CG  . GLU A 1 21  ? -8.464  8.570   19.882  1.00 67.41  ? 285  GLU A CG  1 
ATOM   123  C CD  . GLU A 1 21  ? -9.473  8.492   21.012  1.00 67.63  ? 285  GLU A CD  1 
ATOM   124  O OE1 . GLU A 1 21  ? -9.490  7.475   21.736  1.00 66.85  ? 285  GLU A OE1 1 
ATOM   125  O OE2 . GLU A 1 21  ? -10.251 9.455   21.181  1.00 68.38  ? 285  GLU A OE2 1 
ATOM   126  N N   . LYS A 1 22  ? -5.755  5.048   18.676  1.00 59.98  ? 286  LYS A N   1 
ATOM   127  C CA  . LYS A 1 22  ? -5.361  3.784   18.073  1.00 64.47  ? 286  LYS A CA  1 
ATOM   128  C C   . LYS A 1 22  ? -4.686  2.903   19.110  1.00 60.12  ? 286  LYS A C   1 
ATOM   129  O O   . LYS A 1 22  ? -5.084  1.762   19.310  1.00 58.09  ? 286  LYS A O   1 
ATOM   130  C CB  . LYS A 1 22  ? -4.416  4.011   16.891  1.00 64.16  ? 286  LYS A CB  1 
ATOM   131  C CG  . LYS A 1 22  ? -4.041  2.741   16.135  1.00 59.01  ? 286  LYS A CG  1 
ATOM   132  C CD  . LYS A 1 22  ? -2.886  2.990   15.177  1.00 63.62  ? 286  LYS A CD  1 
ATOM   133  C CE  . LYS A 1 22  ? -1.557  3.053   15.913  1.00 61.82  ? 286  LYS A CE  1 
ATOM   134  N NZ  . LYS A 1 22  ? -1.218  1.747   16.544  1.00 59.56  ? 286  LYS A NZ  1 
ATOM   135  N N   . ASP A 1 23  ? -3.667  3.443   19.770  1.00 61.46  ? 287  ASP A N   1 
ATOM   136  C CA  . ASP A 1 23  ? -2.924  2.702   20.783  1.00 60.99  ? 287  ASP A CA  1 
ATOM   137  C C   . ASP A 1 23  ? -3.826  2.240   21.924  1.00 61.00  ? 287  ASP A C   1 
ATOM   138  O O   . ASP A 1 23  ? -3.690  1.119   22.420  1.00 61.41  ? 287  ASP A O   1 
ATOM   139  C CB  . ASP A 1 23  ? -1.779  3.552   21.341  1.00 60.26  ? 287  ASP A CB  1 
ATOM   140  C CG  . ASP A 1 23  ? -0.775  3.952   20.278  1.00 65.89  ? 287  ASP A CG  1 
ATOM   141  O OD1 . ASP A 1 23  ? -0.656  3.232   19.264  1.00 70.85  ? 287  ASP A OD1 1 
ATOM   142  O OD2 . ASP A 1 23  ? -0.101  4.988   20.458  1.00 69.19  ? 287  ASP A OD2 1 
ATOM   143  N N   . ARG A 1 24  ? -4.747  3.108   22.331  1.00 61.14  ? 288  ARG A N   1 
ATOM   144  C CA  . ARG A 1 24  ? -5.665  2.794   23.420  1.00 65.12  ? 288  ARG A CA  1 
ATOM   145  C C   . ARG A 1 24  ? -6.645  1.696   23.020  1.00 66.39  ? 288  ARG A C   1 
ATOM   146  O O   . ARG A 1 24  ? -6.868  0.743   23.772  1.00 69.88  ? 288  ARG A O   1 
ATOM   147  C CB  . ARG A 1 24  ? -6.418  4.050   23.867  1.00 55.27  ? 288  ARG A CB  1 
ATOM   148  C CG  . ARG A 1 24  ? -7.327  3.824   25.060  1.00 61.41  ? 288  ARG A CG  1 
ATOM   149  C CD  . ARG A 1 24  ? -7.565  5.113   25.825  1.00 60.37  ? 288  ARG A CD  1 
ATOM   150  N NE  . ARG A 1 24  ? -8.196  4.869   27.118  1.00 58.37  ? 288  ARG A NE  1 
ATOM   151  C CZ  . ARG A 1 24  ? -9.410  5.294   27.450  1.00 60.27  ? 288  ARG A CZ  1 
ATOM   152  N NH1 . ARG A 1 24  ? -10.126 5.999   26.585  1.00 64.85  ? 288  ARG A NH1 1 
ATOM   153  N NH2 . ARG A 1 24  ? -9.906  5.024   28.649  1.00 64.00  ? 288  ARG A NH2 1 
ATOM   154  N N   . GLY A 1 25  ? -7.225  1.829   21.830  1.00 58.84  ? 289  GLY A N   1 
ATOM   155  C CA  . GLY A 1 25  ? -8.119  0.818   21.301  1.00 54.55  ? 289  GLY A CA  1 
ATOM   156  C C   . GLY A 1 25  ? -7.414  -0.518  21.172  1.00 56.61  ? 289  GLY A C   1 
ATOM   157  O O   . GLY A 1 25  ? -8.002  -1.570  21.411  1.00 53.83  ? 289  GLY A O   1 
ATOM   158  N N   . ASN A 1 26  ? -6.141  -0.467  20.791  1.00 59.15  ? 290  ASN A N   1 
ATOM   159  C CA  . ASN A 1 26  ? -5.306  -1.656  20.720  1.00 58.52  ? 290  ASN A CA  1 
ATOM   160  C C   . ASN A 1 26  ? -5.124  -2.261  22.103  1.00 59.65  ? 290  ASN A C   1 
ATOM   161  O O   . ASN A 1 26  ? -5.122  -3.480  22.261  1.00 59.97  ? 290  ASN A O   1 
ATOM   162  C CB  . ASN A 1 26  ? -3.945  -1.319  20.111  1.00 59.32  ? 290  ASN A CB  1 
ATOM   163  C CG  . ASN A 1 26  ? -4.042  -0.912  18.656  1.00 58.65  ? 290  ASN A CG  1 
ATOM   164  O OD1 . ASN A 1 26  ? -5.138  -0.783  18.108  1.00 55.81  ? 290  ASN A OD1 1 
ATOM   165  N ND2 . ASN A 1 26  ? -2.895  -0.703  18.021  1.00 65.07  ? 290  ASN A ND2 1 
ATOM   166  N N   . GLY A 1 27  ? -4.976  -1.396  23.102  1.00 57.49  ? 291  GLY A N   1 
ATOM   167  C CA  . GLY A 1 27  ? -4.869  -1.833  24.481  1.00 58.13  ? 291  GLY A CA  1 
ATOM   168  C C   . GLY A 1 27  ? -6.122  -2.557  24.929  1.00 61.16  ? 291  GLY A C   1 
ATOM   169  O O   . GLY A 1 27  ? -6.053  -3.545  25.659  1.00 64.04  ? 291  GLY A O   1 
ATOM   170  N N   . PHE A 1 28  ? -7.275  -2.063  24.484  1.00 58.55  ? 292  PHE A N   1 
ATOM   171  C CA  . PHE A 1 28  ? -8.546  -2.715  24.780  1.00 55.12  ? 292  PHE A CA  1 
ATOM   172  C C   . PHE A 1 28  ? -8.676  -4.044  24.042  1.00 61.74  ? 292  PHE A C   1 
ATOM   173  O O   . PHE A 1 28  ? -9.237  -5.006  24.569  1.00 60.06  ? 292  PHE A O   1 
ATOM   174  C CB  . PHE A 1 28  ? -9.717  -1.800  24.416  1.00 57.78  ? 292  PHE A CB  1 
ATOM   175  C CG  . PHE A 1 28  ? -9.988  -0.728  25.430  1.00 58.28  ? 292  PHE A CG  1 
ATOM   176  C CD1 . PHE A 1 28  ? -10.537 -1.047  26.659  1.00 56.39  ? 292  PHE A CD1 1 
ATOM   177  C CD2 . PHE A 1 28  ? -9.707  0.598   25.149  1.00 59.30  ? 292  PHE A CD2 1 
ATOM   178  C CE1 . PHE A 1 28  ? -10.792 -0.065  27.595  1.00 58.14  ? 292  PHE A CE1 1 
ATOM   179  C CE2 . PHE A 1 28  ? -9.960  1.586   26.082  1.00 63.57  ? 292  PHE A CE2 1 
ATOM   180  C CZ  . PHE A 1 28  ? -10.504 1.253   27.307  1.00 64.66  ? 292  PHE A CZ  1 
ATOM   181  N N   . PHE A 1 29  ? -8.157  -4.088  22.820  1.00 60.71  ? 293  PHE A N   1 
ATOM   182  C CA  . PHE A 1 29  ? -8.224  -5.288  21.995  1.00 56.74  ? 293  PHE A CA  1 
ATOM   183  C C   . PHE A 1 29  ? -7.386  -6.411  22.593  1.00 55.58  ? 293  PHE A C   1 
ATOM   184  O O   . PHE A 1 29  ? -7.822  -7.561  22.653  1.00 59.22  ? 293  PHE A O   1 
ATOM   185  C CB  . PHE A 1 29  ? -7.748  -4.985  20.571  1.00 54.15  ? 293  PHE A CB  1 
ATOM   186  C CG  . PHE A 1 29  ? -7.852  -6.154  19.633  1.00 54.29  ? 293  PHE A CG  1 
ATOM   187  C CD1 . PHE A 1 29  ? -9.012  -6.376  18.911  1.00 55.42  ? 293  PHE A CD1 1 
ATOM   188  C CD2 . PHE A 1 29  ? -6.791  -7.031  19.473  1.00 54.67  ? 293  PHE A CD2 1 
ATOM   189  C CE1 . PHE A 1 29  ? -9.113  -7.452  18.049  1.00 52.91  ? 293  PHE A CE1 1 
ATOM   190  C CE2 . PHE A 1 29  ? -6.887  -8.108  18.614  1.00 52.97  ? 293  PHE A CE2 1 
ATOM   191  C CZ  . PHE A 1 29  ? -8.048  -8.318  17.902  1.00 49.22  ? 293  PHE A CZ  1 
ATOM   192  N N   . LYS A 1 30  ? -6.181  -6.066  23.033  1.00 58.31  ? 294  LYS A N   1 
ATOM   193  C CA  . LYS A 1 30  ? -5.244  -7.044  23.574  1.00 56.40  ? 294  LYS A CA  1 
ATOM   194  C C   . LYS A 1 30  ? -5.764  -7.707  24.849  1.00 58.09  ? 294  LYS A C   1 
ATOM   195  O O   . LYS A 1 30  ? -5.358  -8.819  25.184  1.00 61.60  ? 294  LYS A O   1 
ATOM   196  C CB  . LYS A 1 30  ? -3.882  -6.391  23.828  1.00 51.05  ? 294  LYS A CB  1 
ATOM   197  C CG  . LYS A 1 30  ? -3.165  -5.942  22.563  1.00 44.51  ? 294  LYS A CG  1 
ATOM   198  C CD  . LYS A 1 30  ? -2.006  -5.011  22.879  1.00 43.34  ? 294  LYS A CD  1 
ATOM   199  N N   . GLU A 1 31  ? -6.664  -7.026  25.552  1.00 58.20  ? 295  GLU A N   1 
ATOM   200  C CA  . GLU A 1 31  ? -7.235  -7.577  26.778  1.00 66.94  ? 295  GLU A CA  1 
ATOM   201  C C   . GLU A 1 31  ? -8.685  -8.032  26.600  1.00 59.20  ? 295  GLU A C   1 
ATOM   202  O O   . GLU A 1 31  ? -9.424  -8.179  27.573  1.00 58.65  ? 295  GLU A O   1 
ATOM   203  C CB  . GLU A 1 31  ? -7.112  -6.584  27.940  1.00 62.74  ? 295  GLU A CB  1 
ATOM   204  C CG  . GLU A 1 31  ? -7.870  -5.281  27.753  1.00 59.22  ? 295  GLU A CG  1 
ATOM   205  C CD  . GLU A 1 31  ? -7.685  -4.333  28.924  1.00 74.65  ? 295  GLU A CD  1 
ATOM   206  O OE1 . GLU A 1 31  ? -6.756  -4.554  29.729  1.00 74.84  ? 295  GLU A OE1 1 
ATOM   207  O OE2 . GLU A 1 31  ? -8.470  -3.369  29.042  1.00 79.99  ? 295  GLU A OE2 1 
ATOM   208  N N   . GLY A 1 32  ? -9.086  -8.247  25.350  1.00 57.67  ? 296  GLY A N   1 
ATOM   209  C CA  . GLY A 1 32  ? -10.378 -8.838  25.051  1.00 55.46  ? 296  GLY A CA  1 
ATOM   210  C C   . GLY A 1 32  ? -11.572 -7.901  25.090  1.00 58.06  ? 296  GLY A C   1 
ATOM   211  O O   . GLY A 1 32  ? -12.699 -8.320  24.825  1.00 55.87  ? 296  GLY A O   1 
ATOM   212  N N   . LYS A 1 33  ? -11.336 -6.636  25.421  1.00 58.67  ? 297  LYS A N   1 
ATOM   213  C CA  . LYS A 1 33  ? -12.415 -5.655  25.477  1.00 51.17  ? 297  LYS A CA  1 
ATOM   214  C C   . LYS A 1 33  ? -12.579 -4.949  24.136  1.00 54.32  ? 297  LYS A C   1 
ATOM   215  O O   . LYS A 1 33  ? -12.074 -3.846  23.937  1.00 59.21  ? 297  LYS A O   1 
ATOM   216  C CB  . LYS A 1 33  ? -12.161 -4.637  26.590  1.00 55.86  ? 297  LYS A CB  1 
ATOM   217  C CG  . LYS A 1 33  ? -12.126 -5.246  27.983  1.00 58.42  ? 297  LYS A CG  1 
ATOM   218  C CD  . LYS A 1 33  ? -11.854 -4.194  29.046  1.00 57.60  ? 297  LYS A CD  1 
ATOM   219  C CE  . LYS A 1 33  ? -11.838 -4.808  30.438  1.00 61.33  ? 297  LYS A CE  1 
ATOM   220  N NZ  . LYS A 1 33  ? -11.524 -3.799  31.489  1.00 70.97  ? 297  LYS A NZ  1 
ATOM   221  N N   . TYR A 1 34  ? -13.297 -5.592  23.222  1.00 60.91  ? 298  TYR A N   1 
ATOM   222  C CA  . TYR A 1 34  ? -13.423 -5.093  21.855  1.00 56.06  ? 298  TYR A CA  1 
ATOM   223  C C   . TYR A 1 34  ? -14.396 -3.923  21.736  1.00 53.62  ? 298  TYR A C   1 
ATOM   224  O O   . TYR A 1 34  ? -14.184 -3.013  20.933  1.00 62.04  ? 298  TYR A O   1 
ATOM   225  C CB  . TYR A 1 34  ? -13.840 -6.227  20.914  1.00 51.30  ? 298  TYR A CB  1 
ATOM   226  C CG  . TYR A 1 34  ? -13.039 -7.495  21.107  1.00 56.34  ? 298  TYR A CG  1 
ATOM   227  C CD1 . TYR A 1 34  ? -11.733 -7.593  20.649  1.00 55.22  ? 298  TYR A CD1 1 
ATOM   228  C CD2 . TYR A 1 34  ? -13.590 -8.596  21.751  1.00 54.02  ? 298  TYR A CD2 1 
ATOM   229  C CE1 . TYR A 1 34  ? -10.996 -8.750  20.827  1.00 56.74  ? 298  TYR A CE1 1 
ATOM   230  C CE2 . TYR A 1 34  ? -12.861 -9.757  21.934  1.00 59.98  ? 298  TYR A CE2 1 
ATOM   231  C CZ  . TYR A 1 34  ? -11.564 -9.827  21.471  1.00 60.44  ? 298  TYR A CZ  1 
ATOM   232  O OH  . TYR A 1 34  ? -10.835 -10.982 21.647  1.00 69.83  ? 298  TYR A OH  1 
ATOM   233  N N   . GLU A 1 35  ? -15.452 -3.944  22.542  1.00 51.85  ? 299  GLU A N   1 
ATOM   234  C CA  . GLU A 1 35  ? -16.524 -2.958  22.428  1.00 49.27  ? 299  GLU A CA  1 
ATOM   235  C C   . GLU A 1 35  ? -16.048 -1.530  22.701  1.00 55.57  ? 299  GLU A C   1 
ATOM   236  O O   . GLU A 1 35  ? -16.660 -0.566  22.244  1.00 58.02  ? 299  GLU A O   1 
ATOM   237  C CB  . GLU A 1 35  ? -17.686 -3.313  23.359  1.00 53.28  ? 299  GLU A CB  1 
ATOM   238  C CG  . GLU A 1 35  ? -19.048 -2.815  22.884  1.00 54.25  ? 299  GLU A CG  1 
ATOM   239  C CD  . GLU A 1 35  ? -19.540 -3.543  21.645  1.00 62.87  ? 299  GLU A CD  1 
ATOM   240  O OE1 . GLU A 1 35  ? -19.252 -4.753  21.509  1.00 58.09  ? 299  GLU A OE1 1 
ATOM   241  O OE2 . GLU A 1 35  ? -20.214 -2.904  20.809  1.00 66.39  ? 299  GLU A OE2 1 
ATOM   242  N N   . ARG A 1 36  ? -14.954 -1.394  23.448  1.00 56.19  ? 300  ARG A N   1 
ATOM   243  C CA  . ARG A 1 36  ? -14.376 -0.078  23.703  1.00 50.12  ? 300  ARG A CA  1 
ATOM   244  C C   . ARG A 1 36  ? -13.259 0.208   22.707  1.00 55.11  ? 300  ARG A C   1 
ATOM   245  O O   . ARG A 1 36  ? -13.000 1.361   22.358  1.00 66.79  ? 300  ARG A O   1 
ATOM   246  C CB  . ARG A 1 36  ? -13.857 0.023   25.138  1.00 57.36  ? 300  ARG A CB  1 
ATOM   247  C CG  . ARG A 1 36  ? -14.961 0.017   26.180  1.00 56.00  ? 300  ARG A CG  1 
ATOM   248  C CD  . ARG A 1 36  ? -14.461 -0.410  27.552  1.00 58.61  ? 300  ARG A CD  1 
ATOM   249  N NE  . ARG A 1 36  ? -13.911 0.696   28.332  1.00 56.45  ? 300  ARG A NE  1 
ATOM   250  C CZ  . ARG A 1 36  ? -13.405 0.553   29.551  1.00 63.32  ? 300  ARG A CZ  1 
ATOM   251  N NH1 . ARG A 1 36  ? -13.375 -0.644  30.118  1.00 67.76  ? 300  ARG A NH1 1 
ATOM   252  N NH2 . ARG A 1 36  ? -12.924 1.606   30.203  1.00 58.73  ? 300  ARG A NH2 1 
ATOM   253  N N   . ALA A 1 37  ? -12.605 -0.855  22.248  1.00 51.98  ? 301  ALA A N   1 
ATOM   254  C CA  . ALA A 1 37  ? -11.610 -0.750  21.189  1.00 54.94  ? 301  ALA A CA  1 
ATOM   255  C C   . ALA A 1 37  ? -12.235 -0.081  19.976  1.00 55.91  ? 301  ALA A C   1 
ATOM   256  O O   . ALA A 1 37  ? -11.657 0.833   19.394  1.00 57.20  ? 301  ALA A O   1 
ATOM   257  C CB  . ALA A 1 37  ? -11.076 -2.133  20.825  1.00 52.04  ? 301  ALA A CB  1 
ATOM   258  N N   . ILE A 1 38  ? -13.436 -0.525  19.621  1.00 58.05  ? 302  ILE A N   1 
ATOM   259  C CA  . ILE A 1 38  ? -14.171 0.049   18.497  1.00 54.48  ? 302  ILE A CA  1 
ATOM   260  C C   . ILE A 1 38  ? -14.491 1.526   18.728  1.00 58.83  ? 302  ILE A C   1 
ATOM   261  O O   . ILE A 1 38  ? -14.496 2.319   17.787  1.00 62.61  ? 302  ILE A O   1 
ATOM   262  C CB  . ILE A 1 38  ? -15.476 -0.728  18.217  1.00 44.51  ? 302  ILE A CB  1 
ATOM   263  C CG1 . ILE A 1 38  ? -15.186 -2.223  18.085  1.00 47.48  ? 302  ILE A CG1 1 
ATOM   264  C CG2 . ILE A 1 38  ? -16.152 -0.220  16.950  1.00 46.54  ? 302  ILE A CG2 1 
ATOM   265  C CD1 . ILE A 1 38  ? -16.422 -3.068  17.904  1.00 45.16  ? 302  ILE A CD1 1 
ATOM   266  N N   . GLU A 1 39  ? -14.756 1.892   19.979  1.00 57.26  ? 303  GLU A N   1 
ATOM   267  C CA  . GLU A 1 39  ? -15.030 3.285   20.325  1.00 55.13  ? 303  GLU A CA  1 
ATOM   268  C C   . GLU A 1 39  ? -13.801 4.149   20.077  1.00 59.48  ? 303  GLU A C   1 
ATOM   269  O O   . GLU A 1 39  ? -13.880 5.188   19.416  1.00 61.97  ? 303  GLU A O   1 
ATOM   270  C CB  . GLU A 1 39  ? -15.463 3.406   21.787  1.00 56.39  ? 303  GLU A CB  1 
ATOM   271  C CG  . GLU A 1 39  ? -16.888 3.894   21.977  1.00 61.21  ? 303  GLU A CG  1 
ATOM   272  C CD  . GLU A 1 39  ? -17.105 5.302   21.459  1.00 62.58  ? 303  GLU A CD  1 
ATOM   273  O OE1 . GLU A 1 39  ? -16.238 6.168   21.700  1.00 65.19  ? 303  GLU A OE1 1 
ATOM   274  O OE2 . GLU A 1 39  ? -18.150 5.545   20.819  1.00 66.29  ? 303  GLU A OE2 1 
ATOM   275  N N   . CYS A 1 40  ? -12.668 3.708   20.615  1.00 57.51  ? 304  CYS A N   1 
ATOM   276  C CA  . CYS A 1 40  ? -11.410 4.422   20.431  1.00 57.76  ? 304  CYS A CA  1 
ATOM   277  C C   . CYS A 1 40  ? -11.045 4.512   18.953  1.00 57.85  ? 304  CYS A C   1 
ATOM   278  O O   . CYS A 1 40  ? -10.530 5.529   18.492  1.00 57.78  ? 304  CYS A O   1 
ATOM   279  C CB  . CYS A 1 40  ? -10.291 3.732   21.210  1.00 55.21  ? 304  CYS A CB  1 
ATOM   280  S SG  . CYS A 1 40  ? -10.615 3.564   22.978  1.00 67.60  ? 304  CYS A SG  1 
ATOM   281  N N   . TYR A 1 41  ? -11.326 3.445   18.213  1.00 57.83  ? 305  TYR A N   1 
ATOM   282  C CA  . TYR A 1 41  ? -11.050 3.405   16.782  1.00 54.33  ? 305  TYR A CA  1 
ATOM   283  C C   . TYR A 1 41  ? -11.923 4.393   16.015  1.00 57.70  ? 305  TYR A C   1 
ATOM   284  O O   . TYR A 1 41  ? -11.454 5.059   15.096  1.00 59.45  ? 305  TYR A O   1 
ATOM   285  C CB  . TYR A 1 41  ? -11.251 1.990   16.236  1.00 50.31  ? 305  TYR A CB  1 
ATOM   286  C CG  . TYR A 1 41  ? -10.241 0.986   16.747  1.00 49.77  ? 305  TYR A CG  1 
ATOM   287  C CD1 . TYR A 1 41  ? -8.967  1.386   17.128  1.00 49.02  ? 305  TYR A CD1 1 
ATOM   288  C CD2 . TYR A 1 41  ? -10.562 -0.361  16.851  1.00 53.32  ? 305  TYR A CD2 1 
ATOM   289  C CE1 . TYR A 1 41  ? -8.041  0.472   17.596  1.00 49.16  ? 305  TYR A CE1 1 
ATOM   290  C CE2 . TYR A 1 41  ? -9.644  -1.282  17.318  1.00 48.86  ? 305  TYR A CE2 1 
ATOM   291  C CZ  . TYR A 1 41  ? -8.385  -0.861  17.689  1.00 46.22  ? 305  TYR A CZ  1 
ATOM   292  O OH  . TYR A 1 41  ? -7.468  -1.775  18.153  1.00 47.41  ? 305  TYR A OH  1 
ATOM   293  N N   . THR A 1 42  ? -13.194 4.483   16.399  1.00 58.48  ? 306  THR A N   1 
ATOM   294  C CA  . THR A 1 42  ? -14.134 5.395   15.758  1.00 58.93  ? 306  THR A CA  1 
ATOM   295  C C   . THR A 1 42  ? -13.745 6.847   16.021  1.00 63.26  ? 306  THR A C   1 
ATOM   296  O O   . THR A 1 42  ? -13.667 7.658   15.093  1.00 60.66  ? 306  THR A O   1 
ATOM   297  C CB  . THR A 1 42  ? -15.574 5.163   16.256  1.00 53.17  ? 306  THR A CB  1 
ATOM   298  O OG1 . THR A 1 42  ? -15.961 3.808   15.992  1.00 47.59  ? 306  THR A OG1 1 
ATOM   299  C CG2 . THR A 1 42  ? -16.539 6.107   15.556  1.00 61.92  ? 306  THR A CG2 1 
ATOM   300  N N   . ARG A 1 43  ? -13.499 7.164   17.290  1.00 60.80  ? 307  ARG A N   1 
ATOM   301  C CA  . ARG A 1 43  ? -13.053 8.498   17.675  1.00 56.82  ? 307  ARG A CA  1 
ATOM   302  C C   . ARG A 1 43  ? -11.743 8.842   16.978  1.00 58.98  ? 307  ARG A C   1 
ATOM   303  O O   . ARG A 1 43  ? -11.492 9.999   16.638  1.00 67.67  ? 307  ARG A O   1 
ATOM   304  C CB  . ARG A 1 43  ? -12.873 8.585   19.191  1.00 64.02  ? 307  ARG A CB  1 
ATOM   305  C CG  . ARG A 1 43  ? -14.164 8.464   19.981  1.00 55.91  ? 307  ARG A CG  1 
ATOM   306  C CD  . ARG A 1 43  ? -13.882 8.345   21.467  1.00 58.98  ? 307  ARG A CD  1 
ATOM   307  N NE  . ARG A 1 43  ? -15.108 8.333   22.260  1.00 62.90  ? 307  ARG A NE  1 
ATOM   308  C CZ  . ARG A 1 43  ? -15.584 9.387   22.914  1.00 62.77  ? 307  ARG A CZ  1 
ATOM   309  N NH1 . ARG A 1 43  ? -14.934 10.541  22.878  1.00 67.16  ? 307  ARG A NH1 1 
ATOM   310  N NH2 . ARG A 1 43  ? -16.708 9.285   23.611  1.00 60.00  ? 307  ARG A NH2 1 
ATOM   311  N N   . GLY A 1 44  ? -10.913 7.827   16.768  1.00 56.52  ? 308  GLY A N   1 
ATOM   312  C CA  . GLY A 1 44  ? -9.661  7.995   16.057  1.00 58.54  ? 308  GLY A CA  1 
ATOM   313  C C   . GLY A 1 44  ? -9.884  8.318   14.594  1.00 62.38  ? 308  GLY A C   1 
ATOM   314  O O   . GLY A 1 44  ? -9.180  9.146   14.023  1.00 70.33  ? 308  GLY A O   1 
ATOM   315  N N   . ILE A 1 45  ? -10.870 7.663   13.987  1.00 65.01  ? 309  ILE A N   1 
ATOM   316  C CA  . ILE A 1 45  ? -11.201 7.889   12.584  1.00 59.11  ? 309  ILE A CA  1 
ATOM   317  C C   . ILE A 1 45  ? -11.774 9.285   12.368  1.00 65.55  ? 309  ILE A C   1 
ATOM   318  O O   . ILE A 1 45  ? -11.421 9.965   11.401  1.00 65.69  ? 309  ILE A O   1 
ATOM   319  C CB  . ILE A 1 45  ? -12.203 6.835   12.059  1.00 55.91  ? 309  ILE A CB  1 
ATOM   320  C CG1 . ILE A 1 45  ? -11.541 5.461   11.977  1.00 54.72  ? 309  ILE A CG1 1 
ATOM   321  C CG2 . ILE A 1 45  ? -12.734 7.228   10.691  1.00 53.00  ? 309  ILE A CG2 1 
ATOM   322  C CD1 . ILE A 1 45  ? -12.464 4.363   11.495  1.00 45.57  ? 309  ILE A CD1 1 
ATOM   323  N N   . ALA A 1 46  ? -12.648 9.710   13.279  1.00 66.14  ? 310  ALA A N   1 
ATOM   324  C CA  . ALA A 1 46  ? -13.284 11.025  13.199  1.00 61.12  ? 310  ALA A CA  1 
ATOM   325  C C   . ALA A 1 46  ? -12.263 12.154  13.059  1.00 63.72  ? 310  ALA A C   1 
ATOM   326  O O   . ALA A 1 46  ? -12.514 13.150  12.381  1.00 73.85  ? 310  ALA A O   1 
ATOM   327  C CB  . ALA A 1 46  ? -14.174 11.259  14.411  1.00 62.26  ? 310  ALA A CB  1 
ATOM   328  N N   . ALA A 1 47  ? -11.114 11.989  13.706  1.00 62.63  ? 311  ALA A N   1 
ATOM   329  C CA  . ALA A 1 47  ? -9.996  12.908  13.536  1.00 62.26  ? 311  ALA A CA  1 
ATOM   330  C C   . ALA A 1 47  ? -8.903  12.209  12.738  1.00 69.57  ? 311  ALA A C   1 
ATOM   331  O O   . ALA A 1 47  ? -7.999  11.609  13.318  1.00 73.44  ? 311  ALA A O   1 
ATOM   332  C CB  . ALA A 1 47  ? -9.467  13.355  14.886  1.00 61.03  ? 311  ALA A CB  1 
ATOM   333  N N   . ASP A 1 48  ? -9.001  12.297  11.411  1.00 73.50  ? 312  ASP A N   1 
ATOM   334  C CA  . ASP A 1 48  ? -8.141  11.557  10.482  1.00 69.73  ? 312  ASP A CA  1 
ATOM   335  C C   . ASP A 1 48  ? -8.350  10.047  10.594  1.00 67.91  ? 312  ASP A C   1 
ATOM   336  O O   . ASP A 1 48  ? -7.990  9.437   11.598  1.00 76.45  ? 312  ASP A O   1 
ATOM   337  C CB  . ASP A 1 48  ? -6.661  11.908  10.671  1.00 67.06  ? 312  ASP A CB  1 
ATOM   338  C CG  . ASP A 1 48  ? -5.745  11.048  9.822   1.00 63.92  ? 312  ASP A CG  1 
ATOM   339  O OD1 . ASP A 1 48  ? -6.052  10.849  8.628   1.00 63.65  ? 312  ASP A OD1 1 
ATOM   340  O OD2 . ASP A 1 48  ? -4.720  10.564  10.350  1.00 59.16  ? 312  ASP A OD2 1 
ATOM   341  N N   . GLY A 1 49  ? -8.918  9.443   9.554   1.00 65.42  ? 313  GLY A N   1 
ATOM   342  C CA  . GLY A 1 49  ? -9.274  10.155  8.340   1.00 55.66  ? 313  GLY A CA  1 
ATOM   343  C C   . GLY A 1 49  ? -8.588  9.547   7.134   1.00 63.49  ? 313  GLY A C   1 
ATOM   344  O O   . GLY A 1 49  ? -9.226  9.251   6.123   1.00 61.44  ? 313  GLY A O   1 
ATOM   345  N N   . ALA A 1 50  ? -7.278  9.356   7.245   1.00 61.65  ? 314  ALA A N   1 
ATOM   346  C CA  . ALA A 1 50  ? -6.492  8.757   6.173   1.00 52.74  ? 314  ALA A CA  1 
ATOM   347  C C   . ALA A 1 50  ? -5.453  7.790   6.733   1.00 57.27  ? 314  ALA A C   1 
ATOM   348  O O   . ALA A 1 50  ? -4.394  7.590   6.139   1.00 63.42  ? 314  ALA A O   1 
ATOM   349  C CB  . ALA A 1 50  ? -5.825  9.835   5.339   1.00 53.73  ? 314  ALA A CB  1 
ATOM   350  N N   . ASN A 1 51  ? -5.762  7.202   7.884   1.00 55.94  ? 315  ASN A N   1 
ATOM   351  C CA  . ASN A 1 51  ? -4.896  6.202   8.494   1.00 57.48  ? 315  ASN A CA  1 
ATOM   352  C C   . ASN A 1 51  ? -5.545  4.827   8.393   1.00 58.95  ? 315  ASN A C   1 
ATOM   353  O O   . ASN A 1 51  ? -6.620  4.607   8.941   1.00 58.33  ? 315  ASN A O   1 
ATOM   354  C CB  . ASN A 1 51  ? -4.630  6.552   9.961   1.00 65.41  ? 315  ASN A CB  1 
ATOM   355  C CG  . ASN A 1 51  ? -3.474  5.765   10.553  1.00 64.63  ? 315  ASN A CG  1 
ATOM   356  O OD1 . ASN A 1 51  ? -3.070  4.730   10.021  1.00 70.39  ? 315  ASN A OD1 1 
ATOM   357  N ND2 . ASN A 1 51  ? -2.939  6.253   11.666  1.00 55.75  ? 315  ASN A ND2 1 
ATOM   358  N N   . ALA A 1 52  ? -4.886  3.908   7.693   1.00 61.12  ? 316  ALA A N   1 
ATOM   359  C CA  . ALA A 1 52  ? -5.447  2.583   7.431   1.00 57.33  ? 316  ALA A CA  1 
ATOM   360  C C   . ALA A 1 52  ? -5.552  1.717   8.685   1.00 59.70  ? 316  ALA A C   1 
ATOM   361  O O   . ALA A 1 52  ? -6.420  0.840   8.780   1.00 59.85  ? 316  ALA A O   1 
ATOM   362  C CB  . ALA A 1 52  ? -4.629  1.869   6.363   1.00 56.51  ? 316  ALA A CB  1 
ATOM   363  N N   . LEU A 1 53  ? -4.664  1.967   9.643   1.00 60.44  ? 317  LEU A N   1 
ATOM   364  C CA  . LEU A 1 53  ? -4.615  1.185   10.874  1.00 56.12  ? 317  LEU A CA  1 
ATOM   365  C C   . LEU A 1 53  ? -5.937  1.217   11.635  1.00 52.72  ? 317  LEU A C   1 
ATOM   366  O O   . LEU A 1 53  ? -6.339  0.219   12.228  1.00 58.99  ? 317  LEU A O   1 
ATOM   367  C CB  . LEU A 1 53  ? -3.473  1.663   11.774  1.00 48.87  ? 317  LEU A CB  1 
ATOM   368  C CG  . LEU A 1 53  ? -2.052  1.432   11.251  1.00 52.92  ? 317  LEU A CG  1 
ATOM   369  C CD1 . LEU A 1 53  ? -1.020  1.989   12.219  1.00 70.19  ? 317  LEU A CD1 1 
ATOM   370  C CD2 . LEU A 1 53  ? -1.808  -0.045  11.002  1.00 55.00  ? 317  LEU A CD2 1 
ATOM   371  N N   . LEU A 1 54  ? -6.618  2.359   11.608  1.00 46.97  ? 318  LEU A N   1 
ATOM   372  C CA  . LEU A 1 54  ? -7.883  2.498   12.327  1.00 52.68  ? 318  LEU A CA  1 
ATOM   373  C C   . LEU A 1 54  ? -9.006  1.599   11.770  1.00 56.66  ? 318  LEU A C   1 
ATOM   374  O O   . LEU A 1 54  ? -9.569  0.789   12.514  1.00 60.94  ? 318  LEU A O   1 
ATOM   375  C CB  . LEU A 1 54  ? -8.319  3.970   12.435  1.00 54.32  ? 318  LEU A CB  1 
ATOM   376  C CG  . LEU A 1 54  ? -7.666  4.888   13.477  1.00 53.64  ? 318  LEU A CG  1 
ATOM   377  C CD1 . LEU A 1 54  ? -7.894  4.360   14.887  1.00 55.65  ? 318  LEU A CD1 1 
ATOM   378  C CD2 . LEU A 1 54  ? -6.179  5.096   13.210  1.00 57.80  ? 318  LEU A CD2 1 
ATOM   379  N N   . PRO A 1 55  ? -9.329  1.721   10.459  1.00 50.29  ? 319  PRO A N   1 
ATOM   380  C CA  . PRO A 1 55  ? -10.363 0.812   9.951   1.00 48.70  ? 319  PRO A CA  1 
ATOM   381  C C   . PRO A 1 55  ? -9.901  -0.638  9.936   1.00 49.02  ? 319  PRO A C   1 
ATOM   382  O O   . PRO A 1 55  ? -10.736 -1.527  10.077  1.00 52.50  ? 319  PRO A O   1 
ATOM   383  C CB  . PRO A 1 55  ? -10.580 1.304   8.513   1.00 51.06  ? 319  PRO A CB  1 
ATOM   384  C CG  . PRO A 1 55  ? -10.067 2.694   8.495   1.00 50.07  ? 319  PRO A CG  1 
ATOM   385  C CD  . PRO A 1 55  ? -8.904  2.675   9.429   1.00 54.29  ? 319  PRO A CD  1 
ATOM   386  N N   . ALA A 1 56  ? -8.603  -0.877  9.767   1.00 43.43  ? 320  ALA A N   1 
ATOM   387  C CA  . ALA A 1 56  ? -8.090  -2.245  9.793   1.00 48.51  ? 320  ALA A CA  1 
ATOM   388  C C   . ALA A 1 56  ? -8.338  -2.903  11.150  1.00 54.73  ? 320  ALA A C   1 
ATOM   389  O O   . ALA A 1 56  ? -8.965  -3.966  11.241  1.00 53.85  ? 320  ALA A O   1 
ATOM   390  C CB  . ALA A 1 56  ? -6.609  -2.266  9.453   1.00 48.87  ? 320  ALA A CB  1 
ATOM   391  N N   . ASN A 1 57  ? -7.851  -2.257  12.204  1.00 50.39  ? 321  ASN A N   1 
ATOM   392  C CA  . ASN A 1 57  ? -8.009  -2.772  13.558  1.00 48.73  ? 321  ASN A CA  1 
ATOM   393  C C   . ASN A 1 57  ? -9.472  -2.856  13.981  1.00 51.05  ? 321  ASN A C   1 
ATOM   394  O O   . ASN A 1 57  ? -9.885  -3.827  14.622  1.00 56.15  ? 321  ASN A O   1 
ATOM   395  C CB  . ASN A 1 57  ? -7.213  -1.928  14.554  1.00 52.46  ? 321  ASN A CB  1 
ATOM   396  C CG  . ASN A 1 57  ? -5.738  -1.856  14.209  1.00 51.24  ? 321  ASN A CG  1 
ATOM   397  O OD1 . ASN A 1 57  ? -5.244  -2.622  13.381  1.00 50.74  ? 321  ASN A OD1 1 
ATOM   398  N ND2 . ASN A 1 57  ? -5.026  -0.934  14.845  1.00 54.06  ? 321  ASN A ND2 1 
ATOM   399  N N   . ARG A 1 58  ? -10.255 -1.842  13.618  1.00 47.05  ? 322  ARG A N   1 
ATOM   400  C CA  . ARG A 1 58  ? -11.681 -1.855  13.935  1.00 47.40  ? 322  ARG A CA  1 
ATOM   401  C C   . ARG A 1 58  ? -12.366 -3.023  13.233  1.00 50.79  ? 322  ARG A C   1 
ATOM   402  O O   . ARG A 1 58  ? -13.277 -3.645  13.781  1.00 53.57  ? 322  ARG A O   1 
ATOM   403  C CB  . ARG A 1 58  ? -12.348 -0.530  13.558  1.00 41.83  ? 322  ARG A CB  1 
ATOM   404  C CG  . ARG A 1 58  ? -13.732 -0.358  14.168  1.00 44.82  ? 322  ARG A CG  1 
ATOM   405  C CD  . ARG A 1 58  ? -14.279 1.048   13.967  1.00 51.62  ? 322  ARG A CD  1 
ATOM   406  N NE  . ARG A 1 58  ? -14.784 1.263   12.615  1.00 50.88  ? 322  ARG A NE  1 
ATOM   407  C CZ  . ARG A 1 58  ? -15.431 2.357   12.228  1.00 51.91  ? 322  ARG A CZ  1 
ATOM   408  N NH1 . ARG A 1 58  ? -15.656 3.338   13.091  1.00 54.52  ? 322  ARG A NH1 1 
ATOM   409  N NH2 . ARG A 1 58  ? -15.859 2.470   10.978  1.00 58.42  ? 322  ARG A NH2 1 
ATOM   410  N N   . ALA A 1 59  ? -11.908 -3.321  12.021  1.00 48.61  ? 323  ALA A N   1 
ATOM   411  C CA  . ALA A 1 59  ? -12.413 -4.463  11.271  1.00 52.11  ? 323  ALA A CA  1 
ATOM   412  C C   . ALA A 1 59  ? -12.054 -5.759  11.980  1.00 54.33  ? 323  ALA A C   1 
ATOM   413  O O   . ALA A 1 59  ? -12.848 -6.698  12.004  1.00 55.33  ? 323  ALA A O   1 
ATOM   414  C CB  . ALA A 1 59  ? -11.856 -4.464  9.860   1.00 51.96  ? 323  ALA A CB  1 
ATOM   415  N N   . MET A 1 60  ? -10.855 -5.810  12.553  1.00 52.99  ? 324  MET A N   1 
ATOM   416  C CA  . MET A 1 60  ? -10.437 -6.994  13.298  1.00 50.21  ? 324  MET A CA  1 
ATOM   417  C C   . MET A 1 60  ? -11.296 -7.206  14.547  1.00 51.00  ? 324  MET A C   1 
ATOM   418  O O   . MET A 1 60  ? -11.699 -8.333  14.850  1.00 61.15  ? 324  MET A O   1 
ATOM   419  C CB  . MET A 1 60  ? -8.952  -6.922  13.660  1.00 46.69  ? 324  MET A CB  1 
ATOM   420  C CG  . MET A 1 60  ? -8.472  -8.090  14.504  1.00 53.53  ? 324  MET A CG  1 
ATOM   421  S SD  . MET A 1 60  ? -8.941  -9.702  13.840  1.00 60.52  ? 324  MET A SD  1 
ATOM   422  C CE  . MET A 1 60  ? -7.631  -9.987  12.656  1.00 63.85  ? 324  MET A CE  1 
ATOM   423  N N   . ALA A 1 61  ? -11.578 -6.122  15.264  1.00 49.54  ? 325  ALA A N   1 
ATOM   424  C CA  . ALA A 1 61  ? -12.468 -6.186  16.420  1.00 46.44  ? 325  ALA A CA  1 
ATOM   425  C C   . ALA A 1 61  ? -13.852 -6.672  15.993  1.00 48.18  ? 325  ALA A C   1 
ATOM   426  O O   . ALA A 1 61  ? -14.469 -7.513  16.659  1.00 50.72  ? 325  ALA A O   1 
ATOM   427  C CB  . ALA A 1 61  ? -12.564 -4.828  17.094  1.00 47.12  ? 325  ALA A CB  1 
ATOM   428  N N   . TYR A 1 62  ? -14.326 -6.136  14.872  1.00 50.45  ? 326  TYR A N   1 
ATOM   429  C CA  . TYR A 1 62  ? -15.592 -6.555  14.281  1.00 48.93  ? 326  TYR A CA  1 
ATOM   430  C C   . TYR A 1 62  ? -15.598 -8.052  13.975  1.00 55.25  ? 326  TYR A C   1 
ATOM   431  O O   . TYR A 1 62  ? -16.615 -8.724  14.149  1.00 54.57  ? 326  TYR A O   1 
ATOM   432  C CB  . TYR A 1 62  ? -15.875 -5.755  13.010  1.00 50.71  ? 326  TYR A CB  1 
ATOM   433  C CG  . TYR A 1 62  ? -16.551 -4.425  13.257  1.00 47.74  ? 326  TYR A CG  1 
ATOM   434  C CD1 . TYR A 1 62  ? -17.548 -4.301  14.216  1.00 50.71  ? 326  TYR A CD1 1 
ATOM   435  C CD2 . TYR A 1 62  ? -16.190 -3.294  12.537  1.00 45.11  ? 326  TYR A CD2 1 
ATOM   436  C CE1 . TYR A 1 62  ? -18.172 -3.089  14.446  1.00 47.86  ? 326  TYR A CE1 1 
ATOM   437  C CE2 . TYR A 1 62  ? -16.809 -2.078  12.760  1.00 48.70  ? 326  TYR A CE2 1 
ATOM   438  C CZ  . TYR A 1 62  ? -17.798 -1.982  13.716  1.00 46.34  ? 326  TYR A CZ  1 
ATOM   439  O OH  . TYR A 1 62  ? -18.417 -0.773  13.943  1.00 53.57  ? 326  TYR A OH  1 
ATOM   440  N N   . LEU A 1 63  ? -14.461 -8.565  13.515  1.00 54.50  ? 327  LEU A N   1 
ATOM   441  C CA  . LEU A 1 63  ? -14.308 -9.997  13.289  1.00 53.53  ? 327  LEU A CA  1 
ATOM   442  C C   . LEU A 1 63  ? -14.432 -10.741 14.609  1.00 51.71  ? 327  LEU A C   1 
ATOM   443  O O   . LEU A 1 63  ? -15.060 -11.796 14.684  1.00 55.04  ? 327  LEU A O   1 
ATOM   444  C CB  . LEU A 1 63  ? -12.951 -10.311 12.656  1.00 48.93  ? 327  LEU A CB  1 
ATOM   445  C CG  . LEU A 1 63  ? -12.742 -9.971  11.181  1.00 45.16  ? 327  LEU A CG  1 
ATOM   446  C CD1 . LEU A 1 63  ? -11.348 -10.389 10.742  1.00 47.05  ? 327  LEU A CD1 1 
ATOM   447  C CD2 . LEU A 1 63  ? -13.798 -10.649 10.328  1.00 50.36  ? 327  LEU A CD2 1 
ATOM   448  N N   . LYS A 1 64  ? -13.829 -10.180 15.651  1.00 52.49  ? 328  LYS A N   1 
ATOM   449  C CA  . LYS A 1 64  ? -13.839 -10.822 16.959  1.00 50.01  ? 328  LYS A CA  1 
ATOM   450  C C   . LYS A 1 64  ? -15.216 -10.792 17.624  1.00 55.19  ? 328  LYS A C   1 
ATOM   451  O O   . LYS A 1 64  ? -15.474 -11.557 18.554  1.00 51.80  ? 328  LYS A O   1 
ATOM   452  C CB  . LYS A 1 64  ? -12.775 -10.213 17.874  1.00 49.29  ? 328  LYS A CB  1 
ATOM   453  C CG  . LYS A 1 64  ? -11.806 -11.238 18.434  1.00 53.00  ? 328  LYS A CG  1 
ATOM   454  C CD  . LYS A 1 64  ? -11.111 -12.007 17.324  1.00 60.15  ? 328  LYS A CD  1 
ATOM   455  C CE  . LYS A 1 64  ? -10.331 -13.189 17.877  1.00 56.99  ? 328  LYS A CE  1 
ATOM   456  N NZ  . LYS A 1 64  ? -9.333  -12.769 18.898  1.00 69.60  ? 328  LYS A NZ  1 
ATOM   457  N N   . ILE A 1 65  ? -16.098 -9.915  17.151  1.00 55.80  ? 329  ILE A N   1 
ATOM   458  C CA  . ILE A 1 65  ? -17.476 -9.919  17.648  1.00 48.46  ? 329  ILE A CA  1 
ATOM   459  C C   . ILE A 1 65  ? -18.497 -10.360 16.592  1.00 55.70  ? 329  ILE A C   1 
ATOM   460  O O   . ILE A 1 65  ? -19.673 -9.999  16.666  1.00 55.89  ? 329  ILE A O   1 
ATOM   461  C CB  . ILE A 1 65  ? -17.892 -8.560  18.257  1.00 40.91  ? 329  ILE A CB  1 
ATOM   462  C CG1 . ILE A 1 65  ? -17.821 -7.447  17.212  1.00 51.63  ? 329  ILE A CG1 1 
ATOM   463  C CG2 . ILE A 1 65  ? -17.022 -8.230  19.460  1.00 43.46  ? 329  ILE A CG2 1 
ATOM   464  C CD1 . ILE A 1 65  ? -18.398 -6.133  17.692  1.00 51.46  ? 329  ILE A CD1 1 
ATOM   465  N N   . GLN A 1 66  ? -18.032 -11.145 15.622  1.00 61.65  ? 330  GLN A N   1 
ATOM   466  C CA  . GLN A 1 66  ? -18.899 -11.768 14.618  1.00 60.64  ? 330  GLN A CA  1 
ATOM   467  C C   . GLN A 1 66  ? -19.738 -10.778 13.806  1.00 60.81  ? 330  GLN A C   1 
ATOM   468  O O   . GLN A 1 66  ? -20.968 -10.806 13.860  1.00 65.41  ? 330  GLN A O   1 
ATOM   469  C CB  . GLN A 1 66  ? -19.806 -12.820 15.269  1.00 57.67  ? 330  GLN A CB  1 
ATOM   470  C CG  . GLN A 1 66  ? -19.166 -14.194 15.461  1.00 63.99  ? 330  GLN A CG  1 
ATOM   471  C CD  . GLN A 1 66  ? -18.159 -14.246 16.602  1.00 66.89  ? 330  GLN A CD  1 
ATOM   472  O OE1 . GLN A 1 66  ? -17.726 -13.217 17.120  1.00 62.57  ? 330  GLN A OE1 1 
ATOM   473  N NE2 . GLN A 1 66  ? -17.787 -15.457 17.000  1.00 69.30  ? 330  GLN A NE2 1 
ATOM   474  N N   . LYS A 1 67  ? -19.071 -9.916  13.046  1.00 58.49  ? 331  LYS A N   1 
ATOM   475  C CA  . LYS A 1 67  ? -19.761 -8.950  12.197  1.00 56.74  ? 331  LYS A CA  1 
ATOM   476  C C   . LYS A 1 67  ? -19.582 -9.272  10.715  1.00 66.03  ? 331  LYS A C   1 
ATOM   477  O O   . LYS A 1 67  ? -20.562 -9.450  9.992   1.00 70.44  ? 331  LYS A O   1 
ATOM   478  C CB  . LYS A 1 67  ? -19.272 -7.533  12.492  1.00 51.15  ? 331  LYS A CB  1 
ATOM   479  C CG  . LYS A 1 67  ? -19.705 -7.006  13.848  1.00 53.22  ? 331  LYS A CG  1 
ATOM   480  C CD  . LYS A 1 67  ? -21.221 -6.943  13.951  1.00 53.60  ? 331  LYS A CD  1 
ATOM   481  C CE  . LYS A 1 67  ? -21.661 -6.405  15.303  1.00 59.98  ? 331  LYS A CE  1 
ATOM   482  N NZ  . LYS A 1 67  ? -23.145 -6.337  15.413  1.00 65.96  ? 331  LYS A NZ  1 
ATOM   483  N N   . TYR A 1 68  ? -18.324 -9.331  10.280  1.00 60.15  ? 332  TYR A N   1 
ATOM   484  C CA  . TYR A 1 68  ? -17.950 -9.686  8.905   1.00 60.80  ? 332  TYR A CA  1 
ATOM   485  C C   . TYR A 1 68  ? -18.313 -8.625  7.857   1.00 63.20  ? 332  TYR A C   1 
ATOM   486  O O   . TYR A 1 68  ? -17.470 -8.241  7.046   1.00 60.54  ? 332  TYR A O   1 
ATOM   487  C CB  . TYR A 1 68  ? -18.502 -11.063 8.511   1.00 56.29  ? 332  TYR A CB  1 
ATOM   488  C CG  . TYR A 1 68  ? -18.341 -12.106 9.594   1.00 58.55  ? 332  TYR A CG  1 
ATOM   489  C CD1 . TYR A 1 68  ? -17.080 -12.495 10.029  1.00 60.47  ? 332  TYR A CD1 1 
ATOM   490  C CD2 . TYR A 1 68  ? -19.449 -12.700 10.183  1.00 55.15  ? 332  TYR A CD2 1 
ATOM   491  C CE1 . TYR A 1 68  ? -16.929 -13.448 11.023  1.00 58.94  ? 332  TYR A CE1 1 
ATOM   492  C CE2 . TYR A 1 68  ? -19.307 -13.653 11.176  1.00 60.69  ? 332  TYR A CE2 1 
ATOM   493  C CZ  . TYR A 1 68  ? -18.045 -14.023 11.591  1.00 61.77  ? 332  TYR A CZ  1 
ATOM   494  O OH  . TYR A 1 68  ? -17.901 -14.970 12.577  1.00 65.44  ? 332  TYR A OH  1 
ATOM   495  N N   . GLU A 1 69  ? -19.559 -8.159  7.873   1.00 60.16  ? 333  GLU A N   1 
ATOM   496  C CA  . GLU A 1 69  ? -19.971 -7.082  6.975   1.00 53.44  ? 333  GLU A CA  1 
ATOM   497  C C   . GLU A 1 69  ? -19.200 -5.808  7.314   1.00 57.97  ? 333  GLU A C   1 
ATOM   498  O O   . GLU A 1 69  ? -18.562 -5.200  6.450   1.00 55.50  ? 333  GLU A O   1 
ATOM   499  C CB  . GLU A 1 69  ? -21.481 -6.830  7.067   1.00 54.27  ? 333  GLU A CB  1 
ATOM   500  C CG  . GLU A 1 69  ? -22.337 -8.049  6.776   1.00 69.77  ? 333  GLU A CG  1 
ATOM   501  C CD  . GLU A 1 69  ? -22.917 -8.669  8.031   1.00 84.57  ? 333  GLU A CD  1 
ATOM   502  O OE1 . GLU A 1 69  ? -22.810 -8.048  9.110   1.00 74.46  ? 333  GLU A OE1 1 
ATOM   503  O OE2 . GLU A 1 69  ? -23.485 -9.779  7.935   1.00 78.29  ? 333  GLU A OE2 1 
ATOM   504  N N   . GLU A 1 70  ? -19.262 -5.422  8.583   1.00 63.14  ? 334  GLU A N   1 
ATOM   505  C CA  . GLU A 1 70  ? -18.561 -4.246  9.085   1.00 54.94  ? 334  GLU A CA  1 
ATOM   506  C C   . GLU A 1 70  ? -17.050 -4.390  8.899   1.00 54.92  ? 334  GLU A C   1 
ATOM   507  O O   . GLU A 1 70  ? -16.357 -3.439  8.520   1.00 55.19  ? 334  GLU A O   1 
ATOM   508  C CB  . GLU A 1 70  ? -18.913 -4.018  10.558  1.00 51.15  ? 334  GLU A CB  1 
ATOM   509  C CG  . GLU A 1 70  ? -20.345 -3.531  10.797  1.00 50.20  ? 334  GLU A CG  1 
ATOM   510  C CD  . GLU A 1 70  ? -21.376 -4.654  10.774  1.00 59.41  ? 334  GLU A CD  1 
ATOM   511  O OE1 . GLU A 1 70  ? -21.006 -5.790  10.412  1.00 63.29  ? 334  GLU A OE1 1 
ATOM   512  O OE2 . GLU A 1 70  ? -22.552 -4.403  11.125  1.00 59.33  ? 334  GLU A OE2 1 
ATOM   513  N N   . ALA A 1 71  ? -16.553 -5.596  9.150   1.00 49.71  ? 335  ALA A N   1 
ATOM   514  C CA  . ALA A 1 71  ? -15.145 -5.909  8.948   1.00 49.74  ? 335  ALA A CA  1 
ATOM   515  C C   . ALA A 1 71  ? -14.756 -5.776  7.480   1.00 48.96  ? 335  ALA A C   1 
ATOM   516  O O   . ALA A 1 71  ? -13.680 -5.276  7.156   1.00 44.36  ? 335  ALA A O   1 
ATOM   517  C CB  . ALA A 1 71  ? -14.845 -7.309  9.441   1.00 54.54  ? 335  ALA A CB  1 
ATOM   518  N N   . GLU A 1 72  ? -15.631 -6.236  6.592   1.00 47.90  ? 336  GLU A N   1 
ATOM   519  C CA  . GLU A 1 72  ? -15.378 -6.137  5.161   1.00 50.73  ? 336  GLU A CA  1 
ATOM   520  C C   . GLU A 1 72  ? -15.351 -4.683  4.699   1.00 54.12  ? 336  GLU A C   1 
ATOM   521  O O   . GLU A 1 72  ? -14.464 -4.285  3.943   1.00 57.38  ? 336  GLU A O   1 
ATOM   522  C CB  . GLU A 1 72  ? -16.417 -6.924  4.361   1.00 51.07  ? 336  GLU A CB  1 
ATOM   523  C CG  . GLU A 1 72  ? -16.095 -7.026  2.882   1.00 58.09  ? 336  GLU A CG  1 
ATOM   524  C CD  . GLU A 1 72  ? -17.239 -7.604  2.069   1.00 63.78  ? 336  GLU A CD  1 
ATOM   525  O OE1 . GLU A 1 72  ? -18.382 -7.613  2.571   1.00 57.45  ? 336  GLU A OE1 1 
ATOM   526  O OE2 . GLU A 1 72  ? -16.995 -8.049  0.927   1.00 62.06  ? 336  GLU A OE2 1 
ATOM   527  N N   . LYS A 1 73  ? -16.310 -3.882  5.154   1.00 53.55  ? 337  LYS A N   1 
ATOM   528  C CA  . LYS A 1 73  ? -16.329 -2.479  4.748   1.00 51.84  ? 337  LYS A CA  1 
ATOM   529  C C   . LYS A 1 73  ? -15.105 -1.718  5.280   1.00 49.44  ? 337  LYS A C   1 
ATOM   530  O O   . LYS A 1 73  ? -14.454 -0.974  4.535   1.00 52.13  ? 337  LYS A O   1 
ATOM   531  C CB  . LYS A 1 73  ? -17.648 -1.789  5.128   1.00 50.69  ? 337  LYS A CB  1 
ATOM   532  C CG  . LYS A 1 73  ? -17.857 -1.556  6.616   1.00 71.60  ? 337  LYS A CG  1 
ATOM   533  C CD  . LYS A 1 73  ? -19.114 -0.753  6.866   1.00 81.81  ? 337  LYS A CD  1 
ATOM   534  C CE  . LYS A 1 73  ? -19.375 -0.612  8.342   1.00 77.31  ? 337  LYS A CE  1 
ATOM   535  N NZ  . LYS A 1 73  ? -18.249 0.054   9.041   1.00 65.92  ? 337  LYS A NZ  1 
ATOM   536  N N   . ASP A 1 74  ? -14.771 -1.937  6.551   1.00 50.60  ? 338  ASP A N   1 
ATOM   537  C CA  . ASP A 1 74  ? -13.612 -1.287  7.152   1.00 49.86  ? 338  ASP A CA  1 
ATOM   538  C C   . ASP A 1 74  ? -12.309 -1.723  6.481   1.00 51.46  ? 338  ASP A C   1 
ATOM   539  O O   . ASP A 1 74  ? -11.397 -0.916  6.302   1.00 53.94  ? 338  ASP A O   1 
ATOM   540  C CB  . ASP A 1 74  ? -13.571 -1.543  8.662   1.00 48.57  ? 338  ASP A CB  1 
ATOM   541  C CG  . ASP A 1 74  ? -14.605 -0.728  9.418   1.00 52.99  ? 338  ASP A CG  1 
ATOM   542  O OD1 . ASP A 1 74  ? -15.675 -0.446  8.839   1.00 54.84  ? 338  ASP A OD1 1 
ATOM   543  O OD2 . ASP A 1 74  ? -14.348 -0.364  10.587  1.00 53.57  ? 338  ASP A OD2 1 
ATOM   544  N N   . CYS A 1 75  ? -12.231 -2.994  6.100   1.00 51.99  ? 339  CYS A N   1 
ATOM   545  C CA  . CYS A 1 75  ? -11.056 -3.503  5.399   1.00 49.45  ? 339  CYS A CA  1 
ATOM   546  C C   . CYS A 1 75  ? -10.931 -2.886  4.013   1.00 53.40  ? 339  CYS A C   1 
ATOM   547  O O   . CYS A 1 75  ? -9.835  -2.528  3.589   1.00 55.75  ? 339  CYS A O   1 
ATOM   548  C CB  . CYS A 1 75  ? -11.106 -5.025  5.283   1.00 51.24  ? 339  CYS A CB  1 
ATOM   549  S SG  . CYS A 1 75  ? -10.635 -5.920  6.778   1.00 53.88  ? 339  CYS A SG  1 
ATOM   550  N N   . THR A 1 76  ? -12.055 -2.774  3.309   1.00 51.96  ? 340  THR A N   1 
ATOM   551  C CA  . THR A 1 76  ? -12.064 -2.151  1.990   1.00 53.05  ? 340  THR A CA  1 
ATOM   552  C C   . THR A 1 76  ? -11.570 -0.712  2.089   1.00 52.94  ? 340  THR A C   1 
ATOM   553  O O   . THR A 1 76  ? -10.747 -0.269  1.282   1.00 55.91  ? 340  THR A O   1 
ATOM   554  C CB  . THR A 1 76  ? -13.467 -2.175  1.355   1.00 52.62  ? 340  THR A CB  1 
ATOM   555  O OG1 . THR A 1 76  ? -13.882 -3.533  1.163   1.00 54.36  ? 340  THR A OG1 1 
ATOM   556  C CG2 . THR A 1 76  ? -13.456 -1.464  0.012   1.00 47.70  ? 340  THR A CG2 1 
ATOM   557  N N   . GLN A 1 77  ? -12.061 0.010   3.093   1.00 60.32  ? 341  GLN A N   1 
ATOM   558  C CA  . GLN A 1 77  ? -11.599 1.376   3.326   1.00 53.53  ? 341  GLN A CA  1 
ATOM   559  C C   . GLN A 1 77  ? -10.098 1.423   3.625   1.00 54.29  ? 341  GLN A C   1 
ATOM   560  O O   . GLN A 1 77  ? -9.369  2.255   3.077   1.00 58.46  ? 341  GLN A O   1 
ATOM   561  C CB  . GLN A 1 77  ? -12.388 2.027   4.464   1.00 48.81  ? 341  GLN A CB  1 
ATOM   562  C CG  . GLN A 1 77  ? -11.987 3.466   4.752   1.00 60.74  ? 341  GLN A CG  1 
ATOM   563  C CD  . GLN A 1 77  ? -12.352 4.415   3.626   1.00 63.82  ? 341  GLN A CD  1 
ATOM   564  O OE1 . GLN A 1 77  ? -13.252 4.139   2.831   1.00 71.98  ? 341  GLN A OE1 1 
ATOM   565  N NE2 . GLN A 1 77  ? -11.653 5.540   3.551   1.00 67.89  ? 341  GLN A NE2 1 
ATOM   566  N N   . ALA A 1 78  ? -9.644  0.518   4.489   1.00 54.34  ? 342  ALA A N   1 
ATOM   567  C CA  . ALA A 1 78  ? -8.238  0.455   4.880   1.00 52.20  ? 342  ALA A CA  1 
ATOM   568  C C   . ALA A 1 78  ? -7.326  0.198   3.682   1.00 57.11  ? 342  ALA A C   1 
ATOM   569  O O   . ALA A 1 78  ? -6.234  0.756   3.589   1.00 56.64  ? 342  ALA A O   1 
ATOM   570  C CB  . ALA A 1 78  ? -8.031  -0.613  5.942   1.00 44.94  ? 342  ALA A CB  1 
ATOM   571  N N   . ILE A 1 79  ? -7.785  -0.653  2.770   1.00 58.74  ? 343  ILE A N   1 
ATOM   572  C CA  . ILE A 1 79  ? -7.042  -0.950  1.552   1.00 56.40  ? 343  ILE A CA  1 
ATOM   573  C C   . ILE A 1 79  ? -7.057  0.259   0.624   1.00 62.08  ? 343  ILE A C   1 
ATOM   574  O O   . ILE A 1 79  ? -6.065  0.558   -0.045  1.00 63.30  ? 343  ILE A O   1 
ATOM   575  C CB  . ILE A 1 79  ? -7.626  -2.182  0.834   1.00 50.11  ? 343  ILE A CB  1 
ATOM   576  C CG1 . ILE A 1 79  ? -7.446  -3.425  1.705   1.00 52.11  ? 343  ILE A CG1 1 
ATOM   577  C CG2 . ILE A 1 79  ? -6.966  -2.386  -0.519  1.00 50.30  ? 343  ILE A CG2 1 
ATOM   578  C CD1 . ILE A 1 79  ? -8.209  -4.629  1.216   1.00 53.61  ? 343  ILE A CD1 1 
ATOM   579  N N   . LEU A 1 80  ? -8.188  0.958   0.597   1.00 57.92  ? 344  LEU A N   1 
ATOM   580  C CA  . LEU A 1 80  ? -8.312  2.185   -0.182  1.00 55.19  ? 344  LEU A CA  1 
ATOM   581  C C   . LEU A 1 80  ? -7.309  3.231   0.295   1.00 60.04  ? 344  LEU A C   1 
ATOM   582  O O   . LEU A 1 80  ? -6.785  4.012   -0.501  1.00 58.88  ? 344  LEU A O   1 
ATOM   583  C CB  . LEU A 1 80  ? -9.736  2.736   -0.087  1.00 55.39  ? 344  LEU A CB  1 
ATOM   584  C CG  . LEU A 1 80  ? -10.020 4.057   -0.804  1.00 45.76  ? 344  LEU A CG  1 
ATOM   585  C CD1 . LEU A 1 80  ? -9.791  3.918   -2.300  1.00 48.35  ? 344  LEU A CD1 1 
ATOM   586  C CD2 . LEU A 1 80  ? -11.437 4.527   -0.513  1.00 50.93  ? 344  LEU A CD2 1 
ATOM   587  N N   . LEU A 1 81  ? -7.040  3.238   1.597   1.00 60.99  ? 345  LEU A N   1 
ATOM   588  C CA  . LEU A 1 81  ? -6.062  4.161   2.167   1.00 56.07  ? 345  LEU A CA  1 
ATOM   589  C C   . LEU A 1 81  ? -4.632  3.665   1.967   1.00 56.19  ? 345  LEU A C   1 
ATOM   590  O O   . LEU A 1 81  ? -3.722  4.451   1.703   1.00 55.93  ? 345  LEU A O   1 
ATOM   591  C CB  . LEU A 1 81  ? -6.339  4.385   3.654   1.00 51.63  ? 345  LEU A CB  1 
ATOM   592  C CG  . LEU A 1 81  ? -7.676  5.048   3.987   1.00 51.72  ? 345  LEU A CG  1 
ATOM   593  C CD1 . LEU A 1 81  ? -7.850  5.177   5.491   1.00 59.53  ? 345  LEU A CD1 1 
ATOM   594  C CD2 . LEU A 1 81  ? -7.782  6.407   3.314   1.00 53.63  ? 345  LEU A CD2 1 
ATOM   595  N N   . ASP A 1 82  ? -4.439  2.356   2.097   1.00 57.19  ? 346  ASP A N   1 
ATOM   596  C CA  . ASP A 1 82  ? -3.125  1.752   1.905   1.00 56.87  ? 346  ASP A CA  1 
ATOM   597  C C   . ASP A 1 82  ? -3.261  0.340   1.349   1.00 58.48  ? 346  ASP A C   1 
ATOM   598  O O   . ASP A 1 82  ? -3.579  -0.599  2.080   1.00 59.63  ? 346  ASP A O   1 
ATOM   599  C CB  . ASP A 1 82  ? -2.342  1.736   3.221   1.00 60.94  ? 346  ASP A CB  1 
ATOM   600  C CG  . ASP A 1 82  ? -0.931  1.198   3.056   1.00 66.04  ? 346  ASP A CG  1 
ATOM   601  O OD1 . ASP A 1 82  ? -0.414  1.212   1.919   1.00 65.81  ? 346  ASP A OD1 1 
ATOM   602  O OD2 . ASP A 1 82  ? -0.337  0.766   4.066   1.00 63.40  ? 346  ASP A OD2 1 
ATOM   603  N N   . GLY A 1 83  ? -3.017  0.194   0.049   1.00 58.02  ? 347  GLY A N   1 
ATOM   604  C CA  . GLY A 1 83  ? -3.141  -1.090  -0.615  1.00 53.07  ? 347  GLY A CA  1 
ATOM   605  C C   . GLY A 1 83  ? -1.889  -1.939  -0.507  1.00 58.98  ? 347  GLY A C   1 
ATOM   606  O O   . GLY A 1 83  ? -1.680  -2.860  -1.296  1.00 60.71  ? 347  GLY A O   1 
ATOM   607  N N   . SER A 1 84  ? -1.050  -1.625  0.475   1.00 59.62  ? 348  SER A N   1 
ATOM   608  C CA  . SER A 1 84  ? 0.171   -2.384  0.712   1.00 59.81  ? 348  SER A CA  1 
ATOM   609  C C   . SER A 1 84  ? 0.153   -3.013  2.102   1.00 66.04  ? 348  SER A C   1 
ATOM   610  O O   . SER A 1 84  ? 1.160   -3.551  2.565   1.00 64.70  ? 348  SER A O   1 
ATOM   611  C CB  . SER A 1 84  ? 1.401   -1.489  0.549   1.00 59.94  ? 348  SER A CB  1 
ATOM   612  O OG  . SER A 1 84  ? 1.361   -0.403  1.457   1.00 59.88  ? 348  SER A OG  1 
ATOM   613  N N   . TYR A 1 85  ? -1.001  -2.944  2.760   1.00 62.96  ? 349  TYR A N   1 
ATOM   614  C CA  . TYR A 1 85  ? -1.169  -3.532  4.082   1.00 58.02  ? 349  TYR A CA  1 
ATOM   615  C C   . TYR A 1 85  ? -1.822  -4.900  3.942   1.00 61.05  ? 349  TYR A C   1 
ATOM   616  O O   . TYR A 1 85  ? -3.032  -5.001  3.728   1.00 66.07  ? 349  TYR A O   1 
ATOM   617  C CB  . TYR A 1 85  ? -2.038  -2.638  4.966   1.00 56.59  ? 349  TYR A CB  1 
ATOM   618  C CG  . TYR A 1 85  ? -1.817  -2.838  6.447   1.00 58.39  ? 349  TYR A CG  1 
ATOM   619  C CD1 . TYR A 1 85  ? -0.642  -3.401  6.922   1.00 62.75  ? 349  TYR A CD1 1 
ATOM   620  C CD2 . TYR A 1 85  ? -2.786  -2.464  7.374   1.00 57.90  ? 349  TYR A CD2 1 
ATOM   621  C CE1 . TYR A 1 85  ? -0.432  -3.579  8.277   1.00 57.60  ? 349  TYR A CE1 1 
ATOM   622  C CE2 . TYR A 1 85  ? -2.585  -2.640  8.732   1.00 61.59  ? 349  TYR A CE2 1 
ATOM   623  C CZ  . TYR A 1 85  ? -1.408  -3.196  9.177   1.00 59.56  ? 349  TYR A CZ  1 
ATOM   624  O OH  . TYR A 1 85  ? -1.213  -3.370  10.527  1.00 58.79  ? 349  TYR A OH  1 
ATOM   625  N N   . SER A 1 86  ? -1.023  -5.952  4.079   1.00 55.28  ? 350  SER A N   1 
ATOM   626  C CA  . SER A 1 86  ? -1.506  -7.306  3.831   1.00 54.87  ? 350  SER A CA  1 
ATOM   627  C C   . SER A 1 86  ? -2.550  -7.747  4.851   1.00 58.13  ? 350  SER A C   1 
ATOM   628  O O   . SER A 1 86  ? -3.420  -8.565  4.549   1.00 59.06  ? 350  SER A O   1 
ATOM   629  C CB  . SER A 1 86  ? -0.342  -8.300  3.814   1.00 56.07  ? 350  SER A CB  1 
ATOM   630  O OG  . SER A 1 86  ? -0.257  -9.017  5.035   1.00 66.78  ? 350  SER A OG  1 
ATOM   631  N N   . LYS A 1 87  ? -2.455  -7.207  6.063   1.00 56.48  ? 351  LYS A N   1 
ATOM   632  C CA  . LYS A 1 87  ? -3.381  -7.569  7.132   1.00 56.73  ? 351  LYS A CA  1 
ATOM   633  C C   . LYS A 1 87  ? -4.828  -7.225  6.788   1.00 58.20  ? 351  LYS A C   1 
ATOM   634  O O   . LYS A 1 87  ? -5.740  -7.990  7.096   1.00 58.97  ? 351  LYS A O   1 
ATOM   635  C CB  . LYS A 1 87  ? -2.972  -6.916  8.456   1.00 56.25  ? 351  LYS A CB  1 
ATOM   636  C CG  . LYS A 1 87  ? -1.713  -7.506  9.068   1.00 58.56  ? 351  LYS A CG  1 
ATOM   637  C CD  . LYS A 1 87  ? -1.415  -6.917  10.435  1.00 57.58  ? 351  LYS A CD  1 
ATOM   638  C CE  . LYS A 1 87  ? -0.224  -7.608  11.076  1.00 48.84  ? 351  LYS A CE  1 
ATOM   639  N NZ  . LYS A 1 87  ? 0.080   -7.056  12.423  1.00 54.32  ? 351  LYS A NZ  1 
ATOM   640  N N   . ALA A 1 88  ? -5.032  -6.080  6.144   1.00 54.36  ? 352  ALA A N   1 
ATOM   641  C CA  . ALA A 1 88  ? -6.366  -5.679  5.707   1.00 52.98  ? 352  ALA A CA  1 
ATOM   642  C C   . ALA A 1 88  ? -6.932  -6.688  4.711   1.00 54.62  ? 352  ALA A C   1 
ATOM   643  O O   . ALA A 1 88  ? -8.111  -7.047  4.772   1.00 55.77  ? 352  ALA A O   1 
ATOM   644  C CB  . ALA A 1 88  ? -6.328  -4.290  5.095   1.00 45.66  ? 352  ALA A CB  1 
ATOM   645  N N   . PHE A 1 89  ? -6.080  -7.146  3.800   1.00 51.41  ? 353  PHE A N   1 
ATOM   646  C CA  . PHE A 1 89  ? -6.474  -8.141  2.810   1.00 53.06  ? 353  PHE A CA  1 
ATOM   647  C C   . PHE A 1 89  ? -6.837  -9.465  3.471   1.00 54.90  ? 353  PHE A C   1 
ATOM   648  O O   . PHE A 1 89  ? -7.835  -10.089 3.114   1.00 59.29  ? 353  PHE A O   1 
ATOM   649  C CB  . PHE A 1 89  ? -5.359  -8.367  1.789   1.00 51.48  ? 353  PHE A CB  1 
ATOM   650  C CG  . PHE A 1 89  ? -5.213  -7.260  0.789   1.00 51.52  ? 353  PHE A CG  1 
ATOM   651  C CD1 . PHE A 1 89  ? -6.115  -7.129  -0.254  1.00 53.86  ? 353  PHE A CD1 1 
ATOM   652  C CD2 . PHE A 1 89  ? -4.166  -6.358  0.882   1.00 50.68  ? 353  PHE A CD2 1 
ATOM   653  C CE1 . PHE A 1 89  ? -5.983  -6.113  -1.179  1.00 49.83  ? 353  PHE A CE1 1 
ATOM   654  C CE2 . PHE A 1 89  ? -4.027  -5.340  -0.042  1.00 51.44  ? 353  PHE A CE2 1 
ATOM   655  C CZ  . PHE A 1 89  ? -4.937  -5.218  -1.075  1.00 51.56  ? 353  PHE A CZ  1 
ATOM   656  N N   . ALA A 1 90  ? -6.021  -9.890  4.430   1.00 56.85  ? 354  ALA A N   1 
ATOM   657  C CA  . ALA A 1 90  ? -6.260  -11.147 5.132   1.00 56.77  ? 354  ALA A CA  1 
ATOM   658  C C   . ALA A 1 90  ? -7.571  -11.107 5.910   1.00 55.67  ? 354  ALA A C   1 
ATOM   659  O O   . ALA A 1 90  ? -8.370  -12.046 5.858   1.00 60.02  ? 354  ALA A O   1 
ATOM   660  C CB  . ALA A 1 90  ? -5.101  -11.465 6.063   1.00 58.39  ? 354  ALA A CB  1 
ATOM   661  N N   . ARG A 1 91  ? -7.781  -10.010 6.630   1.00 54.38  ? 355  ARG A N   1 
ATOM   662  C CA  . ARG A 1 91  ? -8.986  -9.833  7.431   1.00 52.16  ? 355  ARG A CA  1 
ATOM   663  C C   . ARG A 1 91  ? -10.235 -9.741  6.560   1.00 53.73  ? 355  ARG A C   1 
ATOM   664  O O   . ARG A 1 91  ? -11.285 -10.283 6.914   1.00 54.89  ? 355  ARG A O   1 
ATOM   665  C CB  . ARG A 1 91  ? -8.851  -8.598  8.322   1.00 52.23  ? 355  ARG A CB  1 
ATOM   666  C CG  . ARG A 1 91  ? -7.742  -8.724  9.351   1.00 51.66  ? 355  ARG A CG  1 
ATOM   667  C CD  . ARG A 1 91  ? -7.399  -7.393  10.001  1.00 55.05  ? 355  ARG A CD  1 
ATOM   668  N NE  . ARG A 1 91  ? -6.201  -7.502  10.829  1.00 57.80  ? 355  ARG A NE  1 
ATOM   669  C CZ  . ARG A 1 91  ? -5.666  -6.495  11.513  1.00 50.99  ? 355  ARG A CZ  1 
ATOM   670  N NH1 . ARG A 1 91  ? -6.224  -5.293  11.474  1.00 47.42  ? 355  ARG A NH1 1 
ATOM   671  N NH2 . ARG A 1 91  ? -4.573  -6.691  12.237  1.00 52.00  ? 355  ARG A NH2 1 
ATOM   672  N N   . ARG A 1 92  ? -10.121 -9.063  5.421   1.00 57.19  ? 356  ARG A N   1 
ATOM   673  C CA  . ARG A 1 92  ? -11.246 -8.979  4.495   1.00 57.51  ? 356  ARG A CA  1 
ATOM   674  C C   . ARG A 1 92  ? -11.530 -10.346 3.888   1.00 57.16  ? 356  ARG A C   1 
ATOM   675  O O   . ARG A 1 92  ? -12.679 -10.686 3.612   1.00 56.57  ? 356  ARG A O   1 
ATOM   676  C CB  . ARG A 1 92  ? -10.988 -7.959  3.387   1.00 50.01  ? 356  ARG A CB  1 
ATOM   677  C CG  . ARG A 1 92  ? -12.248 -7.581  2.621   1.00 53.32  ? 356  ARG A CG  1 
ATOM   678  C CD  . ARG A 1 92  ? -12.014 -6.421  1.670   1.00 56.86  ? 356  ARG A CD  1 
ATOM   679  N NE  . ARG A 1 92  ? -11.136 -6.784  0.563   1.00 56.17  ? 356  ARG A NE  1 
ATOM   680  C CZ  . ARG A 1 92  ? -10.867 -5.988  -0.465  1.00 55.00  ? 356  ARG A CZ  1 
ATOM   681  N NH1 . ARG A 1 92  ? -11.411 -4.780  -0.528  1.00 50.13  ? 356  ARG A NH1 1 
ATOM   682  N NH2 . ARG A 1 92  ? -10.055 -6.398  -1.430  1.00 60.14  ? 356  ARG A NH2 1 
ATOM   683  N N   . GLY A 1 93  ? -10.473 -11.125 3.682   1.00 56.02  ? 357  GLY A N   1 
ATOM   684  C CA  . GLY A 1 93  ? -10.610 -12.475 3.175   1.00 55.34  ? 357  GLY A CA  1 
ATOM   685  C C   . GLY A 1 93  ? -11.333 -13.351 4.177   1.00 54.61  ? 357  GLY A C   1 
ATOM   686  O O   . GLY A 1 93  ? -12.133 -14.209 3.806   1.00 55.82  ? 357  GLY A O   1 
ATOM   687  N N   . THR A 1 94  ? -11.047 -13.131 5.455   1.00 57.86  ? 358  THR A N   1 
ATOM   688  C CA  . THR A 1 94  ? -11.718 -13.862 6.522   1.00 58.07  ? 358  THR A CA  1 
ATOM   689  C C   . THR A 1 94  ? -13.198 -13.493 6.563   1.00 57.77  ? 358  THR A C   1 
ATOM   690  O O   . THR A 1 94  ? -14.072 -14.368 6.556   1.00 60.74  ? 358  THR A O   1 
ATOM   691  C CB  . THR A 1 94  ? -11.080 -13.567 7.891   1.00 53.74  ? 358  THR A CB  1 
ATOM   692  O OG1 . THR A 1 94  ? -9.674  -13.839 7.836   1.00 48.09  ? 358  THR A OG1 1 
ATOM   693  C CG2 . THR A 1 94  ? -11.717 -14.425 8.974   1.00 53.83  ? 358  THR A CG2 1 
ATOM   694  N N   . ALA A 1 95  ? -13.468 -12.190 6.596   1.00 52.88  ? 359  ALA A N   1 
ATOM   695  C CA  . ALA A 1 95  ? -14.835 -11.681 6.646   1.00 59.50  ? 359  ALA A CA  1 
ATOM   696  C C   . ALA A 1 95  ? -15.668 -12.182 5.468   1.00 62.65  ? 359  ALA A C   1 
ATOM   697  O O   . ALA A 1 95  ? -16.820 -12.584 5.636   1.00 58.74  ? 359  ALA A O   1 
ATOM   698  C CB  . ALA A 1 95  ? -14.828 -10.161 6.684   1.00 49.05  ? 359  ALA A CB  1 
ATOM   699  N N   . ARG A 1 96  ? -15.074 -12.160 4.281   1.00 62.96  ? 360  ARG A N   1 
ATOM   700  C CA  . ARG A 1 96  ? -15.744 -12.637 3.078   1.00 58.94  ? 360  ARG A CA  1 
ATOM   701  C C   . ARG A 1 96  ? -15.937 -14.148 3.111   1.00 55.43  ? 360  ARG A C   1 
ATOM   702  O O   . ARG A 1 96  ? -16.950 -14.661 2.633   1.00 55.80  ? 360  ARG A O   1 
ATOM   703  C CB  . ARG A 1 96  ? -14.962 -12.226 1.829   1.00 54.64  ? 360  ARG A CB  1 
ATOM   704  C CG  . ARG A 1 96  ? -15.087 -10.753 1.483   1.00 55.54  ? 360  ARG A CG  1 
ATOM   705  C CD  . ARG A 1 96  ? -14.163 -10.370 0.341   1.00 59.09  ? 360  ARG A CD  1 
ATOM   706  N NE  . ARG A 1 96  ? -14.413 -9.011  -0.129  1.00 59.15  ? 360  ARG A NE  1 
ATOM   707  C CZ  . ARG A 1 96  ? -13.681 -8.392  -1.048  1.00 62.34  ? 360  ARG A CZ  1 
ATOM   708  N NH1 . ARG A 1 96  ? -12.643 -9.007  -1.598  1.00 60.98  ? 360  ARG A NH1 1 
ATOM   709  N NH2 . ARG A 1 96  ? -13.984 -7.154  -1.416  1.00 62.22  ? 360  ARG A NH2 1 
ATOM   710  N N   . THR A 1 97  ? -14.961 -14.855 3.673   1.00 56.12  ? 361  THR A N   1 
ATOM   711  C CA  . THR A 1 97  ? -15.060 -16.302 3.828   1.00 56.90  ? 361  THR A CA  1 
ATOM   712  C C   . THR A 1 97  ? -16.256 -16.647 4.707   1.00 58.87  ? 361  THR A C   1 
ATOM   713  O O   . THR A 1 97  ? -16.973 -17.615 4.448   1.00 59.86  ? 361  THR A O   1 
ATOM   714  C CB  . THR A 1 97  ? -13.778 -16.898 4.441   1.00 56.89  ? 361  THR A CB  1 
ATOM   715  O OG1 . THR A 1 97  ? -12.659 -16.605 3.596   1.00 55.21  ? 361  THR A OG1 1 
ATOM   716  C CG2 . THR A 1 97  ? -13.907 -18.405 4.595   1.00 58.63  ? 361  THR A CG2 1 
ATOM   717  N N   . PHE A 1 98  ? -16.476 -15.841 5.742   1.00 60.30  ? 362  PHE A N   1 
ATOM   718  C CA  . PHE A 1 98  ? -17.634 -16.031 6.609   1.00 53.08  ? 362  PHE A CA  1 
ATOM   719  C C   . PHE A 1 98  ? -18.931 -15.563 5.951   1.00 52.42  ? 362  PHE A C   1 
ATOM   720  O O   . PHE A 1 98  ? -20.009 -16.064 6.266   1.00 48.15  ? 362  PHE A O   1 
ATOM   721  C CB  . PHE A 1 98  ? -17.432 -15.321 7.949   1.00 57.66  ? 362  PHE A CB  1 
ATOM   722  C CG  . PHE A 1 98  ? -16.609 -16.105 8.931   1.00 61.05  ? 362  PHE A CG  1 
ATOM   723  C CD1 . PHE A 1 98  ? -17.204 -17.046 9.756   1.00 60.17  ? 362  PHE A CD1 1 
ATOM   724  C CD2 . PHE A 1 98  ? -15.243 -15.899 9.033   1.00 58.38  ? 362  PHE A CD2 1 
ATOM   725  C CE1 . PHE A 1 98  ? -16.451 -17.769 10.661  1.00 60.80  ? 362  PHE A CE1 1 
ATOM   726  C CE2 . PHE A 1 98  ? -14.486 -16.619 9.937   1.00 58.71  ? 362  PHE A CE2 1 
ATOM   727  C CZ  . PHE A 1 98  ? -15.091 -17.556 10.752  1.00 60.73  ? 362  PHE A CZ  1 
ATOM   728  N N   . LEU A 1 99  ? -18.822 -14.603 5.036   1.00 57.79  ? 363  LEU A N   1 
ATOM   729  C CA  . LEU A 1 99  ? -19.994 -14.082 4.336   1.00 55.64  ? 363  LEU A CA  1 
ATOM   730  C C   . LEU A 1 99  ? -20.395 -14.949 3.143   1.00 53.57  ? 363  LEU A C   1 
ATOM   731  O O   . LEU A 1 99  ? -21.492 -14.805 2.602   1.00 44.73  ? 363  LEU A O   1 
ATOM   732  C CB  . LEU A 1 99  ? -19.759 -12.639 3.882   1.00 52.23  ? 363  LEU A CB  1 
ATOM   733  C CG  . LEU A 1 99  ? -19.885 -11.554 4.954   1.00 52.78  ? 363  LEU A CG  1 
ATOM   734  C CD1 . LEU A 1 99  ? -19.608 -10.181 4.365   1.00 56.68  ? 363  LEU A CD1 1 
ATOM   735  C CD2 . LEU A 1 99  ? -21.264 -11.594 5.592   1.00 59.58  ? 363  LEU A CD2 1 
ATOM   736  N N   . GLY A 1 100 ? -19.502 -15.845 2.736   1.00 51.20  ? 364  GLY A N   1 
ATOM   737  C CA  . GLY A 1 100 ? -19.769 -16.726 1.614   1.00 54.73  ? 364  GLY A CA  1 
ATOM   738  C C   . GLY A 1 100 ? -19.204 -16.200 0.308   1.00 54.11  ? 364  GLY A C   1 
ATOM   739  O O   . GLY A 1 100 ? -19.499 -16.727 -0.765  1.00 56.34  ? 364  GLY A O   1 
ATOM   740  N N   . LYS A 1 101 ? -18.389 -15.155 0.400   1.00 53.19  ? 365  LYS A N   1 
ATOM   741  C CA  . LYS A 1 101 ? -17.755 -14.568 -0.775  1.00 52.40  ? 365  LYS A CA  1 
ATOM   742  C C   . LYS A 1 101 ? -16.405 -15.236 -1.023  1.00 59.11  ? 365  LYS A C   1 
ATOM   743  O O   . LYS A 1 101 ? -15.356 -14.628 -0.818  1.00 61.23  ? 365  LYS A O   1 
ATOM   744  C CB  . LYS A 1 101 ? -17.567 -13.062 -0.579  1.00 53.46  ? 365  LYS A CB  1 
ATOM   745  C CG  . LYS A 1 101 ? -18.844 -12.303 -0.249  1.00 49.79  ? 365  LYS A CG  1 
ATOM   746  C CD  . LYS A 1 101 ? -18.576 -10.808 -0.163  1.00 58.25  ? 365  LYS A CD  1 
ATOM   747  C CE  . LYS A 1 101 ? -19.864 -10.009 -0.022  1.00 69.12  ? 365  LYS A CE  1 
ATOM   748  N NZ  . LYS A 1 101 ? -19.607 -8.539  -0.021  1.00 59.21  ? 365  LYS A NZ  1 
ATOM   749  N N   . LEU A 1 102 ? -16.444 -16.484 -1.481  1.00 57.17  ? 366  LEU A N   1 
ATOM   750  C CA  . LEU A 1 102 ? -15.254 -17.334 -1.532  1.00 57.52  ? 366  LEU A CA  1 
ATOM   751  C C   . LEU A 1 102 ? -14.217 -16.969 -2.596  1.00 62.86  ? 366  LEU A C   1 
ATOM   752  O O   . LEU A 1 102 ? -13.017 -17.063 -2.344  1.00 64.95  ? 366  LEU A O   1 
ATOM   753  C CB  . LEU A 1 102 ? -15.660 -18.801 -1.677  1.00 52.49  ? 366  LEU A CB  1 
ATOM   754  C CG  . LEU A 1 102 ? -16.505 -19.338 -0.520  1.00 54.08  ? 366  LEU A CG  1 
ATOM   755  C CD1 . LEU A 1 102 ? -16.847 -20.797 -0.740  1.00 64.88  ? 366  LEU A CD1 1 
ATOM   756  C CD2 . LEU A 1 102 ? -15.787 -19.145 0.807   1.00 59.09  ? 366  LEU A CD2 1 
ATOM   757  N N   . ASN A 1 103 ? -14.673 -16.577 -3.782  1.00 63.92  ? 367  ASN A N   1 
ATOM   758  C CA  . ASN A 1 103 ? -13.761 -16.129 -4.834  1.00 64.86  ? 367  ASN A CA  1 
ATOM   759  C C   . ASN A 1 103 ? -12.961 -14.906 -4.390  1.00 64.26  ? 367  ASN A C   1 
ATOM   760  O O   . ASN A 1 103 ? -11.726 -14.894 -4.429  1.00 62.22  ? 367  ASN A O   1 
ATOM   761  C CB  . ASN A 1 103 ? -14.531 -15.805 -6.120  1.00 64.03  ? 367  ASN A CB  1 
ATOM   762  C CG  . ASN A 1 103 ? -14.821 -17.038 -6.962  1.00 77.24  ? 367  ASN A CG  1 
ATOM   763  O OD1 . ASN A 1 103 ? -13.915 -17.792 -7.319  1.00 80.08  ? 367  ASN A OD1 1 
ATOM   764  N ND2 . ASN A 1 103 ? -16.091 -17.245 -7.285  1.00 75.00  ? 367  ASN A ND2 1 
ATOM   765  N N   . GLU A 1 104 ? -13.679 -13.876 -3.956  1.00 60.62  ? 368  GLU A N   1 
ATOM   766  C CA  . GLU A 1 104 ? -13.057 -12.632 -3.524  1.00 58.49  ? 368  GLU A CA  1 
ATOM   767  C C   . GLU A 1 104 ? -12.155 -12.843 -2.309  1.00 62.19  ? 368  GLU A C   1 
ATOM   768  O O   . GLU A 1 104 ? -11.055 -12.290 -2.247  1.00 63.92  ? 368  GLU A O   1 
ATOM   769  C CB  . GLU A 1 104 ? -14.124 -11.570 -3.241  1.00 62.45  ? 368  GLU A CB  1 
ATOM   770  C CG  . GLU A 1 104 ? -15.547 -12.090 -3.372  1.00 61.04  ? 368  GLU A CG  1 
ATOM   771  C CD  . GLU A 1 104 ? -16.525 -11.035 -3.857  1.00 69.41  ? 368  GLU A CD  1 
ATOM   772  O OE1 . GLU A 1 104 ? -16.088 -9.909  -4.172  1.00 61.61  ? 368  GLU A OE1 1 
ATOM   773  O OE2 . GLU A 1 104 ? -17.736 -11.333 -3.924  1.00 76.81  ? 368  GLU A OE2 1 
ATOM   774  N N   . ALA A 1 105 ? -12.614 -13.654 -1.359  1.00 59.74  ? 369  ALA A N   1 
ATOM   775  C CA  . ALA A 1 105 ? -11.810 -14.000 -0.187  1.00 56.73  ? 369  ALA A CA  1 
ATOM   776  C C   . ALA A 1 105 ? -10.523 -14.691 -0.614  1.00 56.94  ? 369  ALA A C   1 
ATOM   777  O O   . ALA A 1 105 ? -9.443  -14.417 -0.078  1.00 59.20  ? 369  ALA A O   1 
ATOM   778  C CB  . ALA A 1 105 ? -12.599 -14.898 0.739   1.00 52.70  ? 369  ALA A CB  1 
ATOM   779  N N   . LYS A 1 106 ? -10.655 -15.585 -1.587  1.00 54.29  ? 370  LYS A N   1 
ATOM   780  C CA  . LYS A 1 106 ? -9.516  -16.303 -2.144  1.00 51.31  ? 370  LYS A CA  1 
ATOM   781  C C   . LYS A 1 106 ? -8.486  -15.341 -2.733  1.00 54.89  ? 370  LYS A C   1 
ATOM   782  O O   . LYS A 1 106 ? -7.299  -15.406 -2.404  1.00 57.50  ? 370  LYS A O   1 
ATOM   783  C CB  . LYS A 1 106 ? -9.972  -17.308 -3.207  1.00 46.78  ? 370  LYS A CB  1 
ATOM   784  C CG  . LYS A 1 106 ? -8.822  -18.002 -3.924  1.00 45.61  ? 370  LYS A CG  1 
ATOM   785  C CD  . LYS A 1 106 ? -9.323  -18.974 -4.975  1.00 53.54  ? 370  LYS A CD  1 
ATOM   786  C CE  . LYS A 1 106 ? -8.168  -19.604 -5.733  1.00 60.53  ? 370  LYS A CE  1 
ATOM   787  N NZ  . LYS A 1 106 ? -7.365  -18.574 -6.442  1.00 70.50  ? 370  LYS A NZ  1 
ATOM   788  N N   . GLN A 1 107 ? -8.942  -14.429 -3.586  1.00 58.77  ? 371  GLN A N   1 
ATOM   789  C CA  . GLN A 1 107 ? -8.003  -13.514 -4.227  1.00 56.82  ? 371  GLN A CA  1 
ATOM   790  C C   . GLN A 1 107 ? -7.406  -12.499 -3.250  1.00 56.33  ? 371  GLN A C   1 
ATOM   791  O O   . GLN A 1 107 ? -6.299  -12.001 -3.465  1.00 60.75  ? 371  GLN A O   1 
ATOM   792  C CB  . GLN A 1 107 ? -8.613  -12.835 -5.461  1.00 61.68  ? 371  GLN A CB  1 
ATOM   793  C CG  . GLN A 1 107 ? -9.843  -11.992 -5.205  1.00 67.91  ? 371  GLN A CG  1 
ATOM   794  C CD  . GLN A 1 107 ? -10.296 -11.247 -6.451  1.00 75.03  ? 371  GLN A CD  1 
ATOM   795  O OE1 . GLN A 1 107 ? -9.995  -11.647 -7.576  1.00 66.35  ? 371  GLN A OE1 1 
ATOM   796  N NE2 . GLN A 1 107 ? -11.015 -10.150 -6.254  1.00 79.50  ? 371  GLN A NE2 1 
ATOM   797  N N   . ASP A 1 108 ? -8.128  -12.202 -2.174  1.00 59.46  ? 372  ASP A N   1 
ATOM   798  C CA  . ASP A 1 108 ? -7.571  -11.381 -1.101  1.00 58.94  ? 372  ASP A CA  1 
ATOM   799  C C   . ASP A 1 108 ? -6.464  -12.150 -0.390  1.00 57.14  ? 372  ASP A C   1 
ATOM   800  O O   . ASP A 1 108 ? -5.439  -11.581 -0.003  1.00 61.14  ? 372  ASP A O   1 
ATOM   801  C CB  . ASP A 1 108 ? -8.652  -10.997 -0.088  1.00 51.02  ? 372  ASP A CB  1 
ATOM   802  C CG  . ASP A 1 108 ? -9.500  -9.831  -0.551  1.00 61.07  ? 372  ASP A CG  1 
ATOM   803  O OD1 . ASP A 1 108 ? -9.010  -9.034  -1.376  1.00 68.09  ? 372  ASP A OD1 1 
ATOM   804  O OD2 . ASP A 1 108 ? -10.654 -9.705  -0.088  1.00 58.02  ? 372  ASP A OD2 1 
ATOM   805  N N   . PHE A 1 109 ? -6.685  -13.450 -0.220  1.00 52.60  ? 373  PHE A N   1 
ATOM   806  C CA  . PHE A 1 109 ? -5.709  -14.318 0.427   1.00 52.23  ? 373  PHE A CA  1 
ATOM   807  C C   . PHE A 1 109 ? -4.425  -14.459 -0.394  1.00 55.76  ? 373  PHE A C   1 
ATOM   808  O O   . PHE A 1 109 ? -3.322  -14.356 0.148   1.00 58.04  ? 373  PHE A O   1 
ATOM   809  C CB  . PHE A 1 109 ? -6.319  -15.694 0.715   1.00 55.32  ? 373  PHE A CB  1 
ATOM   810  C CG  . PHE A 1 109 ? -7.264  -15.709 1.885   1.00 56.38  ? 373  PHE A CG  1 
ATOM   811  C CD1 . PHE A 1 109 ? -7.047  -14.890 2.980   1.00 60.58  ? 373  PHE A CD1 1 
ATOM   812  C CD2 . PHE A 1 109 ? -8.370  -16.546 1.890   1.00 51.85  ? 373  PHE A CD2 1 
ATOM   813  C CE1 . PHE A 1 109 ? -7.914  -14.904 4.059   1.00 54.60  ? 373  PHE A CE1 1 
ATOM   814  C CE2 . PHE A 1 109 ? -9.242  -16.562 2.965   1.00 53.93  ? 373  PHE A CE2 1 
ATOM   815  C CZ  . PHE A 1 109 ? -9.012  -15.741 4.051   1.00 50.96  ? 373  PHE A CZ  1 
ATOM   816  N N   . GLU A 1 110 ? -4.559  -14.689 -1.699  1.00 54.15  ? 374  GLU A N   1 
ATOM   817  C CA  . GLU A 1 110 ? -3.375  -14.783 -2.552  1.00 59.32  ? 374  GLU A CA  1 
ATOM   818  C C   . GLU A 1 110 ? -2.769  -13.407 -2.798  1.00 57.50  ? 374  GLU A C   1 
ATOM   819  O O   . GLU A 1 110 ? -1.620  -13.293 -3.231  1.00 53.91  ? 374  GLU A O   1 
ATOM   820  C CB  . GLU A 1 110 ? -3.665  -15.516 -3.868  1.00 50.83  ? 374  GLU A CB  1 
ATOM   821  C CG  . GLU A 1 110 ? -4.858  -15.002 -4.642  1.00 53.76  ? 374  GLU A CG  1 
ATOM   822  C CD  . GLU A 1 110 ? -5.386  -16.023 -5.633  1.00 62.87  ? 374  GLU A CD  1 
ATOM   823  O OE1 . GLU A 1 110 ? -4.908  -17.177 -5.612  1.00 56.73  ? 374  GLU A OE1 1 
ATOM   824  O OE2 . GLU A 1 110 ? -6.282  -15.674 -6.430  1.00 66.82  ? 374  GLU A OE2 1 
ATOM   825  N N   . THR A 1 111 ? -3.544  -12.364 -2.516  1.00 53.91  ? 375  THR A N   1 
ATOM   826  C CA  . THR A 1 111 ? -2.992  -11.017 -2.469  1.00 51.44  ? 375  THR A CA  1 
ATOM   827  C C   . THR A 1 111 ? -2.075  -10.897 -1.254  1.00 56.18  ? 375  THR A C   1 
ATOM   828  O O   . THR A 1 111 ? -0.992  -10.319 -1.340  1.00 58.13  ? 375  THR A O   1 
ATOM   829  C CB  . THR A 1 111 ? -4.088  -9.949  -2.380  1.00 54.19  ? 375  THR A CB  1 
ATOM   830  O OG1 . THR A 1 111 ? -4.993  -10.098 -3.481  1.00 55.77  ? 375  THR A OG1 1 
ATOM   831  C CG2 . THR A 1 111 ? -3.478  -8.559  -2.416  1.00 49.65  ? 375  THR A CG2 1 
ATOM   832  N N   . VAL A 1 112 ? -2.514  -11.447 -0.124  1.00 53.11  ? 376  VAL A N   1 
ATOM   833  C CA  . VAL A 1 112 ? -1.670  -11.509 1.069   1.00 53.26  ? 376  VAL A CA  1 
ATOM   834  C C   . VAL A 1 112 ? -0.393  -12.288 0.774   1.00 55.53  ? 376  VAL A C   1 
ATOM   835  O O   . VAL A 1 112 ? 0.704   -11.868 1.145   1.00 58.26  ? 376  VAL A O   1 
ATOM   836  C CB  . VAL A 1 112 ? -2.399  -12.175 2.252   1.00 55.61  ? 376  VAL A CB  1 
ATOM   837  C CG1 . VAL A 1 112 ? -1.470  -12.306 3.453   1.00 55.96  ? 376  VAL A CG1 1 
ATOM   838  C CG2 . VAL A 1 112 ? -3.635  -11.386 2.619   1.00 60.43  ? 376  VAL A CG2 1 
ATOM   839  N N   . LEU A 1 113 ? -0.547  -13.423 0.098   1.00 56.40  ? 377  LEU A N   1 
ATOM   840  C CA  . LEU A 1 113 ? 0.596   -14.241 -0.295  1.00 57.76  ? 377  LEU A CA  1 
ATOM   841  C C   . LEU A 1 113 ? 1.523   -13.477 -1.237  1.00 58.52  ? 377  LEU A C   1 
ATOM   842  O O   . LEU A 1 113 ? 2.737   -13.679 -1.229  1.00 57.10  ? 377  LEU A O   1 
ATOM   843  C CB  . LEU A 1 113 ? 0.127   -15.535 -0.963  1.00 59.85  ? 377  LEU A CB  1 
ATOM   844  C CG  . LEU A 1 113 ? -0.635  -16.537 -0.093  1.00 56.66  ? 377  LEU A CG  1 
ATOM   845  C CD1 . LEU A 1 113 ? -0.982  -17.780 -0.898  1.00 48.24  ? 377  LEU A CD1 1 
ATOM   846  C CD2 . LEU A 1 113 ? 0.171   -16.903 1.144   1.00 52.19  ? 377  LEU A CD2 1 
ATOM   847  N N   . LEU A 1 114 ? 0.939   -12.595 -2.042  1.00 63.36  ? 378  LEU A N   1 
ATOM   848  C CA  . LEU A 1 114 ? 1.698   -11.814 -3.012  1.00 58.52  ? 378  LEU A CA  1 
ATOM   849  C C   . LEU A 1 114 ? 2.503   -10.704 -2.340  1.00 58.32  ? 378  LEU A C   1 
ATOM   850  O O   . LEU A 1 114 ? 3.646   -10.442 -2.715  1.00 60.50  ? 378  LEU A O   1 
ATOM   851  C CB  . LEU A 1 114 ? 0.761   -11.223 -4.066  1.00 57.36  ? 378  LEU A CB  1 
ATOM   852  C CG  . LEU A 1 114 ? 1.121   -11.484 -5.530  1.00 52.07  ? 378  LEU A CG  1 
ATOM   853  C CD1 . LEU A 1 114 ? 1.354   -12.967 -5.767  1.00 46.93  ? 378  LEU A CD1 1 
ATOM   854  C CD2 . LEU A 1 114 ? 0.023   -10.963 -6.442  1.00 49.53  ? 378  LEU A CD2 1 
ATOM   855  N N   . LEU A 1 115 ? 1.899   -10.054 -1.349  1.00 59.33  ? 379  LEU A N   1 
ATOM   856  C CA  . LEU A 1 115 ? 2.578   -9.000  -0.601  1.00 55.71  ? 379  LEU A CA  1 
ATOM   857  C C   . LEU A 1 115 ? 3.716   -9.565  0.240   1.00 58.16  ? 379  LEU A C   1 
ATOM   858  O O   . LEU A 1 115 ? 4.865   -9.143  0.109   1.00 61.50  ? 379  LEU A O   1 
ATOM   859  C CB  . LEU A 1 115 ? 1.592   -8.244  0.294   1.00 54.35  ? 379  LEU A CB  1 
ATOM   860  C CG  . LEU A 1 115 ? 0.930   -6.986  -0.278  1.00 53.83  ? 379  LEU A CG  1 
ATOM   861  C CD1 . LEU A 1 115 ? -0.034  -7.319  -1.401  1.00 61.67  ? 379  LEU A CD1 1 
ATOM   862  C CD2 . LEU A 1 115 ? 0.220   -6.216  0.818   1.00 58.30  ? 379  LEU A CD2 1 
ATOM   863  N N   . GLU A 1 116 ? 3.388   -10.519 1.106   1.00 63.32  ? 380  GLU A N   1 
ATOM   864  C CA  . GLU A 1 116 ? 4.384   -11.178 1.942   1.00 67.61  ? 380  GLU A CA  1 
ATOM   865  C C   . GLU A 1 116 ? 4.769   -12.528 1.347   1.00 77.94  ? 380  GLU A C   1 
ATOM   866  O O   . GLU A 1 116 ? 4.021   -13.500 1.464   1.00 77.82  ? 380  GLU A O   1 
ATOM   867  C CB  . GLU A 1 116 ? 3.853   -11.361 3.365   1.00 61.68  ? 380  GLU A CB  1 
ATOM   868  N N   . PRO A 1 117 ? 5.947   -12.593 0.705   1.00 81.47  ? 381  PRO A N   1 
ATOM   869  C CA  . PRO A 1 117 ? 6.408   -13.816 0.039   1.00 81.49  ? 381  PRO A CA  1 
ATOM   870  C CB  . PRO A 1 117 ? 7.803   -13.431 -0.468  1.00 82.00  ? 381  PRO A CB  1 
ATOM   871  C CG  . PRO A 1 117 ? 7.783   -11.941 -0.552  1.00 79.80  ? 381  PRO A CG  1 
ATOM   872  C CD  . PRO A 1 117 ? 6.927   -11.502 0.592   1.00 81.33  ? 381  PRO A CD  1 
ATOM   873  N N   . ILE B 1 9   ? -2.175  -16.096 -28.623 1.00 97.13  ? 273  ILE B N   1 
ATOM   874  C CA  . ILE B 1 9   ? -0.798  -16.521 -28.844 1.00 101.32 ? 273  ILE B CA  1 
ATOM   875  C C   . ILE B 1 9   ? -0.036  -15.535 -29.725 1.00 107.37 ? 273  ILE B C   1 
ATOM   876  O O   . ILE B 1 9   ? 1.038   -15.064 -29.355 1.00 98.94  ? 273  ILE B O   1 
ATOM   877  C CB  . ILE B 1 9   ? -0.732  -17.916 -29.492 1.00 85.83  ? 273  ILE B CB  1 
ATOM   878  N N   . GLU B 1 10  ? -0.604  -15.217 -30.884 1.00 108.24 ? 274  GLU B N   1 
ATOM   879  C CA  . GLU B 1 10  ? 0.078   -14.389 -31.876 1.00 106.06 ? 274  GLU B CA  1 
ATOM   880  C C   . GLU B 1 10  ? -0.191  -12.896 -31.696 1.00 108.10 ? 274  GLU B C   1 
ATOM   881  O O   . GLU B 1 10  ? 0.692   -12.070 -31.919 1.00 100.09 ? 274  GLU B O   1 
ATOM   882  C CB  . GLU B 1 10  ? -0.312  -14.826 -33.290 1.00 95.90  ? 274  GLU B CB  1 
ATOM   883  N N   . ALA B 1 11  ? -1.413  -12.554 -31.303 1.00 113.84 ? 275  ALA B N   1 
ATOM   884  C CA  . ALA B 1 11  ? -1.777  -11.160 -31.073 1.00 106.26 ? 275  ALA B CA  1 
ATOM   885  C C   . ALA B 1 11  ? -1.544  -10.773 -29.615 1.00 112.92 ? 275  ALA B C   1 
ATOM   886  O O   . ALA B 1 11  ? -2.062  -9.763  -29.138 1.00 118.22 ? 275  ALA B O   1 
ATOM   887  C CB  . ALA B 1 11  ? -3.227  -10.918 -31.462 1.00 104.78 ? 275  ALA B CB  1 
ATOM   888  N N   . GLN B 1 12  ? -0.765  -11.590 -28.912 1.00 115.58 ? 276  GLN B N   1 
ATOM   889  C CA  . GLN B 1 12  ? -0.452  -11.339 -27.510 1.00 113.43 ? 276  GLN B CA  1 
ATOM   890  C C   . GLN B 1 12  ? 1.042   -11.102 -27.312 1.00 102.12 ? 276  GLN B C   1 
ATOM   891  O O   . GLN B 1 12  ? 1.466   -10.573 -26.283 1.00 92.38  ? 276  GLN B O   1 
ATOM   892  C CB  . GLN B 1 12  ? -0.929  -12.497 -26.627 1.00 115.50 ? 276  GLN B CB  1 
ATOM   893  C CG  . GLN B 1 12  ? -2.445  -12.620 -26.501 1.00 121.20 ? 276  GLN B CG  1 
ATOM   894  C CD  . GLN B 1 12  ? -3.101  -13.229 -27.730 1.00 120.24 ? 276  GLN B CD  1 
ATOM   895  O OE1 . GLN B 1 12  ? -2.436  -13.542 -28.718 1.00 113.52 ? 276  GLN B OE1 1 
ATOM   896  N NE2 . GLN B 1 12  ? -4.416  -13.405 -27.668 1.00 124.43 ? 276  GLN B NE2 1 
ATOM   897  N N   . GLN B 1 13  ? 1.834   -11.504 -28.300 1.00 104.78 ? 277  GLN B N   1 
ATOM   898  C CA  . GLN B 1 13  ? 3.268   -11.243 -28.281 1.00 99.11  ? 277  GLN B CA  1 
ATOM   899  C C   . GLN B 1 13  ? 3.553   -9.879  -28.895 1.00 100.66 ? 277  GLN B C   1 
ATOM   900  O O   . GLN B 1 13  ? 4.659   -9.349  -28.776 1.00 86.54  ? 277  GLN B O   1 
ATOM   901  C CB  . GLN B 1 13  ? 4.029   -12.334 -29.034 1.00 104.64 ? 277  GLN B CB  1 
ATOM   902  N N   . ASN B 1 14  ? 2.540   -9.316  -29.547 1.00 107.80 ? 278  ASN B N   1 
ATOM   903  C CA  . ASN B 1 14  ? 2.637   -7.990  -30.140 1.00 103.23 ? 278  ASN B CA  1 
ATOM   904  C C   . ASN B 1 14  ? 2.674   -6.920  -29.060 1.00 89.98  ? 278  ASN B C   1 
ATOM   905  O O   . ASN B 1 14  ? 2.960   -5.757  -29.334 1.00 81.66  ? 278  ASN B O   1 
ATOM   906  C CB  . ASN B 1 14  ? 1.466   -7.736  -31.089 1.00 98.48  ? 278  ASN B CB  1 
ATOM   907  N N   . LYS B 1 15  ? 2.382   -7.324  -27.828 1.00 90.33  ? 279  LYS B N   1 
ATOM   908  C CA  . LYS B 1 15  ? 2.477   -6.422  -26.689 1.00 81.43  ? 279  LYS B CA  1 
ATOM   909  C C   . LYS B 1 15  ? 3.904   -6.370  -26.150 1.00 79.90  ? 279  LYS B C   1 
ATOM   910  O O   . LYS B 1 15  ? 4.131   -6.467  -24.946 1.00 65.25  ? 279  LYS B O   1 
ATOM   911  C CB  . LYS B 1 15  ? 1.504   -6.829  -25.581 1.00 75.11  ? 279  LYS B CB  1 
ATOM   912  C CG  . LYS B 1 15  ? 0.062   -6.399  -25.814 1.00 70.25  ? 279  LYS B CG  1 
ATOM   913  C CD  . LYS B 1 15  ? -0.649  -7.349  -26.761 1.00 79.82  ? 279  LYS B CD  1 
ATOM   914  N N   . GLN B 1 16  ? 4.862   -6.232  -27.061 1.00 87.38  ? 280  GLN B N   1 
ATOM   915  C CA  . GLN B 1 16  ? 6.245   -5.960  -26.695 1.00 80.03  ? 280  GLN B CA  1 
ATOM   916  C C   . GLN B 1 16  ? 6.461   -4.464  -26.873 1.00 82.05  ? 280  GLN B C   1 
ATOM   917  O O   . GLN B 1 16  ? 7.550   -3.934  -26.639 1.00 81.34  ? 280  GLN B O   1 
ATOM   918  C CB  . GLN B 1 16  ? 7.218   -6.770  -27.560 1.00 81.10  ? 280  GLN B CB  1 
ATOM   919  C CG  . GLN B 1 16  ? 7.701   -6.070  -28.828 1.00 80.46  ? 280  GLN B CG  1 
ATOM   920  C CD  . GLN B 1 16  ? 9.199   -5.789  -28.807 1.00 82.73  ? 280  GLN B CD  1 
ATOM   921  O OE1 . GLN B 1 16  ? 10.009  -6.693  -28.597 1.00 88.95  ? 280  GLN B OE1 1 
ATOM   922  N NE2 . GLN B 1 16  ? 9.570   -4.530  -29.020 1.00 78.81  ? 280  GLN B NE2 1 
ATOM   923  N N   . GLN B 1 17  ? 5.385   -3.798  -27.281 1.00 77.77  ? 281  GLN B N   1 
ATOM   924  C CA  . GLN B 1 17  ? 5.320   -2.348  -27.391 1.00 75.71  ? 281  GLN B CA  1 
ATOM   925  C C   . GLN B 1 17  ? 5.695   -1.711  -26.058 1.00 74.62  ? 281  GLN B C   1 
ATOM   926  O O   . GLN B 1 17  ? 6.233   -0.604  -26.015 1.00 77.07  ? 281  GLN B O   1 
ATOM   927  C CB  . GLN B 1 17  ? 3.896   -1.941  -27.774 1.00 77.94  ? 281  GLN B CB  1 
ATOM   928  C CG  . GLN B 1 17  ? 3.791   -0.745  -28.703 1.00 87.14  ? 281  GLN B CG  1 
ATOM   929  C CD  . GLN B 1 17  ? 2.362   -0.494  -29.159 1.00 98.46  ? 281  GLN B CD  1 
ATOM   930  O OE1 . GLN B 1 17  ? 1.433   -1.175  -28.724 1.00 99.15  ? 281  GLN B OE1 1 
ATOM   931  N NE2 . GLN B 1 17  ? 2.182   0.483   -30.040 1.00 98.05  ? 281  GLN B NE2 1 
ATOM   932  N N   . ALA B 1 18  ? 5.405   -2.428  -24.976 1.00 71.98  ? 282  ALA B N   1 
ATOM   933  C CA  . ALA B 1 18  ? 5.752   -2.001  -23.627 1.00 66.46  ? 282  ALA B CA  1 
ATOM   934  C C   . ALA B 1 18  ? 7.254   -1.777  -23.478 1.00 68.22  ? 282  ALA B C   1 
ATOM   935  O O   . ALA B 1 18  ? 7.680   -0.884  -22.751 1.00 72.08  ? 282  ALA B O   1 
ATOM   936  C CB  . ALA B 1 18  ? 5.268   -3.025  -22.614 1.00 67.78  ? 282  ALA B CB  1 
ATOM   937  N N   . ILE B 1 19  ? 8.048   -2.590  -24.167 1.00 64.83  ? 283  ILE B N   1 
ATOM   938  C CA  . ILE B 1 19  ? 9.504   -2.462  -24.126 1.00 64.66  ? 283  ILE B CA  1 
ATOM   939  C C   . ILE B 1 19  ? 9.974   -1.198  -24.850 1.00 72.88  ? 283  ILE B C   1 
ATOM   940  O O   . ILE B 1 19  ? 10.894  -0.520  -24.396 1.00 73.25  ? 283  ILE B O   1 
ATOM   941  C CB  . ILE B 1 19  ? 10.210  -3.713  -24.709 1.00 64.86  ? 283  ILE B CB  1 
ATOM   942  C CG1 . ILE B 1 19  ? 10.011  -4.924  -23.794 1.00 64.47  ? 283  ILE B CG1 1 
ATOM   943  C CG2 . ILE B 1 19  ? 11.700  -3.464  -24.893 1.00 64.77  ? 283  ILE B CG2 1 
ATOM   944  C CD1 . ILE B 1 19  ? 8.784   -5.752  -24.110 1.00 69.33  ? 283  ILE B CD1 1 
ATOM   945  N N   . SER B 1 20  ? 9.334   -0.879  -25.971 1.00 74.21  ? 284  SER B N   1 
ATOM   946  C CA  . SER B 1 20  ? 9.666   0.337   -26.709 1.00 67.62  ? 284  SER B CA  1 
ATOM   947  C C   . SER B 1 20  ? 9.259   1.580   -25.923 1.00 66.07  ? 284  SER B C   1 
ATOM   948  O O   . SER B 1 20  ? 10.013  2.551   -25.856 1.00 75.42  ? 284  SER B O   1 
ATOM   949  C CB  . SER B 1 20  ? 9.006   0.335   -28.088 1.00 80.31  ? 284  SER B CB  1 
ATOM   950  O OG  . SER B 1 20  ? 9.579   -0.655  -28.923 1.00 88.67  ? 284  SER B OG  1 
ATOM   951  N N   . GLU B 1 21  ? 8.068   1.541   -25.333 1.00 62.71  ? 285  GLU B N   1 
ATOM   952  C CA  . GLU B 1 21  ? 7.603   2.618   -24.465 1.00 64.32  ? 285  GLU B CA  1 
ATOM   953  C C   . GLU B 1 21  ? 8.549   2.752   -23.273 1.00 63.52  ? 285  GLU B C   1 
ATOM   954  O O   . GLU B 1 21  ? 8.771   3.848   -22.756 1.00 65.60  ? 285  GLU B O   1 
ATOM   955  C CB  . GLU B 1 21  ? 6.178   2.343   -23.975 1.00 59.68  ? 285  GLU B CB  1 
ATOM   956  C CG  . GLU B 1 21  ? 5.124   2.238   -25.075 1.00 57.02  ? 285  GLU B CG  1 
ATOM   957  C CD  . GLU B 1 21  ? 4.630   3.589   -25.566 1.00 67.49  ? 285  GLU B CD  1 
ATOM   958  O OE1 . GLU B 1 21  ? 5.341   4.599   -25.378 1.00 70.55  ? 285  GLU B OE1 1 
ATOM   959  O OE2 . GLU B 1 21  ? 3.521   3.641   -26.140 1.00 70.32  ? 285  GLU B OE2 1 
ATOM   960  N N   . LYS B 1 22  ? 9.107   1.619   -22.850 1.00 63.05  ? 286  LYS B N   1 
ATOM   961  C CA  . LYS B 1 22  ? 10.068  1.573   -21.749 1.00 67.77  ? 286  LYS B CA  1 
ATOM   962  C C   . LYS B 1 22  ? 11.358  2.291   -22.113 1.00 66.92  ? 286  LYS B C   1 
ATOM   963  O O   . LYS B 1 22  ? 11.818  3.160   -21.374 1.00 65.29  ? 286  LYS B O   1 
ATOM   964  C CB  . LYS B 1 22  ? 10.382  0.117   -21.364 1.00 63.42  ? 286  LYS B CB  1 
ATOM   965  C CG  . LYS B 1 22  ? 11.474  -0.063  -20.294 1.00 59.49  ? 286  LYS B CG  1 
ATOM   966  C CD  . LYS B 1 22  ? 11.824  -1.528  -20.051 1.00 56.60  ? 286  LYS B CD  1 
ATOM   967  C CE  . LYS B 1 22  ? 12.780  -2.085  -21.081 1.00 67.18  ? 286  LYS B CE  1 
ATOM   968  N NZ  . LYS B 1 22  ? 14.166  -1.551  -20.933 1.00 65.01  ? 286  LYS B NZ  1 
ATOM   969  N N   . ASP B 1 23  ? 11.943  1.909   -23.245 1.00 67.54  ? 287  ASP B N   1 
ATOM   970  C CA  . ASP B 1 23  ? 13.171  2.527   -23.735 1.00 67.91  ? 287  ASP B CA  1 
ATOM   971  C C   . ASP B 1 23  ? 12.962  4.021   -23.955 1.00 62.69  ? 287  ASP B C   1 
ATOM   972  O O   . ASP B 1 23  ? 13.847  4.834   -23.677 1.00 60.79  ? 287  ASP B O   1 
ATOM   973  C CB  . ASP B 1 23  ? 13.628  1.869   -25.043 1.00 64.54  ? 287  ASP B CB  1 
ATOM   974  C CG  . ASP B 1 23  ? 13.830  0.370   -24.910 1.00 68.70  ? 287  ASP B CG  1 
ATOM   975  O OD1 . ASP B 1 23  ? 14.202  -0.089  -23.810 1.00 64.50  ? 287  ASP B OD1 1 
ATOM   976  O OD2 . ASP B 1 23  ? 13.607  -0.353  -25.906 1.00 67.26  ? 287  ASP B OD2 1 
ATOM   977  N N   . ARG B 1 24  ? 11.774  4.374   -24.441 1.00 60.33  ? 288  ARG B N   1 
ATOM   978  C CA  . ARG B 1 24  ? 11.421  5.765   -24.703 1.00 61.51  ? 288  ARG B CA  1 
ATOM   979  C C   . ARG B 1 24  ? 11.367  6.579   -23.413 1.00 65.51  ? 288  ARG B C   1 
ATOM   980  O O   . ARG B 1 24  ? 12.011  7.630   -23.299 1.00 67.10  ? 288  ARG B O   1 
ATOM   981  C CB  . ARG B 1 24  ? 10.078  5.839   -25.437 1.00 58.13  ? 288  ARG B CB  1 
ATOM   982  C CG  . ARG B 1 24  ? 9.618   7.245   -25.771 1.00 65.96  ? 288  ARG B CG  1 
ATOM   983  C CD  . ARG B 1 24  ? 8.335   7.228   -26.600 1.00 68.54  ? 288  ARG B CD  1 
ATOM   984  N NE  . ARG B 1 24  ? 7.881   8.576   -26.930 1.00 64.21  ? 288  ARG B NE  1 
ATOM   985  C CZ  . ARG B 1 24  ? 8.383   9.315   -27.916 1.00 69.16  ? 288  ARG B CZ  1 
ATOM   986  N NH1 . ARG B 1 24  ? 9.362   8.843   -28.676 1.00 73.92  ? 288  ARG B NH1 1 
ATOM   987  N NH2 . ARG B 1 24  ? 7.909   10.533  -28.139 1.00 67.85  ? 288  ARG B NH2 1 
ATOM   988  N N   . GLY B 1 25  ? 10.598  6.084   -22.446 1.00 58.78  ? 289  GLY B N   1 
ATOM   989  C CA  . GLY B 1 25  ? 10.490  6.717   -21.144 1.00 53.43  ? 289  GLY B CA  1 
ATOM   990  C C   . GLY B 1 25  ? 11.838  6.818   -20.462 1.00 61.16  ? 289  GLY B C   1 
ATOM   991  O O   . GLY B 1 25  ? 12.093  7.745   -19.693 1.00 64.93  ? 289  GLY B O   1 
ATOM   992  N N   . ASN B 1 26  ? 12.707  5.856   -20.752 1.00 58.86  ? 290  ASN B N   1 
ATOM   993  C CA  . ASN B 1 26  ? 14.078  5.899   -20.267 1.00 62.56  ? 290  ASN B CA  1 
ATOM   994  C C   . ASN B 1 26  ? 14.848  7.030   -20.929 1.00 66.94  ? 290  ASN B C   1 
ATOM   995  O O   . ASN B 1 26  ? 15.660  7.696   -20.290 1.00 68.41  ? 290  ASN B O   1 
ATOM   996  C CB  . ASN B 1 26  ? 14.786  4.573   -20.531 1.00 61.16  ? 290  ASN B CB  1 
ATOM   997  C CG  . ASN B 1 26  ? 14.256  3.451   -19.671 1.00 63.22  ? 290  ASN B CG  1 
ATOM   998  O OD1 . ASN B 1 26  ? 13.273  3.618   -18.947 1.00 64.75  ? 290  ASN B OD1 1 
ATOM   999  N ND2 . ASN B 1 26  ? 14.899  2.296   -19.748 1.00 63.84  ? 290  ASN B ND2 1 
ATOM   1000 N N   . GLY B 1 27  ? 14.585  7.242   -22.214 1.00 67.60  ? 291  GLY B N   1 
ATOM   1001 C CA  . GLY B 1 27  ? 15.208  8.329   -22.947 1.00 64.81  ? 291  GLY B CA  1 
ATOM   1002 C C   . GLY B 1 27  ? 14.817  9.672   -22.362 1.00 68.16  ? 291  GLY B C   1 
ATOM   1003 O O   . GLY B 1 27  ? 15.659  10.555  -22.187 1.00 64.30  ? 291  GLY B O   1 
ATOM   1004 N N   . PHE B 1 28  ? 13.533  9.820   -22.051 1.00 68.09  ? 292  PHE B N   1 
ATOM   1005 C CA  . PHE B 1 28  ? 13.036  11.043  -21.428 1.00 60.77  ? 292  PHE B CA  1 
ATOM   1006 C C   . PHE B 1 28  ? 13.566  11.214  -20.005 1.00 66.02  ? 292  PHE B C   1 
ATOM   1007 O O   . PHE B 1 28  ? 13.817  12.332  -19.558 1.00 69.42  ? 292  PHE B O   1 
ATOM   1008 C CB  . PHE B 1 28  ? 11.507  11.055  -21.420 1.00 61.34  ? 292  PHE B CB  1 
ATOM   1009 C CG  . PHE B 1 28  ? 10.900  11.502  -22.716 1.00 60.06  ? 292  PHE B CG  1 
ATOM   1010 C CD1 . PHE B 1 28  ? 11.404  12.602  -23.389 1.00 63.38  ? 292  PHE B CD1 1 
ATOM   1011 C CD2 . PHE B 1 28  ? 9.827   10.820  -23.265 1.00 61.75  ? 292  PHE B CD2 1 
ATOM   1012 C CE1 . PHE B 1 28  ? 10.846  13.017  -24.583 1.00 61.75  ? 292  PHE B CE1 1 
ATOM   1013 C CE2 . PHE B 1 28  ? 9.266   11.229  -24.459 1.00 64.98  ? 292  PHE B CE2 1 
ATOM   1014 C CZ  . PHE B 1 28  ? 9.776   12.328  -25.118 1.00 56.91  ? 292  PHE B CZ  1 
ATOM   1015 N N   . PHE B 1 29  ? 13.730  10.099  -19.303 1.00 61.79  ? 293  PHE B N   1 
ATOM   1016 C CA  . PHE B 1 29  ? 14.245  10.113  -17.939 1.00 56.59  ? 293  PHE B CA  1 
ATOM   1017 C C   . PHE B 1 29  ? 15.699  10.565  -17.921 1.00 65.12  ? 293  PHE B C   1 
ATOM   1018 O O   . PHE B 1 29  ? 16.115  11.323  -17.045 1.00 67.40  ? 293  PHE B O   1 
ATOM   1019 C CB  . PHE B 1 29  ? 14.117  8.722   -17.312 1.00 58.90  ? 293  PHE B CB  1 
ATOM   1020 C CG  . PHE B 1 29  ? 14.534  8.662   -15.870 1.00 62.13  ? 293  PHE B CG  1 
ATOM   1021 C CD1 . PHE B 1 29  ? 13.623  8.926   -14.862 1.00 58.08  ? 293  PHE B CD1 1 
ATOM   1022 C CD2 . PHE B 1 29  ? 15.834  8.329   -15.522 1.00 66.32  ? 293  PHE B CD2 1 
ATOM   1023 C CE1 . PHE B 1 29  ? 14.001  8.868   -13.533 1.00 55.44  ? 293  PHE B CE1 1 
ATOM   1024 C CE2 . PHE B 1 29  ? 16.218  8.270   -14.195 1.00 65.86  ? 293  PHE B CE2 1 
ATOM   1025 C CZ  . PHE B 1 29  ? 15.300  8.540   -13.200 1.00 54.10  ? 293  PHE B CZ  1 
ATOM   1026 N N   . LYS B 1 30  ? 16.469  10.093  -18.898 1.00 69.53  ? 294  LYS B N   1 
ATOM   1027 C CA  . LYS B 1 30  ? 17.885  10.424  -18.990 1.00 70.09  ? 294  LYS B CA  1 
ATOM   1028 C C   . LYS B 1 30  ? 18.106  11.892  -19.342 1.00 71.54  ? 294  LYS B C   1 
ATOM   1029 O O   . LYS B 1 30  ? 19.107  12.484  -18.943 1.00 74.81  ? 294  LYS B O   1 
ATOM   1030 C CB  . LYS B 1 30  ? 18.586  9.524   -20.011 1.00 69.42  ? 294  LYS B CB  1 
ATOM   1031 C CG  . LYS B 1 30  ? 18.703  8.068   -19.586 1.00 66.00  ? 294  LYS B CG  1 
ATOM   1032 C CD  . LYS B 1 30  ? 19.469  7.932   -18.281 1.00 74.20  ? 294  LYS B CD  1 
ATOM   1033 N N   . GLU B 1 31  ? 17.173  12.478  -20.087 1.00 71.39  ? 295  GLU B N   1 
ATOM   1034 C CA  . GLU B 1 31  ? 17.295  13.882  -20.469 1.00 74.33  ? 295  GLU B CA  1 
ATOM   1035 C C   . GLU B 1 31  ? 16.479  14.808  -19.565 1.00 65.65  ? 295  GLU B C   1 
ATOM   1036 O O   . GLU B 1 31  ? 16.218  15.959  -19.911 1.00 68.21  ? 295  GLU B O   1 
ATOM   1037 C CB  . GLU B 1 31  ? 16.941  14.096  -21.946 1.00 74.06  ? 295  GLU B CB  1 
ATOM   1038 C CG  . GLU B 1 31  ? 15.486  13.855  -22.308 1.00 73.71  ? 295  GLU B CG  1 
ATOM   1039 C CD  . GLU B 1 31  ? 15.201  14.159  -23.769 1.00 75.47  ? 295  GLU B CD  1 
ATOM   1040 O OE1 . GLU B 1 31  ? 16.168  14.327  -24.542 1.00 69.81  ? 295  GLU B OE1 1 
ATOM   1041 O OE2 . GLU B 1 31  ? 14.013  14.236  -24.146 1.00 78.76  ? 295  GLU B OE2 1 
ATOM   1042 N N   . GLY B 1 32  ? 16.080  14.293  -18.405 1.00 63.06  ? 296  GLY B N   1 
ATOM   1043 C CA  . GLY B 1 32  ? 15.467  15.111  -17.374 1.00 64.57  ? 296  GLY B CA  1 
ATOM   1044 C C   . GLY B 1 32  ? 13.984  15.388  -17.524 1.00 59.39  ? 296  GLY B C   1 
ATOM   1045 O O   . GLY B 1 32  ? 13.390  16.063  -16.682 1.00 58.76  ? 296  GLY B O   1 
ATOM   1046 N N   . LYS B 1 33  ? 13.378  14.876  -18.589 1.00 59.39  ? 297  LYS B N   1 
ATOM   1047 C CA  . LYS B 1 33  ? 11.952  15.087  -18.818 1.00 60.22  ? 297  LYS B CA  1 
ATOM   1048 C C   . LYS B 1 33  ? 11.125  13.953  -18.223 1.00 59.08  ? 297  LYS B C   1 
ATOM   1049 O O   . LYS B 1 33  ? 10.685  13.050  -18.935 1.00 64.43  ? 297  LYS B O   1 
ATOM   1050 C CB  . LYS B 1 33  ? 11.662  15.247  -20.312 1.00 62.94  ? 297  LYS B CB  1 
ATOM   1051 C CG  . LYS B 1 33  ? 12.338  16.459  -20.937 1.00 62.28  ? 297  LYS B CG  1 
ATOM   1052 C CD  . LYS B 1 33  ? 11.953  16.626  -22.397 1.00 70.99  ? 297  LYS B CD  1 
ATOM   1053 C CE  . LYS B 1 33  ? 12.610  17.858  -22.999 1.00 64.62  ? 297  LYS B CE  1 
ATOM   1054 N NZ  . LYS B 1 33  ? 12.245  18.043  -24.431 1.00 57.89  ? 297  LYS B NZ  1 
ATOM   1055 N N   . TYR B 1 34  ? 10.914  14.013  -16.911 1.00 59.65  ? 298  TYR B N   1 
ATOM   1056 C CA  . TYR B 1 34  ? 10.235  12.944  -16.186 1.00 59.37  ? 298  TYR B CA  1 
ATOM   1057 C C   . TYR B 1 34  ? 8.742   12.885  -16.483 1.00 56.85  ? 298  TYR B C   1 
ATOM   1058 O O   . TYR B 1 34  ? 8.144   11.809  -16.478 1.00 57.32  ? 298  TYR B O   1 
ATOM   1059 C CB  . TYR B 1 34  ? 10.457  13.099  -14.680 1.00 59.10  ? 298  TYR B CB  1 
ATOM   1060 C CG  . TYR B 1 34  ? 11.907  13.275  -14.296 1.00 59.74  ? 298  TYR B CG  1 
ATOM   1061 C CD1 . TYR B 1 34  ? 12.813  12.234  -14.438 1.00 60.49  ? 298  TYR B CD1 1 
ATOM   1062 C CD2 . TYR B 1 34  ? 12.369  14.481  -13.786 1.00 60.34  ? 298  TYR B CD2 1 
ATOM   1063 C CE1 . TYR B 1 34  ? 14.141  12.390  -14.090 1.00 60.57  ? 298  TYR B CE1 1 
ATOM   1064 C CE2 . TYR B 1 34  ? 13.695  14.646  -13.433 1.00 60.11  ? 298  TYR B CE2 1 
ATOM   1065 C CZ  . TYR B 1 34  ? 14.575  13.597  -13.587 1.00 57.21  ? 298  TYR B CZ  1 
ATOM   1066 O OH  . TYR B 1 34  ? 15.898  13.754  -13.237 1.00 62.45  ? 298  TYR B OH  1 
ATOM   1067 N N   . GLU B 1 35  ? 8.144   14.046  -16.737 1.00 59.57  ? 299  GLU B N   1 
ATOM   1068 C CA  . GLU B 1 35  ? 6.708   14.132  -16.977 1.00 54.85  ? 299  GLU B CA  1 
ATOM   1069 C C   . GLU B 1 35  ? 6.299   13.314  -18.202 1.00 58.26  ? 299  GLU B C   1 
ATOM   1070 O O   . GLU B 1 35  ? 5.257   12.660  -18.199 1.00 52.29  ? 299  GLU B O   1 
ATOM   1071 C CB  . GLU B 1 35  ? 6.278   15.593  -17.139 1.00 48.19  ? 299  GLU B CB  1 
ATOM   1072 C CG  . GLU B 1 35  ? 4.847   15.868  -16.705 1.00 51.35  ? 299  GLU B CG  1 
ATOM   1073 C CD  . GLU B 1 35  ? 4.654   15.708  -15.208 1.00 51.39  ? 299  GLU B CD  1 
ATOM   1074 O OE1 . GLU B 1 35  ? 5.555   16.115  -14.444 1.00 55.39  ? 299  GLU B OE1 1 
ATOM   1075 O OE2 . GLU B 1 35  ? 3.604   15.173  -14.796 1.00 53.78  ? 299  GLU B OE2 1 
ATOM   1076 N N   . ARG B 1 36  ? 7.132   13.342  -19.237 1.00 57.83  ? 300  ARG B N   1 
ATOM   1077 C CA  . ARG B 1 36  ? 6.876   12.570  -20.449 1.00 52.13  ? 300  ARG B CA  1 
ATOM   1078 C C   . ARG B 1 36  ? 7.145   11.083  -20.220 1.00 57.37  ? 300  ARG B C   1 
ATOM   1079 O O   . ARG B 1 36  ? 6.413   10.218  -20.718 1.00 61.07  ? 300  ARG B O   1 
ATOM   1080 C CB  . ARG B 1 36  ? 7.739   13.086  -21.603 1.00 59.23  ? 300  ARG B CB  1 
ATOM   1081 C CG  . ARG B 1 36  ? 7.531   14.557  -21.934 1.00 69.86  ? 300  ARG B CG  1 
ATOM   1082 C CD  . ARG B 1 36  ? 7.365   14.753  -23.433 1.00 73.91  ? 300  ARG B CD  1 
ATOM   1083 N NE  . ARG B 1 36  ? 8.466   15.494  -24.042 1.00 80.55  ? 300  ARG B NE  1 
ATOM   1084 C CZ  . ARG B 1 36  ? 8.713   15.514  -25.347 1.00 76.56  ? 300  ARG B CZ  1 
ATOM   1085 N NH1 . ARG B 1 36  ? 7.944   14.823  -26.179 1.00 62.75  ? 300  ARG B NH1 1 
ATOM   1086 N NH2 . ARG B 1 36  ? 9.733   16.216  -25.824 1.00 86.17  ? 300  ARG B NH2 1 
ATOM   1087 N N   . ALA B 1 37  ? 8.201   10.799  -19.463 1.00 53.47  ? 301  ALA B N   1 
ATOM   1088 C CA  . ALA B 1 37  ? 8.567   9.431   -19.114 1.00 56.75  ? 301  ALA B CA  1 
ATOM   1089 C C   . ALA B 1 37  ? 7.415   8.731   -18.404 1.00 57.80  ? 301  ALA B C   1 
ATOM   1090 O O   . ALA B 1 37  ? 7.121   7.564   -18.677 1.00 60.54  ? 301  ALA B O   1 
ATOM   1091 C CB  . ALA B 1 37  ? 9.807   9.428   -18.238 1.00 56.51  ? 301  ALA B CB  1 
ATOM   1092 N N   . ILE B 1 38  ? 6.770   9.458   -17.496 1.00 54.63  ? 302  ILE B N   1 
ATOM   1093 C CA  . ILE B 1 38  ? 5.589   8.968   -16.796 1.00 60.78  ? 302  ILE B CA  1 
ATOM   1094 C C   . ILE B 1 38  ? 4.531   8.503   -17.789 1.00 59.64  ? 302  ILE B C   1 
ATOM   1095 O O   . ILE B 1 38  ? 3.944   7.433   -17.633 1.00 57.26  ? 302  ILE B O   1 
ATOM   1096 C CB  . ILE B 1 38  ? 4.982   10.063  -15.891 1.00 58.49  ? 302  ILE B CB  1 
ATOM   1097 C CG1 . ILE B 1 38  ? 5.903   10.349  -14.705 1.00 54.48  ? 302  ILE B CG1 1 
ATOM   1098 C CG2 . ILE B 1 38  ? 3.606   9.649   -15.392 1.00 57.50  ? 302  ILE B CG2 1 
ATOM   1099 C CD1 . ILE B 1 38  ? 5.991   9.212   -13.717 1.00 59.43  ? 302  ILE B CD1 1 
ATOM   1100 N N   . GLU B 1 39  ? 4.307   9.310   -18.820 1.00 55.43  ? 303  GLU B N   1 
ATOM   1101 C CA  . GLU B 1 39  ? 3.325   8.994   -19.849 1.00 56.03  ? 303  GLU B CA  1 
ATOM   1102 C C   . GLU B 1 39  ? 3.710   7.742   -20.628 1.00 58.64  ? 303  GLU B C   1 
ATOM   1103 O O   . GLU B 1 39  ? 2.877   6.858   -20.853 1.00 55.00  ? 303  GLU B O   1 
ATOM   1104 C CB  . GLU B 1 39  ? 3.161   10.178  -20.803 1.00 55.36  ? 303  GLU B CB  1 
ATOM   1105 C CG  . GLU B 1 39  ? 2.147   9.955   -21.909 1.00 55.62  ? 303  GLU B CG  1 
ATOM   1106 C CD  . GLU B 1 39  ? 0.716   9.954   -21.406 1.00 59.42  ? 303  GLU B CD  1 
ATOM   1107 O OE1 . GLU B 1 39  ? 0.487   10.301  -20.228 1.00 56.94  ? 303  GLU B OE1 1 
ATOM   1108 O OE2 . GLU B 1 39  ? -0.185  9.609   -22.198 1.00 63.95  ? 303  GLU B OE2 1 
ATOM   1109 N N   . CYS B 1 40  ? 4.975   7.671   -21.038 1.00 59.09  ? 304  CYS B N   1 
ATOM   1110 C CA  . CYS B 1 40  ? 5.469   6.522   -21.795 1.00 58.93  ? 304  CYS B CA  1 
ATOM   1111 C C   . CYS B 1 40  ? 5.315   5.218   -21.013 1.00 58.85  ? 304  CYS B C   1 
ATOM   1112 O O   . CYS B 1 40  ? 4.838   4.212   -21.545 1.00 54.48  ? 304  CYS B O   1 
ATOM   1113 C CB  . CYS B 1 40  ? 6.932   6.733   -22.193 1.00 58.63  ? 304  CYS B CB  1 
ATOM   1114 S SG  . CYS B 1 40  ? 7.218   8.176   -23.245 1.00 68.09  ? 304  CYS B SG  1 
ATOM   1115 N N   . TYR B 1 41  ? 5.718   5.247   -19.745 1.00 58.58  ? 305  TYR B N   1 
ATOM   1116 C CA  . TYR B 1 41  ? 5.585   4.085   -18.873 1.00 58.53  ? 305  TYR B CA  1 
ATOM   1117 C C   . TYR B 1 41  ? 4.116   3.720   -18.681 1.00 56.59  ? 305  TYR B C   1 
ATOM   1118 O O   . TYR B 1 41  ? 3.746   2.546   -18.735 1.00 56.98  ? 305  TYR B O   1 
ATOM   1119 C CB  . TYR B 1 41  ? 6.240   4.354   -17.518 1.00 52.00  ? 305  TYR B CB  1 
ATOM   1120 C CG  . TYR B 1 41  ? 7.729   4.609   -17.593 1.00 48.78  ? 305  TYR B CG  1 
ATOM   1121 C CD1 . TYR B 1 41  ? 8.519   3.963   -18.535 1.00 51.80  ? 305  TYR B CD1 1 
ATOM   1122 C CD2 . TYR B 1 41  ? 8.344   5.498   -16.722 1.00 54.13  ? 305  TYR B CD2 1 
ATOM   1123 C CE1 . TYR B 1 41  ? 9.880   4.194   -18.606 1.00 51.74  ? 305  TYR B CE1 1 
ATOM   1124 C CE2 . TYR B 1 41  ? 9.702   5.736   -16.786 1.00 56.47  ? 305  TYR B CE2 1 
ATOM   1125 C CZ  . TYR B 1 41  ? 10.466  5.083   -17.729 1.00 54.57  ? 305  TYR B CZ  1 
ATOM   1126 O OH  . TYR B 1 41  ? 11.821  5.317   -17.794 1.00 52.83  ? 305  TYR B OH  1 
ATOM   1127 N N   . THR B 1 42  ? 3.290   4.739   -18.460 1.00 54.67  ? 306  THR B N   1 
ATOM   1128 C CA  . THR B 1 42  ? 1.849   4.570   -18.291 1.00 58.32  ? 306  THR B CA  1 
ATOM   1129 C C   . THR B 1 42  ? 1.239   3.819   -19.467 1.00 58.96  ? 306  THR B C   1 
ATOM   1130 O O   . THR B 1 42  ? 0.446   2.892   -19.287 1.00 51.71  ? 306  THR B O   1 
ATOM   1131 C CB  . THR B 1 42  ? 1.143   5.934   -18.158 1.00 55.62  ? 306  THR B CB  1 
ATOM   1132 O OG1 . THR B 1 42  ? 1.695   6.653   -17.049 1.00 54.27  ? 306  THR B OG1 1 
ATOM   1133 C CG2 . THR B 1 42  ? -0.352  5.752   -17.949 1.00 55.71  ? 306  THR B CG2 1 
ATOM   1134 N N   . ARG B 1 43  ? 1.619   4.222   -20.674 1.00 61.57  ? 307  ARG B N   1 
ATOM   1135 C CA  . ARG B 1 43  ? 1.133   3.560   -21.880 1.00 57.27  ? 307  ARG B CA  1 
ATOM   1136 C C   . ARG B 1 43  ? 1.703   2.156   -22.013 1.00 56.89  ? 307  ARG B C   1 
ATOM   1137 O O   . ARG B 1 43  ? 1.030   1.246   -22.502 1.00 61.64  ? 307  ARG B O   1 
ATOM   1138 C CB  . ARG B 1 43  ? 1.476   4.387   -23.116 1.00 58.34  ? 307  ARG B CB  1 
ATOM   1139 C CG  . ARG B 1 43  ? 0.758   5.716   -23.165 1.00 59.89  ? 307  ARG B CG  1 
ATOM   1140 C CD  . ARG B 1 43  ? 1.248   6.561   -24.321 1.00 62.85  ? 307  ARG B CD  1 
ATOM   1141 N NE  . ARG B 1 43  ? 0.428   7.753   -24.491 1.00 61.50  ? 307  ARG B NE  1 
ATOM   1142 C CZ  . ARG B 1 43  ? -0.652  7.808   -25.261 1.00 63.77  ? 307  ARG B CZ  1 
ATOM   1143 N NH1 . ARG B 1 43  ? -1.040  6.736   -25.940 1.00 60.19  ? 307  ARG B NH1 1 
ATOM   1144 N NH2 . ARG B 1 43  ? -1.343  8.934   -25.353 1.00 67.78  ? 307  ARG B NH2 1 
ATOM   1145 N N   . GLY B 1 44  ? 2.946   1.984   -21.580 1.00 57.02  ? 308  GLY B N   1 
ATOM   1146 C CA  . GLY B 1 44  ? 3.586   0.685   -21.624 1.00 56.34  ? 308  GLY B CA  1 
ATOM   1147 C C   . GLY B 1 44  ? 2.859   -0.332  -20.767 1.00 58.56  ? 308  GLY B C   1 
ATOM   1148 O O   . GLY B 1 44  ? 2.708   -1.486  -21.152 1.00 59.12  ? 308  GLY B O   1 
ATOM   1149 N N   . ILE B 1 45  ? 2.408   0.100   -19.591 1.00 58.37  ? 309  ILE B N   1 
ATOM   1150 C CA  . ILE B 1 45  ? 1.677   -0.790  -18.698 1.00 54.33  ? 309  ILE B CA  1 
ATOM   1151 C C   . ILE B 1 45  ? 0.347   -1.227  -19.310 1.00 63.50  ? 309  ILE B C   1 
ATOM   1152 O O   . ILE B 1 45  ? -0.102  -2.352  -19.095 1.00 66.66  ? 309  ILE B O   1 
ATOM   1153 C CB  . ILE B 1 45  ? 1.435   -0.130  -17.333 1.00 59.39  ? 309  ILE B CB  1 
ATOM   1154 C CG1 . ILE B 1 45  ? 2.769   0.230   -16.688 1.00 58.02  ? 309  ILE B CG1 1 
ATOM   1155 C CG2 . ILE B 1 45  ? 0.670   -1.061  -16.399 1.00 50.25  ? 309  ILE B CG2 1 
ATOM   1156 C CD1 . ILE B 1 45  ? 2.622   0.834   -15.311 1.00 42.16  ? 309  ILE B CD1 1 
ATOM   1157 N N   . ALA B 1 46  ? -0.268  -0.342  -20.090 1.00 65.13  ? 310  ALA B N   1 
ATOM   1158 C CA  . ALA B 1 46  ? -1.544  -0.633  -20.748 1.00 54.07  ? 310  ALA B CA  1 
ATOM   1159 C C   . ALA B 1 46  ? -1.466  -1.829  -21.697 1.00 53.67  ? 310  ALA B C   1 
ATOM   1160 O O   . ALA B 1 46  ? -2.482  -2.461  -22.010 1.00 59.67  ? 310  ALA B O   1 
ATOM   1161 C CB  . ALA B 1 46  ? -2.049  0.602   -21.491 1.00 52.04  ? 310  ALA B CB  1 
ATOM   1162 N N   . ALA B 1 47  ? -0.258  -2.124  -22.165 1.00 56.57  ? 311  ALA B N   1 
ATOM   1163 C CA  . ALA B 1 47  ? -0.026  -3.283  -23.016 1.00 68.19  ? 311  ALA B CA  1 
ATOM   1164 C C   . ALA B 1 47  ? 0.325   -4.502  -22.170 1.00 72.67  ? 311  ALA B C   1 
ATOM   1165 O O   . ALA B 1 47  ? -0.529  -5.342  -21.888 1.00 74.24  ? 311  ALA B O   1 
ATOM   1166 C CB  . ALA B 1 47  ? 1.081   -2.998  -24.028 1.00 64.01  ? 311  ALA B CB  1 
ATOM   1167 N N   . ASP B 1 48  ? 1.589   -4.589  -21.769 1.00 69.68  ? 312  ASP B N   1 
ATOM   1168 C CA  . ASP B 1 48  ? 2.054   -5.686  -20.929 1.00 67.72  ? 312  ASP B CA  1 
ATOM   1169 C C   . ASP B 1 48  ? 2.014   -5.299  -19.454 1.00 71.47  ? 312  ASP B C   1 
ATOM   1170 O O   . ASP B 1 48  ? 2.927   -4.648  -18.943 1.00 73.65  ? 312  ASP B O   1 
ATOM   1171 C CB  . ASP B 1 48  ? 3.468   -6.108  -21.334 1.00 66.99  ? 312  ASP B CB  1 
ATOM   1172 C CG  . ASP B 1 48  ? 3.976   -7.293  -20.535 1.00 69.66  ? 312  ASP B CG  1 
ATOM   1173 O OD1 . ASP B 1 48  ? 3.146   -8.092  -20.051 1.00 65.30  ? 312  ASP B OD1 1 
ATOM   1174 O OD2 . ASP B 1 48  ? 5.210   -7.429  -20.395 1.00 72.15  ? 312  ASP B OD2 1 
ATOM   1175 N N   . GLY B 1 49  ? 0.948   -5.706  -18.773 1.00 66.89  ? 313  GLY B N   1 
ATOM   1176 C CA  . GLY B 1 49  ? 0.774   -5.385  -17.369 1.00 63.33  ? 313  GLY B CA  1 
ATOM   1177 C C   . GLY B 1 49  ? 1.397   -6.407  -16.437 1.00 64.08  ? 313  GLY B C   1 
ATOM   1178 O O   . GLY B 1 49  ? 1.106   -6.422  -15.241 1.00 64.19  ? 313  GLY B O   1 
ATOM   1179 N N   . ALA B 1 50  ? 2.256   -7.262  -16.984 1.00 61.59  ? 314  ALA B N   1 
ATOM   1180 C CA  . ALA B 1 50  ? 2.920   -8.292  -16.195 1.00 61.49  ? 314  ALA B CA  1 
ATOM   1181 C C   . ALA B 1 50  ? 4.428   -8.072  -16.164 1.00 66.98  ? 314  ALA B C   1 
ATOM   1182 O O   . ALA B 1 50  ? 5.195   -9.000  -15.907 1.00 66.76  ? 314  ALA B O   1 
ATOM   1183 C CB  . ALA B 1 50  ? 2.593   -9.672  -16.745 1.00 62.30  ? 314  ALA B CB  1 
ATOM   1184 N N   . ASN B 1 51  ? 4.844   -6.839  -16.430 1.00 67.65  ? 315  ASN B N   1 
ATOM   1185 C CA  . ASN B 1 51  ? 6.254   -6.480  -16.425 1.00 59.94  ? 315  ASN B CA  1 
ATOM   1186 C C   . ASN B 1 51  ? 6.554   -5.423  -15.370 1.00 66.96  ? 315  ASN B C   1 
ATOM   1187 O O   . ASN B 1 51  ? 6.293   -4.242  -15.578 1.00 66.12  ? 315  ASN B O   1 
ATOM   1188 C CB  . ASN B 1 51  ? 6.670   -5.972  -17.805 1.00 54.33  ? 315  ASN B CB  1 
ATOM   1189 C CG  . ASN B 1 51  ? 8.166   -5.808  -17.938 1.00 63.18  ? 315  ASN B CG  1 
ATOM   1190 O OD1 . ASN B 1 51  ? 8.923   -6.223  -17.066 1.00 72.62  ? 315  ASN B OD1 1 
ATOM   1191 N ND2 . ASN B 1 51  ? 8.602   -5.211  -19.039 1.00 50.10  ? 315  ASN B ND2 1 
ATOM   1192 N N   . ALA B 1 52  ? 7.112   -5.859  -14.245 1.00 70.84  ? 316  ALA B N   1 
ATOM   1193 C CA  . ALA B 1 52  ? 7.388   -4.978  -13.105 1.00 69.84  ? 316  ALA B CA  1 
ATOM   1194 C C   . ALA B 1 52  ? 8.298   -3.801  -13.436 1.00 67.62  ? 316  ALA B C   1 
ATOM   1195 O O   . ALA B 1 52  ? 8.329   -2.788  -12.719 1.00 71.06  ? 316  ALA B O   1 
ATOM   1196 C CB  . ALA B 1 52  ? 7.984   -5.783  -11.967 1.00 63.67  ? 316  ALA B CB  1 
ATOM   1197 N N   . LEU B 1 53  ? 9.042   -3.951  -14.524 1.00 61.98  ? 317  LEU B N   1 
ATOM   1198 C CA  . LEU B 1 53  ? 10.012  -2.958  -14.947 1.00 65.62  ? 317  LEU B CA  1 
ATOM   1199 C C   . LEU B 1 53  ? 9.370   -1.582  -15.142 1.00 66.12  ? 317  LEU B C   1 
ATOM   1200 O O   . LEU B 1 53  ? 9.874   -0.578  -14.639 1.00 71.98  ? 317  LEU B O   1 
ATOM   1201 C CB  . LEU B 1 53  ? 10.687  -3.426  -16.236 1.00 58.77  ? 317  LEU B CB  1 
ATOM   1202 C CG  . LEU B 1 53  ? 12.152  -3.058  -16.473 1.00 61.97  ? 317  LEU B CG  1 
ATOM   1203 C CD1 . LEU B 1 53  ? 12.947  -3.019  -15.172 1.00 62.75  ? 317  LEU B CD1 1 
ATOM   1204 C CD2 . LEU B 1 53  ? 12.763  -4.048  -17.453 1.00 66.71  ? 317  LEU B CD2 1 
ATOM   1205 N N   . LEU B 1 54  ? 8.246   -1.546  -15.852 1.00 56.58  ? 318  LEU B N   1 
ATOM   1206 C CA  . LEU B 1 54  ? 7.565   -0.285  -16.169 1.00 57.17  ? 318  LEU B CA  1 
ATOM   1207 C C   . LEU B 1 54  ? 7.009   0.469   -14.944 1.00 60.62  ? 318  LEU B C   1 
ATOM   1208 O O   . LEU B 1 54  ? 7.240   1.676   -14.808 1.00 60.61  ? 318  LEU B O   1 
ATOM   1209 C CB  . LEU B 1 54  ? 6.482   -0.494  -17.241 1.00 54.45  ? 318  LEU B CB  1 
ATOM   1210 C CG  . LEU B 1 54  ? 6.880   -0.630  -18.717 1.00 51.53  ? 318  LEU B CG  1 
ATOM   1211 C CD1 . LEU B 1 54  ? 8.160   -1.427  -18.922 1.00 53.97  ? 318  LEU B CD1 1 
ATOM   1212 C CD2 . LEU B 1 54  ? 5.752   -1.291  -19.464 1.00 50.09  ? 318  LEU B CD2 1 
ATOM   1213 N N   . PRO B 1 55  ? 6.271   -0.226  -14.051 1.00 61.19  ? 319  PRO B N   1 
ATOM   1214 C CA  . PRO B 1 55  ? 5.864   0.489   -12.836 1.00 58.32  ? 319  PRO B CA  1 
ATOM   1215 C C   . PRO B 1 55  ? 7.045   0.844   -11.940 1.00 61.16  ? 319  PRO B C   1 
ATOM   1216 O O   . PRO B 1 55  ? 6.962   1.823   -11.200 1.00 63.35  ? 319  PRO B O   1 
ATOM   1217 C CB  . PRO B 1 55  ? 4.937   -0.508  -12.128 1.00 54.05  ? 319  PRO B CB  1 
ATOM   1218 C CG  . PRO B 1 55  ? 5.281   -1.832  -12.696 1.00 61.22  ? 319  PRO B CG  1 
ATOM   1219 C CD  . PRO B 1 55  ? 5.661   -1.563  -14.119 1.00 63.65  ? 319  PRO B CD  1 
ATOM   1220 N N   . ALA B 1 56  ? 8.125   0.069   -11.998 1.00 57.49  ? 320  ALA B N   1 
ATOM   1221 C CA  . ALA B 1 56  ? 9.327   0.412   -11.240 1.00 53.29  ? 320  ALA B CA  1 
ATOM   1222 C C   . ALA B 1 56  ? 9.896   1.753   -11.707 1.00 58.76  ? 320  ALA B C   1 
ATOM   1223 O O   . ALA B 1 56  ? 10.093  2.682   -10.909 1.00 57.86  ? 320  ALA B O   1 
ATOM   1224 C CB  . ALA B 1 56  ? 10.372  -0.682  -11.373 1.00 58.56  ? 320  ALA B CB  1 
ATOM   1225 N N   . ASN B 1 57  ? 10.158  1.841   -13.007 1.00 54.87  ? 321  ASN B N   1 
ATOM   1226 C CA  . ASN B 1 57  ? 10.697  3.057   -13.602 1.00 55.12  ? 321  ASN B CA  1 
ATOM   1227 C C   . ASN B 1 57  ? 9.766   4.253   -13.422 1.00 53.80  ? 321  ASN B C   1 
ATOM   1228 O O   . ASN B 1 57  ? 10.217  5.372   -13.159 1.00 56.86  ? 321  ASN B O   1 
ATOM   1229 C CB  . ASN B 1 57  ? 10.997  2.834   -15.084 1.00 57.91  ? 321  ASN B CB  1 
ATOM   1230 C CG  . ASN B 1 57  ? 12.026  1.744   -15.311 1.00 63.46  ? 321  ASN B CG  1 
ATOM   1231 O OD1 . ASN B 1 57  ? 12.401  1.026   -14.384 1.00 63.02  ? 321  ASN B OD1 1 
ATOM   1232 N ND2 . ASN B 1 57  ? 12.485  1.613   -16.550 1.00 68.72  ? 321  ASN B ND2 1 
ATOM   1233 N N   . ARG B 1 58  ? 8.465   4.010   -13.557 1.00 54.50  ? 322  ARG B N   1 
ATOM   1234 C CA  . ARG B 1 58  ? 7.476   5.060   -13.343 1.00 53.44  ? 322  ARG B CA  1 
ATOM   1235 C C   . ARG B 1 58  ? 7.513   5.526   -11.893 1.00 55.09  ? 322  ARG B C   1 
ATOM   1236 O O   . ARG B 1 58  ? 7.308   6.705   -11.604 1.00 58.12  ? 322  ARG B O   1 
ATOM   1237 C CB  . ARG B 1 58  ? 6.070   4.577   -13.711 1.00 50.87  ? 322  ARG B CB  1 
ATOM   1238 C CG  . ARG B 1 58  ? 5.048   5.701   -13.816 1.00 49.96  ? 322  ARG B CG  1 
ATOM   1239 C CD  . ARG B 1 58  ? 3.700   5.210   -14.325 1.00 56.55  ? 322  ARG B CD  1 
ATOM   1240 N NE  . ARG B 1 58  ? 2.901   4.586   -13.274 1.00 63.39  ? 322  ARG B NE  1 
ATOM   1241 C CZ  . ARG B 1 58  ? 1.642   4.189   -13.430 1.00 56.68  ? 322  ARG B CZ  1 
ATOM   1242 N NH1 . ARG B 1 58  ? 1.034   4.350   -14.598 1.00 54.68  ? 322  ARG B NH1 1 
ATOM   1243 N NH2 . ARG B 1 58  ? 0.990   3.632   -12.419 1.00 61.42  ? 322  ARG B NH2 1 
ATOM   1244 N N   . ALA B 1 59  ? 7.783   4.593   -10.986 1.00 51.53  ? 323  ALA B N   1 
ATOM   1245 C CA  . ALA B 1 59  ? 7.903   4.915   -9.572  1.00 54.01  ? 323  ALA B CA  1 
ATOM   1246 C C   . ALA B 1 59  ? 9.111   5.810   -9.327  1.00 53.97  ? 323  ALA B C   1 
ATOM   1247 O O   . ALA B 1 59  ? 9.030   6.772   -8.562  1.00 50.98  ? 323  ALA B O   1 
ATOM   1248 C CB  . ALA B 1 59  ? 8.003   3.649   -8.740  1.00 56.63  ? 323  ALA B CB  1 
ATOM   1249 N N   . MET B 1 60  ? 10.229  5.495   -9.975  1.00 55.65  ? 324  MET B N   1 
ATOM   1250 C CA  . MET B 1 60  ? 11.421  6.335   -9.851  1.00 50.27  ? 324  MET B CA  1 
ATOM   1251 C C   . MET B 1 60  ? 11.171  7.743   -10.395 1.00 54.78  ? 324  MET B C   1 
ATOM   1252 O O   . MET B 1 60  ? 11.506  8.745   -9.748  1.00 61.90  ? 324  MET B O   1 
ATOM   1253 C CB  . MET B 1 60  ? 12.618  5.695   -10.556 1.00 46.57  ? 324  MET B CB  1 
ATOM   1254 C CG  . MET B 1 60  ? 13.846  6.590   -10.610 1.00 56.80  ? 324  MET B CG  1 
ATOM   1255 S SD  . MET B 1 60  ? 14.337  7.218   -8.991  1.00 61.24  ? 324  MET B SD  1 
ATOM   1256 C CE  . MET B 1 60  ? 14.943  5.725   -8.212  1.00 52.27  ? 324  MET B CE  1 
ATOM   1257 N N   . ALA B 1 61  ? 10.575  7.810   -11.582 1.00 53.61  ? 325  ALA B N   1 
ATOM   1258 C CA  . ALA B 1 61  ? 10.230  9.090   -12.192 1.00 50.82  ? 325  ALA B CA  1 
ATOM   1259 C C   . ALA B 1 61  ? 9.301   9.893   -11.284 1.00 51.32  ? 325  ALA B C   1 
ATOM   1260 O O   . ALA B 1 61  ? 9.394   11.118  -11.210 1.00 55.27  ? 325  ALA B O   1 
ATOM   1261 C CB  . ALA B 1 61  ? 9.596   8.876   -13.556 1.00 48.67  ? 325  ALA B CB  1 
ATOM   1262 N N   . TYR B 1 62  ? 8.409   9.192   -10.590 1.00 54.00  ? 326  TYR B N   1 
ATOM   1263 C CA  . TYR B 1 62  ? 7.534   9.817   -9.605  1.00 52.84  ? 326  TYR B CA  1 
ATOM   1264 C C   . TYR B 1 62  ? 8.338   10.350  -8.425  1.00 55.58  ? 326  TYR B C   1 
ATOM   1265 O O   . TYR B 1 62  ? 8.037   11.418  -7.890  1.00 57.84  ? 326  TYR B O   1 
ATOM   1266 C CB  . TYR B 1 62  ? 6.480   8.823   -9.115  1.00 55.81  ? 326  TYR B CB  1 
ATOM   1267 C CG  . TYR B 1 62  ? 5.206   8.821   -9.930  1.00 50.61  ? 326  TYR B CG  1 
ATOM   1268 C CD1 . TYR B 1 62  ? 4.615   10.011  -10.333 1.00 50.05  ? 326  TYR B CD1 1 
ATOM   1269 C CD2 . TYR B 1 62  ? 4.596   7.629   -10.297 1.00 52.92  ? 326  TYR B CD2 1 
ATOM   1270 C CE1 . TYR B 1 62  ? 3.450   10.014  -11.077 1.00 51.76  ? 326  TYR B CE1 1 
ATOM   1271 C CE2 . TYR B 1 62  ? 3.432   7.621   -11.041 1.00 52.98  ? 326  TYR B CE2 1 
ATOM   1272 C CZ  . TYR B 1 62  ? 2.863   8.817   -11.428 1.00 49.93  ? 326  TYR B CZ  1 
ATOM   1273 O OH  . TYR B 1 62  ? 1.703   8.813   -12.170 1.00 51.24  ? 326  TYR B OH  1 
ATOM   1274 N N   . LEU B 1 63  ? 9.358   9.599   -8.019  1.00 54.99  ? 327  LEU B N   1 
ATOM   1275 C CA  . LEU B 1 63  ? 10.235  10.020  -6.931  1.00 56.51  ? 327  LEU B CA  1 
ATOM   1276 C C   . LEU B 1 63  ? 10.973  11.302  -7.288  1.00 54.03  ? 327  LEU B C   1 
ATOM   1277 O O   . LEU B 1 63  ? 11.229  12.141  -6.425  1.00 49.58  ? 327  LEU B O   1 
ATOM   1278 C CB  . LEU B 1 63  ? 11.246  8.923   -6.586  1.00 54.09  ? 327  LEU B CB  1 
ATOM   1279 C CG  . LEU B 1 63  ? 10.769  7.753   -5.726  1.00 55.42  ? 327  LEU B CG  1 
ATOM   1280 C CD1 . LEU B 1 63  ? 11.910  6.780   -5.477  1.00 48.58  ? 327  LEU B CD1 1 
ATOM   1281 C CD2 . LEU B 1 63  ? 10.199  8.257   -4.411  1.00 53.11  ? 327  LEU B CD2 1 
ATOM   1282 N N   . LYS B 1 64  ? 11.310  11.453  -8.565  1.00 58.59  ? 328  LYS B N   1 
ATOM   1283 C CA  . LYS B 1 64  ? 12.059  12.628  -9.007  1.00 51.34  ? 328  LYS B CA  1 
ATOM   1284 C C   . LYS B 1 64  ? 11.236  13.923  -9.013  1.00 54.73  ? 328  LYS B C   1 
ATOM   1285 O O   . LYS B 1 64  ? 11.794  15.011  -9.154  1.00 56.72  ? 328  LYS B O   1 
ATOM   1286 C CB  . LYS B 1 64  ? 12.687  12.382  -10.381 1.00 52.70  ? 328  LYS B CB  1 
ATOM   1287 C CG  . LYS B 1 64  ? 13.616  11.177  -10.422 1.00 53.60  ? 328  LYS B CG  1 
ATOM   1288 C CD  . LYS B 1 64  ? 15.034  11.565  -10.811 1.00 49.57  ? 328  LYS B CD  1 
ATOM   1289 C CE  . LYS B 1 64  ? 15.644  12.541  -9.818  1.00 52.74  ? 328  LYS B CE  1 
ATOM   1290 N NZ  . LYS B 1 64  ? 17.036  12.913  -10.194 1.00 60.26  ? 328  LYS B NZ  1 
ATOM   1291 N N   . ILE B 1 65  ? 9.919   13.812  -8.858  1.00 55.62  ? 329  ILE B N   1 
ATOM   1292 C CA  . ILE B 1 65  ? 9.057   14.994  -8.832  1.00 53.41  ? 329  ILE B CA  1 
ATOM   1293 C C   . ILE B 1 65  ? 8.255   15.121  -7.536  1.00 56.43  ? 329  ILE B C   1 
ATOM   1294 O O   . ILE B 1 65  ? 7.185   15.732  -7.514  1.00 58.01  ? 329  ILE B O   1 
ATOM   1295 C CB  . ILE B 1 65  ? 8.096   15.042  -10.040 1.00 53.82  ? 329  ILE B CB  1 
ATOM   1296 C CG1 . ILE B 1 65  ? 7.172   13.822  -10.049 1.00 56.65  ? 329  ILE B CG1 1 
ATOM   1297 C CG2 . ILE B 1 65  ? 8.880   15.137  -11.339 1.00 46.54  ? 329  ILE B CG2 1 
ATOM   1298 C CD1 . ILE B 1 65  ? 6.132   13.861  -11.148 1.00 49.10  ? 329  ILE B CD1 1 
ATOM   1299 N N   . GLN B 1 66  ? 8.787   14.540  -6.465  1.00 57.46  ? 330  GLN B N   1 
ATOM   1300 C CA  . GLN B 1 66  ? 8.193   14.647  -5.130  1.00 54.85  ? 330  GLN B CA  1 
ATOM   1301 C C   . GLN B 1 66  ? 6.756   14.127  -5.034  1.00 56.36  ? 330  GLN B C   1 
ATOM   1302 O O   . GLN B 1 66  ? 5.939   14.666  -4.288  1.00 59.48  ? 330  GLN B O   1 
ATOM   1303 C CB  . GLN B 1 66  ? 8.281   16.085  -4.598  1.00 55.97  ? 330  GLN B CB  1 
ATOM   1304 C CG  . GLN B 1 66  ? 9.676   16.514  -4.157  1.00 61.36  ? 330  GLN B CG  1 
ATOM   1305 C CD  . GLN B 1 66  ? 10.632  16.695  -5.322  1.00 69.80  ? 330  GLN B CD  1 
ATOM   1306 O OE1 . GLN B 1 66  ? 10.252  17.206  -6.374  1.00 70.57  ? 330  GLN B OE1 1 
ATOM   1307 N NE2 . GLN B 1 66  ? 11.877  16.266  -5.142  1.00 72.51  ? 330  GLN B NE2 1 
ATOM   1308 N N   . LYS B 1 67  ? 6.457   13.075  -5.788  1.00 52.54  ? 331  LYS B N   1 
ATOM   1309 C CA  . LYS B 1 67  ? 5.183   12.376  -5.656  1.00 54.89  ? 331  LYS B CA  1 
ATOM   1310 C C   . LYS B 1 67  ? 5.443   10.988  -5.089  1.00 59.35  ? 331  LYS B C   1 
ATOM   1311 O O   . LYS B 1 67  ? 5.383   9.983   -5.799  1.00 55.29  ? 331  LYS B O   1 
ATOM   1312 C CB  . LYS B 1 67  ? 4.463   12.291  -7.000  1.00 53.96  ? 331  LYS B CB  1 
ATOM   1313 C CG  . LYS B 1 67  ? 4.020   13.639  -7.536  1.00 53.27  ? 331  LYS B CG  1 
ATOM   1314 C CD  . LYS B 1 67  ? 3.228   13.499  -8.826  1.00 58.98  ? 331  LYS B CD  1 
ATOM   1315 N N   . TYR B 1 68  ? 5.733   10.951  -3.794  1.00 60.34  ? 332  TYR B N   1 
ATOM   1316 C CA  . TYR B 1 68  ? 6.181   9.733   -3.128  1.00 52.11  ? 332  TYR B CA  1 
ATOM   1317 C C   . TYR B 1 68  ? 5.105   8.650   -3.045  1.00 53.44  ? 332  TYR B C   1 
ATOM   1318 O O   . TYR B 1 68  ? 5.417   7.456   -3.025  1.00 60.73  ? 332  TYR B O   1 
ATOM   1319 C CB  . TYR B 1 68  ? 6.719   10.071  -1.736  1.00 50.86  ? 332  TYR B CB  1 
ATOM   1320 C CG  . TYR B 1 68  ? 7.717   11.218  -1.736  1.00 47.79  ? 332  TYR B CG  1 
ATOM   1321 C CD1 . TYR B 1 68  ? 9.004   11.051  -2.248  1.00 50.60  ? 332  TYR B CD1 1 
ATOM   1322 C CD2 . TYR B 1 68  ? 7.366   12.470  -1.228  1.00 50.08  ? 332  TYR B CD2 1 
ATOM   1323 C CE1 . TYR B 1 68  ? 9.919   12.098  -2.250  1.00 51.11  ? 332  TYR B CE1 1 
ATOM   1324 C CE2 . TYR B 1 68  ? 8.271   13.523  -1.225  1.00 53.05  ? 332  TYR B CE2 1 
ATOM   1325 C CZ  . TYR B 1 68  ? 9.546   13.331  -1.737  1.00 55.62  ? 332  TYR B CZ  1 
ATOM   1326 O OH  . TYR B 1 68  ? 10.449  14.374  -1.737  1.00 60.92  ? 332  TYR B OH  1 
ATOM   1327 N N   . GLU B 1 69  ? 3.842   9.064   -3.023  1.00 51.24  ? 333  GLU B N   1 
ATOM   1328 C CA  . GLU B 1 69  ? 2.735   8.118   -2.917  1.00 57.54  ? 333  GLU B CA  1 
ATOM   1329 C C   . GLU B 1 69  ? 2.631   7.231   -4.149  1.00 56.14  ? 333  GLU B C   1 
ATOM   1330 O O   . GLU B 1 69  ? 2.712   6.006   -4.047  1.00 58.81  ? 333  GLU B O   1 
ATOM   1331 C CB  . GLU B 1 69  ? 1.412   8.850   -2.705  1.00 57.82  ? 333  GLU B CB  1 
ATOM   1332 C CG  . GLU B 1 69  ? 1.488   9.965   -1.687  1.00 71.46  ? 333  GLU B CG  1 
ATOM   1333 C CD  . GLU B 1 69  ? 0.170   10.208  -0.979  1.00 79.26  ? 333  GLU B CD  1 
ATOM   1334 O OE1 . GLU B 1 69  ? -0.825  9.540   -1.320  1.00 79.86  ? 333  GLU B OE1 1 
ATOM   1335 O OE2 . GLU B 1 69  ? 0.129   11.066  -0.074  1.00 80.13  ? 333  GLU B OE2 1 
ATOM   1336 N N   . GLU B 1 70  ? 2.455   7.863   -5.307  1.00 48.23  ? 334  GLU B N   1 
ATOM   1337 C CA  . GLU B 1 70  ? 2.363   7.162   -6.585  1.00 53.84  ? 334  GLU B CA  1 
ATOM   1338 C C   . GLU B 1 70  ? 3.576   6.259   -6.784  1.00 51.79  ? 334  GLU B C   1 
ATOM   1339 O O   . GLU B 1 70  ? 3.478   5.168   -7.362  1.00 56.24  ? 334  GLU B O   1 
ATOM   1340 C CB  . GLU B 1 70  ? 2.262   8.174   -7.732  1.00 60.07  ? 334  GLU B CB  1 
ATOM   1341 C CG  . GLU B 1 70  ? 1.046   9.097   -7.671  1.00 56.94  ? 334  GLU B CG  1 
ATOM   1342 C CD  . GLU B 1 70  ? 1.230   10.276  -6.726  1.00 60.78  ? 334  GLU B CD  1 
ATOM   1343 O OE1 . GLU B 1 70  ? 2.162   10.248  -5.892  1.00 65.73  ? 334  GLU B OE1 1 
ATOM   1344 O OE2 . GLU B 1 70  ? 0.433   11.234  -6.818  1.00 57.38  ? 334  GLU B OE2 1 
ATOM   1345 N N   . ALA B 1 71  ? 4.717   6.727   -6.291  1.00 45.15  ? 335  ALA B N   1 
ATOM   1346 C CA  . ALA B 1 71  ? 5.941   5.946   -6.322  1.00 50.51  ? 335  ALA B CA  1 
ATOM   1347 C C   . ALA B 1 71  ? 5.793   4.687   -5.477  1.00 50.96  ? 335  ALA B C   1 
ATOM   1348 O O   . ALA B 1 71  ? 6.213   3.606   -5.888  1.00 53.26  ? 335  ALA B O   1 
ATOM   1349 C CB  . ALA B 1 71  ? 7.112   6.778   -5.833  1.00 49.56  ? 335  ALA B CB  1 
ATOM   1350 N N   . GLU B 1 72  ? 5.194   4.832   -4.296  1.00 48.50  ? 336  GLU B N   1 
ATOM   1351 C CA  . GLU B 1 72  ? 5.002   3.695   -3.396  1.00 49.23  ? 336  GLU B CA  1 
ATOM   1352 C C   . GLU B 1 72  ? 4.037   2.668   -3.981  1.00 55.72  ? 336  GLU B C   1 
ATOM   1353 O O   . GLU B 1 72  ? 4.259   1.463   -3.866  1.00 57.44  ? 336  GLU B O   1 
ATOM   1354 C CB  . GLU B 1 72  ? 4.495   4.155   -2.026  1.00 47.15  ? 336  GLU B CB  1 
ATOM   1355 C CG  . GLU B 1 72  ? 4.400   3.026   -1.002  1.00 50.16  ? 336  GLU B CG  1 
ATOM   1356 C CD  . GLU B 1 72  ? 3.650   3.423   0.259   1.00 53.74  ? 336  GLU B CD  1 
ATOM   1357 O OE1 . GLU B 1 72  ? 2.941   4.450   0.238   1.00 58.88  ? 336  GLU B OE1 1 
ATOM   1358 O OE2 . GLU B 1 72  ? 3.768   2.703   1.273   1.00 51.64  ? 336  GLU B OE2 1 
ATOM   1359 N N   . LYS B 1 73  ? 2.962   3.155   -4.595  1.00 57.88  ? 337  LYS B N   1 
ATOM   1360 C CA  . LYS B 1 73  ? 1.973   2.288   -5.229  1.00 57.18  ? 337  LYS B CA  1 
ATOM   1361 C C   . LYS B 1 73  ? 2.605   1.509   -6.378  1.00 54.97  ? 337  LYS B C   1 
ATOM   1362 O O   . LYS B 1 73  ? 2.489   0.280   -6.453  1.00 59.47  ? 337  LYS B O   1 
ATOM   1363 C CB  . LYS B 1 73  ? 0.799   3.116   -5.758  1.00 52.02  ? 337  LYS B CB  1 
ATOM   1364 C CG  . LYS B 1 73  ? 0.077   3.950   -4.708  1.00 41.96  ? 337  LYS B CG  1 
ATOM   1365 C CD  . LYS B 1 73  ? -1.019  4.793   -5.348  1.00 48.35  ? 337  LYS B CD  1 
ATOM   1366 C CE  . LYS B 1 73  ? -1.681  5.723   -4.342  1.00 60.02  ? 337  LYS B CE  1 
ATOM   1367 N NZ  . LYS B 1 73  ? -2.655  6.645   -4.996  1.00 55.91  ? 337  LYS B NZ  1 
ATOM   1368 N N   . ASP B 1 74  ? 3.271   2.236   -7.271  1.00 49.27  ? 338  ASP B N   1 
ATOM   1369 C CA  . ASP B 1 74  ? 3.940   1.620   -8.411  1.00 51.50  ? 338  ASP B CA  1 
ATOM   1370 C C   . ASP B 1 74  ? 4.988   0.602   -7.967  1.00 54.26  ? 338  ASP B C   1 
ATOM   1371 O O   . ASP B 1 74  ? 5.120   -0.468  -8.564  1.00 56.00  ? 338  ASP B O   1 
ATOM   1372 C CB  . ASP B 1 74  ? 4.577   2.688   -9.299  1.00 52.94  ? 338  ASP B CB  1 
ATOM   1373 C CG  . ASP B 1 74  ? 3.555   3.468   -10.102 1.00 51.75  ? 338  ASP B CG  1 
ATOM   1374 O OD1 . ASP B 1 74  ? 2.385   3.542   -9.672  1.00 48.57  ? 338  ASP B OD1 1 
ATOM   1375 O OD2 . ASP B 1 74  ? 3.923   4.008   -11.165 1.00 56.11  ? 338  ASP B OD2 1 
ATOM   1376 N N   . CYS B 1 75  ? 5.726   0.941   -6.914  1.00 55.49  ? 339  CYS B N   1 
ATOM   1377 C CA  . CYS B 1 75  ? 6.713   0.030   -6.347  1.00 58.16  ? 339  CYS B CA  1 
ATOM   1378 C C   . CYS B 1 75  ? 6.047   -1.232  -5.812  1.00 64.61  ? 339  CYS B C   1 
ATOM   1379 O O   . CYS B 1 75  ? 6.537   -2.338  -6.031  1.00 61.13  ? 339  CYS B O   1 
ATOM   1380 C CB  . CYS B 1 75  ? 7.501   0.710   -5.227  1.00 54.51  ? 339  CYS B CB  1 
ATOM   1381 S SG  . CYS B 1 75  ? 8.809   1.816   -5.790  1.00 53.62  ? 339  CYS B SG  1 
ATOM   1382 N N   . THR B 1 76  ? 4.932   -1.053  -5.111  1.00 62.75  ? 340  THR B N   1 
ATOM   1383 C CA  . THR B 1 76  ? 4.178   -2.172  -4.560  1.00 59.43  ? 340  THR B CA  1 
ATOM   1384 C C   . THR B 1 76  ? 3.743   -3.117  -5.673  1.00 61.35  ? 340  THR B C   1 
ATOM   1385 O O   . THR B 1 76  ? 3.925   -4.329  -5.571  1.00 66.87  ? 340  THR B O   1 
ATOM   1386 C CB  . THR B 1 76  ? 2.941   -1.698  -3.771  1.00 59.74  ? 340  THR B CB  1 
ATOM   1387 O OG1 . THR B 1 76  ? 3.360   -0.948  -2.624  1.00 56.22  ? 340  THR B OG1 1 
ATOM   1388 C CG2 . THR B 1 76  ? 2.110   -2.884  -3.312  1.00 55.82  ? 340  THR B CG2 1 
ATOM   1389 N N   . GLN B 1 77  ? 3.183   -2.555  -6.741  1.00 62.52  ? 341  GLN B N   1 
ATOM   1390 C CA  . GLN B 1 77  ? 2.763   -3.351  -7.891  1.00 65.08  ? 341  GLN B CA  1 
ATOM   1391 C C   . GLN B 1 77  ? 3.948   -4.088  -8.518  1.00 63.48  ? 341  GLN B C   1 
ATOM   1392 O O   . GLN B 1 77  ? 3.857   -5.277  -8.851  1.00 66.48  ? 341  GLN B O   1 
ATOM   1393 C CB  . GLN B 1 77  ? 2.080   -2.465  -8.935  1.00 61.08  ? 341  GLN B CB  1 
ATOM   1394 C CG  . GLN B 1 77  ? 1.537   -3.223  -10.137 1.00 70.25  ? 341  GLN B CG  1 
ATOM   1395 C CD  . GLN B 1 77  ? 0.390   -4.148  -9.775  1.00 80.03  ? 341  GLN B CD  1 
ATOM   1396 O OE1 . GLN B 1 77  ? -0.332  -3.913  -8.805  1.00 82.44  ? 341  GLN B OE1 1 
ATOM   1397 N NE2 . GLN B 1 77  ? 0.218   -5.210  -10.555 1.00 71.24  ? 341  GLN B NE2 1 
ATOM   1398 N N   . ALA B 1 78  ? 5.059   -3.374  -8.670  1.00 63.95  ? 342  ALA B N   1 
ATOM   1399 C CA  . ALA B 1 78  ? 6.279   -3.951  -9.228  1.00 63.94  ? 342  ALA B CA  1 
ATOM   1400 C C   . ALA B 1 78  ? 6.760   -5.135  -8.391  1.00 69.44  ? 342  ALA B C   1 
ATOM   1401 O O   . ALA B 1 78  ? 7.276   -6.115  -8.924  1.00 71.36  ? 342  ALA B O   1 
ATOM   1402 C CB  . ALA B 1 78  ? 7.368   -2.894  -9.332  1.00 52.12  ? 342  ALA B CB  1 
ATOM   1403 N N   . ILE B 1 79  ? 6.581   -5.037  -7.079  1.00 64.17  ? 343  ILE B N   1 
ATOM   1404 C CA  . ILE B 1 79  ? 6.949   -6.123  -6.178  1.00 59.96  ? 343  ILE B CA  1 
ATOM   1405 C C   . ILE B 1 79  ? 5.961   -7.278  -6.313  1.00 63.27  ? 343  ILE B C   1 
ATOM   1406 O O   . ILE B 1 79  ? 6.343   -8.447  -6.229  1.00 66.39  ? 343  ILE B O   1 
ATOM   1407 C CB  . ILE B 1 79  ? 7.029   -5.635  -4.719  1.00 70.03  ? 343  ILE B CB  1 
ATOM   1408 C CG1 . ILE B 1 79  ? 8.150   -4.606  -4.576  1.00 67.31  ? 343  ILE B CG1 1 
ATOM   1409 C CG2 . ILE B 1 79  ? 7.268   -6.800  -3.771  1.00 58.16  ? 343  ILE B CG2 1 
ATOM   1410 C CD1 . ILE B 1 79  ? 8.135   -3.861  -3.268  1.00 64.10  ? 343  ILE B CD1 1 
ATOM   1411 N N   . LEU B 1 80  ? 4.694   -6.946  -6.538  1.00 64.70  ? 344  LEU B N   1 
ATOM   1412 C CA  . LEU B 1 80  ? 3.671   -7.960  -6.778  1.00 60.41  ? 344  LEU B CA  1 
ATOM   1413 C C   . LEU B 1 80  ? 4.016   -8.781  -8.012  1.00 61.94  ? 344  LEU B C   1 
ATOM   1414 O O   . LEU B 1 80  ? 3.761   -9.984  -8.059  1.00 60.40  ? 344  LEU B O   1 
ATOM   1415 C CB  . LEU B 1 80  ? 2.293   -7.320  -6.950  1.00 55.49  ? 344  LEU B CB  1 
ATOM   1416 C CG  . LEU B 1 80  ? 1.710   -6.584  -5.743  1.00 56.96  ? 344  LEU B CG  1 
ATOM   1417 C CD1 . LEU B 1 80  ? 0.298   -6.098  -6.038  1.00 51.41  ? 344  LEU B CD1 1 
ATOM   1418 C CD2 . LEU B 1 80  ? 1.734   -7.478  -4.517  1.00 59.69  ? 344  LEU B CD2 1 
ATOM   1419 N N   . LEU B 1 81  ? 4.601   -8.126  -9.011  1.00 64.17  ? 345  LEU B N   1 
ATOM   1420 C CA  . LEU B 1 81  ? 5.010   -8.823  -10.227 1.00 58.28  ? 345  LEU B CA  1 
ATOM   1421 C C   . LEU B 1 81  ? 6.339   -9.561  -10.045 1.00 59.97  ? 345  LEU B C   1 
ATOM   1422 O O   . LEU B 1 81  ? 6.503   -10.684 -10.521 1.00 65.41  ? 345  LEU B O   1 
ATOM   1423 C CB  . LEU B 1 81  ? 5.080   -7.853  -11.407 1.00 64.22  ? 345  LEU B CB  1 
ATOM   1424 C CG  . LEU B 1 81  ? 3.748   -7.196  -11.783 1.00 62.07  ? 345  LEU B CG  1 
ATOM   1425 C CD1 . LEU B 1 81  ? 3.915   -6.248  -12.960 1.00 64.96  ? 345  LEU B CD1 1 
ATOM   1426 C CD2 . LEU B 1 81  ? 2.699   -8.255  -12.089 1.00 56.53  ? 345  LEU B CD2 1 
ATOM   1427 N N   . ASP B 1 82  ? 7.281   -8.925  -9.354  1.00 59.82  ? 346  ASP B N   1 
ATOM   1428 C CA  . ASP B 1 82  ? 8.568   -9.544  -9.049  1.00 57.96  ? 346  ASP B CA  1 
ATOM   1429 C C   . ASP B 1 82  ? 8.930   -9.282  -7.591  1.00 61.25  ? 346  ASP B C   1 
ATOM   1430 O O   . ASP B 1 82  ? 9.247   -8.154  -7.216  1.00 70.70  ? 346  ASP B O   1 
ATOM   1431 C CB  . ASP B 1 82  ? 9.664   -9.000  -9.972  1.00 57.04  ? 346  ASP B CB  1 
ATOM   1432 C CG  . ASP B 1 82  ? 10.969  -9.785  -9.876  1.00 60.94  ? 346  ASP B CG  1 
ATOM   1433 O OD1 . ASP B 1 82  ? 11.353  -10.213 -8.767  1.00 61.87  ? 346  ASP B OD1 1 
ATOM   1434 O OD2 . ASP B 1 82  ? 11.623  -9.973  -10.924 1.00 55.65  ? 346  ASP B OD2 1 
ATOM   1435 N N   . GLY B 1 83  ? 8.887   -10.331 -6.776  1.00 54.27  ? 347  GLY B N   1 
ATOM   1436 C CA  . GLY B 1 83  ? 9.185   -10.209 -5.361  1.00 57.88  ? 347  GLY B CA  1 
ATOM   1437 C C   . GLY B 1 83  ? 10.665  -10.331 -5.053  1.00 60.85  ? 347  GLY B C   1 
ATOM   1438 O O   . GLY B 1 83  ? 11.056  -10.497 -3.897  1.00 64.29  ? 347  GLY B O   1 
ATOM   1439 N N   . SER B 1 84  ? 11.489  -10.250 -6.092  1.00 53.79  ? 348  SER B N   1 
ATOM   1440 C CA  . SER B 1 84  ? 12.936  -10.328 -5.934  1.00 56.90  ? 348  SER B CA  1 
ATOM   1441 C C   . SER B 1 84  ? 13.618  -9.139  -6.603  1.00 64.29  ? 348  SER B C   1 
ATOM   1442 O O   . SER B 1 84  ? 14.829  -9.149  -6.822  1.00 67.46  ? 348  SER B O   1 
ATOM   1443 C CB  . SER B 1 84  ? 13.469  -11.638 -6.516  1.00 73.66  ? 348  SER B CB  1 
ATOM   1444 O OG  . SER B 1 84  ? 12.906  -12.757 -5.854  1.00 83.07  ? 348  SER B OG  1 
ATOM   1445 N N   . TYR B 1 85  ? 12.832  -8.117  -6.926  1.00 64.63  ? 349  TYR B N   1 
ATOM   1446 C CA  . TYR B 1 85  ? 13.359  -6.906  -7.543  1.00 60.62  ? 349  TYR B CA  1 
ATOM   1447 C C   . TYR B 1 85  ? 13.766  -5.912  -6.460  1.00 61.90  ? 349  TYR B C   1 
ATOM   1448 O O   . TYR B 1 85  ? 12.924  -5.198  -5.916  1.00 67.52  ? 349  TYR B O   1 
ATOM   1449 C CB  . TYR B 1 85  ? 12.311  -6.278  -8.464  1.00 58.88  ? 349  TYR B CB  1 
ATOM   1450 C CG  . TYR B 1 85  ? 12.877  -5.322  -9.493  1.00 61.61  ? 349  TYR B CG  1 
ATOM   1451 C CD1 . TYR B 1 85  ? 14.249  -5.168  -9.649  1.00 60.59  ? 349  TYR B CD1 1 
ATOM   1452 C CD2 . TYR B 1 85  ? 12.037  -4.570  -10.305 1.00 56.61  ? 349  TYR B CD2 1 
ATOM   1453 C CE1 . TYR B 1 85  ? 14.768  -4.296  -10.588 1.00 57.56  ? 349  TYR B CE1 1 
ATOM   1454 C CE2 . TYR B 1 85  ? 12.547  -3.696  -11.245 1.00 55.47  ? 349  TYR B CE2 1 
ATOM   1455 C CZ  . TYR B 1 85  ? 13.913  -3.562  -11.382 1.00 57.81  ? 349  TYR B CZ  1 
ATOM   1456 O OH  . TYR B 1 85  ? 14.425  -2.692  -12.317 1.00 60.23  ? 349  TYR B OH  1 
ATOM   1457 N N   . SER B 1 86  ? 15.060  -5.871  -6.155  1.00 64.24  ? 350  SER B N   1 
ATOM   1458 C CA  . SER B 1 86  ? 15.575  -5.052  -5.060  1.00 64.65  ? 350  SER B CA  1 
ATOM   1459 C C   . SER B 1 86  ? 15.370  -3.555  -5.281  1.00 53.92  ? 350  SER B C   1 
ATOM   1460 O O   . SER B 1 86  ? 15.188  -2.799  -4.325  1.00 54.46  ? 350  SER B O   1 
ATOM   1461 C CB  . SER B 1 86  ? 17.060  -5.346  -4.826  1.00 62.94  ? 350  SER B CB  1 
ATOM   1462 O OG  . SER B 1 86  ? 17.826  -5.052  -5.980  1.00 67.15  ? 350  SER B OG  1 
ATOM   1463 N N   . LYS B 1 87  ? 15.404  -3.135  -6.543  1.00 57.77  ? 351  LYS B N   1 
ATOM   1464 C CA  . LYS B 1 87  ? 15.244  -1.727  -6.886  1.00 51.82  ? 351  LYS B CA  1 
ATOM   1465 C C   . LYS B 1 87  ? 13.895  -1.190  -6.419  1.00 54.68  ? 351  LYS B C   1 
ATOM   1466 O O   . LYS B 1 87  ? 13.814  -0.095  -5.863  1.00 55.68  ? 351  LYS B O   1 
ATOM   1467 C CB  . LYS B 1 87  ? 15.403  -1.518  -8.394  1.00 45.26  ? 351  LYS B CB  1 
ATOM   1468 N N   . ALA B 1 88  ? 12.842  -1.971  -6.642  1.00 50.78  ? 352  ALA B N   1 
ATOM   1469 C CA  . ALA B 1 88  ? 11.500  -1.590  -6.219  1.00 49.40  ? 352  ALA B CA  1 
ATOM   1470 C C   . ALA B 1 88  ? 11.429  -1.431  -4.703  1.00 59.11  ? 352  ALA B C   1 
ATOM   1471 O O   . ALA B 1 88  ? 10.794  -0.505  -4.196  1.00 62.72  ? 352  ALA B O   1 
ATOM   1472 C CB  . ALA B 1 88  ? 10.481  -2.612  -6.697  1.00 50.11  ? 352  ALA B CB  1 
ATOM   1473 N N   . PHE B 1 89  ? 12.090  -2.336  -3.988  1.00 56.50  ? 353  PHE B N   1 
ATOM   1474 C CA  . PHE B 1 89  ? 12.138  -2.275  -2.530  1.00 55.84  ? 353  PHE B CA  1 
ATOM   1475 C C   . PHE B 1 89  ? 12.872  -1.027  -2.052  1.00 55.19  ? 353  PHE B C   1 
ATOM   1476 O O   . PHE B 1 89  ? 12.450  -0.380  -1.095  1.00 62.50  ? 353  PHE B O   1 
ATOM   1477 C CB  . PHE B 1 89  ? 12.811  -3.522  -1.952  1.00 58.02  ? 353  PHE B CB  1 
ATOM   1478 C CG  . PHE B 1 89  ? 11.973  -4.765  -2.040  1.00 62.70  ? 353  PHE B CG  1 
ATOM   1479 C CD1 . PHE B 1 89  ? 10.872  -4.934  -1.218  1.00 60.33  ? 353  PHE B CD1 1 
ATOM   1480 C CD2 . PHE B 1 89  ? 12.299  -5.775  -2.930  1.00 57.18  ? 353  PHE B CD2 1 
ATOM   1481 C CE1 . PHE B 1 89  ? 10.102  -6.079  -1.293  1.00 59.02  ? 353  PHE B CE1 1 
ATOM   1482 C CE2 . PHE B 1 89  ? 11.533  -6.921  -3.010  1.00 56.93  ? 353  PHE B CE2 1 
ATOM   1483 C CZ  . PHE B 1 89  ? 10.434  -7.073  -2.190  1.00 59.37  ? 353  PHE B CZ  1 
ATOM   1484 N N   . ALA B 1 90  ? 13.972  -0.696  -2.721  1.00 49.98  ? 354  ALA B N   1 
ATOM   1485 C CA  . ALA B 1 90  ? 14.760  0.477   -2.359  1.00 50.66  ? 354  ALA B CA  1 
ATOM   1486 C C   . ALA B 1 90  ? 13.969  1.760   -2.590  1.00 55.19  ? 354  ALA B C   1 
ATOM   1487 O O   . ALA B 1 90  ? 13.915  2.637   -1.724  1.00 61.60  ? 354  ALA B O   1 
ATOM   1488 C CB  . ALA B 1 90  ? 16.061  0.504   -3.146  1.00 45.21  ? 354  ALA B CB  1 
ATOM   1489 N N   . ARG B 1 91  ? 13.350  1.857   -3.762  1.00 48.79  ? 355  ARG B N   1 
ATOM   1490 C CA  . ARG B 1 91  ? 12.568  3.033   -4.121  1.00 52.49  ? 355  ARG B CA  1 
ATOM   1491 C C   . ARG B 1 91  ? 11.341  3.187   -3.226  1.00 52.60  ? 355  ARG B C   1 
ATOM   1492 O O   . ARG B 1 91  ? 10.942  4.304   -2.895  1.00 50.76  ? 355  ARG B O   1 
ATOM   1493 C CB  . ARG B 1 91  ? 12.157  2.969   -5.594  1.00 48.04  ? 355  ARG B CB  1 
ATOM   1494 C CG  . ARG B 1 91  ? 13.333  2.951   -6.556  1.00 44.41  ? 355  ARG B CG  1 
ATOM   1495 C CD  . ARG B 1 91  ? 12.897  2.627   -7.975  1.00 53.39  ? 355  ARG B CD  1 
ATOM   1496 N NE  . ARG B 1 91  ? 14.039  2.511   -8.878  1.00 57.89  ? 355  ARG B NE  1 
ATOM   1497 C CZ  . ARG B 1 91  ? 13.954  2.132   -10.149 1.00 53.72  ? 355  ARG B CZ  1 
ATOM   1498 N NH1 . ARG B 1 91  ? 12.776  1.829   -10.675 1.00 45.47  ? 355  ARG B NH1 1 
ATOM   1499 N NH2 . ARG B 1 91  ? 15.047  2.055   -10.895 1.00 56.74  ? 355  ARG B NH2 1 
ATOM   1500 N N   . ARG B 1 92  ? 10.747  2.064   -2.833  1.00 50.21  ? 356  ARG B N   1 
ATOM   1501 C CA  . ARG B 1 92  ? 9.590   2.102   -1.945  1.00 57.44  ? 356  ARG B CA  1 
ATOM   1502 C C   . ARG B 1 92  ? 10.017  2.492   -0.536  1.00 60.54  ? 356  ARG B C   1 
ATOM   1503 O O   . ARG B 1 92  ? 9.280   3.164   0.184   1.00 62.76  ? 356  ARG B O   1 
ATOM   1504 C CB  . ARG B 1 92  ? 8.859   0.759   -1.926  1.00 56.75  ? 356  ARG B CB  1 
ATOM   1505 C CG  . ARG B 1 92  ? 7.445   0.846   -1.369  1.00 56.50  ? 356  ARG B CG  1 
ATOM   1506 C CD  . ARG B 1 92  ? 6.699   -0.474  -1.491  1.00 54.50  ? 356  ARG B CD  1 
ATOM   1507 N NE  . ARG B 1 92  ? 7.217   -1.489  -0.578  1.00 59.42  ? 356  ARG B NE  1 
ATOM   1508 C CZ  . ARG B 1 92  ? 6.658   -2.680  -0.395  1.00 61.03  ? 356  ARG B CZ  1 
ATOM   1509 N NH1 . ARG B 1 92  ? 5.561   -3.010  -1.063  1.00 58.29  ? 356  ARG B NH1 1 
ATOM   1510 N NH2 . ARG B 1 92  ? 7.197   -3.544  0.455   1.00 63.34  ? 356  ARG B NH2 1 
ATOM   1511 N N   . GLY B 1 93  ? 11.214  2.064   -0.148  1.00 54.22  ? 357  GLY B N   1 
ATOM   1512 C CA  . GLY B 1 93  ? 11.772  2.434   1.138   1.00 55.86  ? 357  GLY B CA  1 
ATOM   1513 C C   . GLY B 1 93  ? 12.044  3.923   1.190   1.00 56.04  ? 357  GLY B C   1 
ATOM   1514 O O   . GLY B 1 93  ? 11.820  4.572   2.211   1.00 58.08  ? 357  GLY B O   1 
ATOM   1515 N N   . THR B 1 94  ? 12.526  4.466   0.077   1.00 54.20  ? 358  THR B N   1 
ATOM   1516 C CA  . THR B 1 94  ? 12.774  5.898   -0.028  1.00 52.81  ? 358  THR B CA  1 
ATOM   1517 C C   . THR B 1 94  ? 11.461  6.676   0.032   1.00 52.19  ? 358  THR B C   1 
ATOM   1518 O O   . THR B 1 94  ? 11.328  7.638   0.795   1.00 55.05  ? 358  THR B O   1 
ATOM   1519 C CB  . THR B 1 94  ? 13.507  6.244   -1.337  1.00 52.56  ? 358  THR B CB  1 
ATOM   1520 O OG1 . THR B 1 94  ? 14.714  5.476   -1.430  1.00 49.04  ? 358  THR B OG1 1 
ATOM   1521 C CG2 . THR B 1 94  ? 13.847  7.725   -1.384  1.00 49.16  ? 358  THR B CG2 1 
ATOM   1522 N N   . ALA B 1 95  ? 10.495  6.245   -0.774  1.00 53.72  ? 359  ALA B N   1 
ATOM   1523 C CA  . ALA B 1 95  ? 9.186   6.888   -0.833  1.00 53.77  ? 359  ALA B CA  1 
ATOM   1524 C C   . ALA B 1 95  ? 8.508   6.901   0.533   1.00 58.62  ? 359  ALA B C   1 
ATOM   1525 O O   . ALA B 1 95  ? 7.933   7.909   0.944   1.00 60.49  ? 359  ALA B O   1 
ATOM   1526 C CB  . ALA B 1 95  ? 8.302   6.196   -1.857  1.00 47.66  ? 359  ALA B CB  1 
ATOM   1527 N N   . ARG B 1 96  ? 8.584   5.774   1.233   1.00 57.93  ? 360  ARG B N   1 
ATOM   1528 C CA  . ARG B 1 96  ? 7.998   5.659   2.562   1.00 53.77  ? 360  ARG B CA  1 
ATOM   1529 C C   . ARG B 1 96  ? 8.782   6.468   3.588   1.00 53.18  ? 360  ARG B C   1 
ATOM   1530 O O   . ARG B 1 96  ? 8.215   6.968   4.559   1.00 56.37  ? 360  ARG B O   1 
ATOM   1531 C CB  . ARG B 1 96  ? 7.912   4.191   2.982   1.00 52.85  ? 360  ARG B CB  1 
ATOM   1532 C CG  . ARG B 1 96  ? 6.804   3.425   2.280   1.00 53.03  ? 360  ARG B CG  1 
ATOM   1533 C CD  . ARG B 1 96  ? 6.934   1.928   2.493   1.00 49.95  ? 360  ARG B CD  1 
ATOM   1534 N NE  . ARG B 1 96  ? 5.712   1.223   2.117   1.00 53.06  ? 360  ARG B NE  1 
ATOM   1535 C CZ  . ARG B 1 96  ? 5.590   -0.099  2.088   1.00 52.48  ? 360  ARG B CZ  1 
ATOM   1536 N NH1 . ARG B 1 96  ? 6.623   -0.869  2.407   1.00 58.47  ? 360  ARG B NH1 1 
ATOM   1537 N NH2 . ARG B 1 96  ? 4.439   -0.653  1.737   1.00 54.66  ? 360  ARG B NH2 1 
ATOM   1538 N N   . THR B 1 97  ? 10.087  6.593   3.368   1.00 52.03  ? 361  THR B N   1 
ATOM   1539 C CA  . THR B 1 97  ? 10.926  7.427   4.220   1.00 51.15  ? 361  THR B CA  1 
ATOM   1540 C C   . THR B 1 97  ? 10.465  8.875   4.119   1.00 55.06  ? 361  THR B C   1 
ATOM   1541 O O   . THR B 1 97  ? 10.389  9.587   5.120   1.00 59.76  ? 361  THR B O   1 
ATOM   1542 C CB  . THR B 1 97  ? 12.411  7.333   3.827   1.00 52.24  ? 361  THR B CB  1 
ATOM   1543 O OG1 . THR B 1 97  ? 12.860  5.979   3.968   1.00 56.78  ? 361  THR B OG1 1 
ATOM   1544 C CG2 . THR B 1 97  ? 13.258  8.237   4.709   1.00 44.71  ? 361  THR B CG2 1 
ATOM   1545 N N   . PHE B 1 98  ? 10.146  9.304   2.902   1.00 59.07  ? 362  PHE B N   1 
ATOM   1546 C CA  . PHE B 1 98  ? 9.620   10.647  2.690   1.00 50.35  ? 362  PHE B CA  1 
ATOM   1547 C C   . PHE B 1 98  ? 8.169   10.772  3.153   1.00 55.47  ? 362  PHE B C   1 
ATOM   1548 O O   . PHE B 1 98  ? 7.695   11.870  3.439   1.00 59.27  ? 362  PHE B O   1 
ATOM   1549 C CB  . PHE B 1 98  ? 9.745   11.055  1.221   1.00 49.18  ? 362  PHE B CB  1 
ATOM   1550 C CG  . PHE B 1 98  ? 11.126  11.497  0.828   1.00 51.67  ? 362  PHE B CG  1 
ATOM   1551 C CD1 . PHE B 1 98  ? 11.546  12.795  1.068   1.00 53.95  ? 362  PHE B CD1 1 
ATOM   1552 C CD2 . PHE B 1 98  ? 12.002  10.619  0.211   1.00 50.13  ? 362  PHE B CD2 1 
ATOM   1553 C CE1 . PHE B 1 98  ? 12.814  13.207  0.706   1.00 53.57  ? 362  PHE B CE1 1 
ATOM   1554 C CE2 . PHE B 1 98  ? 13.271  11.026  -0.154  1.00 50.44  ? 362  PHE B CE2 1 
ATOM   1555 C CZ  . PHE B 1 98  ? 13.678  12.321  0.094   1.00 54.93  ? 362  PHE B CZ  1 
ATOM   1556 N N   . LEU B 1 99  ? 7.470   9.643   3.227   1.00 60.16  ? 363  LEU B N   1 
ATOM   1557 C CA  . LEU B 1 99  ? 6.069   9.639   3.649   1.00 61.97  ? 363  LEU B CA  1 
ATOM   1558 C C   . LEU B 1 99  ? 5.907   9.513   5.162   1.00 61.20  ? 363  LEU B C   1 
ATOM   1559 O O   . LEU B 1 99  ? 4.837   9.790   5.703   1.00 61.48  ? 363  LEU B O   1 
ATOM   1560 C CB  . LEU B 1 99  ? 5.291   8.527   2.941   1.00 62.05  ? 363  LEU B CB  1 
ATOM   1561 C CG  . LEU B 1 99  ? 4.855   8.811   1.503   1.00 62.76  ? 363  LEU B CG  1 
ATOM   1562 C CD1 . LEU B 1 99  ? 4.112   7.618   0.923   1.00 60.25  ? 363  LEU B CD1 1 
ATOM   1563 C CD2 . LEU B 1 99  ? 3.995   10.064  1.444   1.00 67.73  ? 363  LEU B CD2 1 
ATOM   1564 N N   . GLY B 1 100 ? 6.967   9.090   5.842   1.00 55.46  ? 364  GLY B N   1 
ATOM   1565 C CA  . GLY B 1 100 ? 6.933   8.951   7.285   1.00 50.14  ? 364  GLY B CA  1 
ATOM   1566 C C   . GLY B 1 100 ? 6.655   7.534   7.751   1.00 57.16  ? 364  GLY B C   1 
ATOM   1567 O O   . GLY B 1 100 ? 6.415   7.299   8.935   1.00 63.48  ? 364  GLY B O   1 
ATOM   1568 N N   . LYS B 1 101 ? 6.684   6.588   6.819   1.00 55.28  ? 365  LYS B N   1 
ATOM   1569 C CA  . LYS B 1 101 ? 6.504   5.178   7.151   1.00 49.81  ? 365  LYS B CA  1 
ATOM   1570 C C   . LYS B 1 101 ? 7.863   4.533   7.394   1.00 51.85  ? 365  LYS B C   1 
ATOM   1571 O O   . LYS B 1 101 ? 8.370   3.789   6.555   1.00 50.35  ? 365  LYS B O   1 
ATOM   1572 C CB  . LYS B 1 101 ? 5.769   4.452   6.026   1.00 59.67  ? 365  LYS B CB  1 
ATOM   1573 C CG  . LYS B 1 101 ? 4.413   5.049   5.685   1.00 58.90  ? 365  LYS B CG  1 
ATOM   1574 C CD  . LYS B 1 101 ? 3.726   4.262   4.582   1.00 54.13  ? 365  LYS B CD  1 
ATOM   1575 C CE  . LYS B 1 101 ? 2.368   4.853   4.246   1.00 61.01  ? 365  LYS B CE  1 
ATOM   1576 N NZ  . LYS B 1 101 ? 1.681   4.089   3.168   1.00 66.53  ? 365  LYS B NZ  1 
ATOM   1577 N N   . LEU B 1 102 ? 8.440   4.817   8.556   1.00 52.54  ? 366  LEU B N   1 
ATOM   1578 C CA  . LEU B 1 102 ? 9.822   4.450   8.847   1.00 55.27  ? 366  LEU B CA  1 
ATOM   1579 C C   . LEU B 1 102 ? 10.045  2.958   9.066   1.00 61.14  ? 366  LEU B C   1 
ATOM   1580 O O   . LEU B 1 102 ? 11.082  2.422   8.680   1.00 63.71  ? 366  LEU B O   1 
ATOM   1581 C CB  . LEU B 1 102 ? 10.334  5.233   10.054  1.00 57.39  ? 366  LEU B CB  1 
ATOM   1582 C CG  . LEU B 1 102 ? 10.894  6.633   9.802   1.00 56.70  ? 366  LEU B CG  1 
ATOM   1583 C CD1 . LEU B 1 102 ? 9.868   7.572   9.184   1.00 53.03  ? 366  LEU B CD1 1 
ATOM   1584 C CD2 . LEU B 1 102 ? 11.383  7.181   11.110  1.00 59.11  ? 366  LEU B CD2 1 
ATOM   1585 N N   . ASN B 1 103 ? 9.085   2.292   9.700   1.00 54.46  ? 367  ASN B N   1 
ATOM   1586 C CA  . ASN B 1 103 ? 9.174   0.852   9.906   1.00 56.72  ? 367  ASN B CA  1 
ATOM   1587 C C   . ASN B 1 103 ? 9.163   0.107   8.576   1.00 58.25  ? 367  ASN B C   1 
ATOM   1588 O O   . ASN B 1 103 ? 10.036  -0.723  8.303   1.00 61.24  ? 367  ASN B O   1 
ATOM   1589 C CB  . ASN B 1 103 ? 8.029   0.363   10.796  1.00 67.79  ? 367  ASN B CB  1 
ATOM   1590 C CG  . ASN B 1 103 ? 8.177   0.811   12.237  1.00 66.93  ? 367  ASN B CG  1 
ATOM   1591 O OD1 . ASN B 1 103 ? 8.527   0.020   13.112  1.00 62.43  ? 367  ASN B OD1 1 
ATOM   1592 N ND2 . ASN B 1 103 ? 7.916   2.088   12.490  1.00 73.34  ? 367  ASN B ND2 1 
ATOM   1593 N N   . GLU B 1 104 ? 8.169   0.423   7.752   1.00 56.55  ? 368  GLU B N   1 
ATOM   1594 C CA  . GLU B 1 104 ? 8.031   -0.173  6.430   1.00 55.09  ? 368  GLU B CA  1 
ATOM   1595 C C   . GLU B 1 104 ? 9.257   0.115   5.569   1.00 59.85  ? 368  GLU B C   1 
ATOM   1596 O O   . GLU B 1 104 ? 9.776   -0.776  4.891   1.00 65.27  ? 368  GLU B O   1 
ATOM   1597 C CB  . GLU B 1 104 ? 6.771   0.353   5.737   1.00 52.21  ? 368  GLU B CB  1 
ATOM   1598 C CG  . GLU B 1 104 ? 5.465   0.064   6.471   1.00 57.85  ? 368  GLU B CG  1 
ATOM   1599 C CD  . GLU B 1 104 ? 5.128   1.104   7.529   1.00 63.28  ? 368  GLU B CD  1 
ATOM   1600 O OE1 . GLU B 1 104 ? 6.056   1.601   8.202   1.00 64.51  ? 368  GLU B OE1 1 
ATOM   1601 O OE2 . GLU B 1 104 ? 3.931   1.426   7.684   1.00 51.01  ? 368  GLU B OE2 1 
ATOM   1602 N N   . ALA B 1 105 ? 9.715   1.364   5.607   1.00 51.68  ? 369  ALA B N   1 
ATOM   1603 C CA  . ALA B 1 105 ? 10.899  1.777   4.865   1.00 52.12  ? 369  ALA B CA  1 
ATOM   1604 C C   . ALA B 1 105 ? 12.111  0.964   5.297   1.00 57.55  ? 369  ALA B C   1 
ATOM   1605 O O   . ALA B 1 105 ? 12.895  0.507   4.465   1.00 59.93  ? 369  ALA B O   1 
ATOM   1606 C CB  . ALA B 1 105 ? 11.160  3.261   5.068   1.00 47.42  ? 369  ALA B CB  1 
ATOM   1607 N N   . LYS B 1 106 ? 12.248  0.783   6.606   1.00 58.79  ? 370  LYS B N   1 
ATOM   1608 C CA  . LYS B 1 106 ? 13.357  0.026   7.166   1.00 59.11  ? 370  LYS B CA  1 
ATOM   1609 C C   . LYS B 1 106 ? 13.328  -1.418  6.689   1.00 62.12  ? 370  LYS B C   1 
ATOM   1610 O O   . LYS B 1 106 ? 14.341  -1.943  6.221   1.00 65.64  ? 370  LYS B O   1 
ATOM   1611 C CB  . LYS B 1 106 ? 13.321  0.069   8.694   1.00 57.60  ? 370  LYS B CB  1 
ATOM   1612 C CG  . LYS B 1 106 ? 14.426  -0.734  9.355   1.00 60.24  ? 370  LYS B CG  1 
ATOM   1613 C CD  . LYS B 1 106 ? 14.282  -0.735  10.865  1.00 63.22  ? 370  LYS B CD  1 
ATOM   1614 C CE  . LYS B 1 106 ? 15.321  -1.633  11.511  1.00 68.92  ? 370  LYS B CE  1 
ATOM   1615 N NZ  . LYS B 1 106 ? 15.126  -1.726  12.983  1.00 76.51  ? 370  LYS B NZ  1 
ATOM   1616 N N   . GLN B 1 107 ? 12.166  -2.055  6.803   1.00 60.82  ? 371  GLN B N   1 
ATOM   1617 C CA  . GLN B 1 107 ? 12.027  -3.444  6.375   1.00 62.32  ? 371  GLN B CA  1 
ATOM   1618 C C   . GLN B 1 107 ? 12.309  -3.602  4.884   1.00 62.35  ? 371  GLN B C   1 
ATOM   1619 O O   . GLN B 1 107 ? 12.898  -4.596  4.460   1.00 61.73  ? 371  GLN B O   1 
ATOM   1620 C CB  . GLN B 1 107 ? 10.642  -3.994  6.720   1.00 61.52  ? 371  GLN B CB  1 
ATOM   1621 C CG  . GLN B 1 107 ? 10.498  -5.488  6.467   1.00 75.90  ? 371  GLN B CG  1 
ATOM   1622 C CD  . GLN B 1 107 ? 11.496  -6.317  7.261   1.00 87.28  ? 371  GLN B CD  1 
ATOM   1623 O OE1 . GLN B 1 107 ? 11.519  -6.272  8.492   1.00 91.29  ? 371  GLN B OE1 1 
ATOM   1624 N NE2 . GLN B 1 107 ? 12.329  -7.076  6.557   1.00 68.73  ? 371  GLN B NE2 1 
ATOM   1625 N N   . ASP B 1 108 ? 11.887  -2.618  4.093   1.00 59.66  ? 372  ASP B N   1 
ATOM   1626 C CA  . ASP B 1 108 ? 12.175  -2.617  2.662   1.00 61.54  ? 372  ASP B CA  1 
ATOM   1627 C C   . ASP B 1 108 ? 13.676  -2.507  2.402   1.00 59.53  ? 372  ASP B C   1 
ATOM   1628 O O   . ASP B 1 108 ? 14.220  -3.179  1.522   1.00 61.87  ? 372  ASP B O   1 
ATOM   1629 C CB  . ASP B 1 108 ? 11.439  -1.474  1.959   1.00 53.51  ? 372  ASP B CB  1 
ATOM   1630 C CG  . ASP B 1 108 ? 9.960   -1.759  1.772   1.00 55.02  ? 372  ASP B CG  1 
ATOM   1631 O OD1 . ASP B 1 108 ? 9.582   -2.948  1.733   1.00 59.85  ? 372  ASP B OD1 1 
ATOM   1632 O OD2 . ASP B 1 108 ? 9.178   -0.793  1.655   1.00 52.80  ? 372  ASP B OD2 1 
ATOM   1633 N N   . PHE B 1 109 ? 14.342  -1.660  3.179   1.00 60.67  ? 373  PHE B N   1 
ATOM   1634 C CA  . PHE B 1 109 ? 15.778  -1.450  3.032   1.00 66.80  ? 373  PHE B CA  1 
ATOM   1635 C C   . PHE B 1 109 ? 16.584  -2.699  3.388   1.00 60.78  ? 373  PHE B C   1 
ATOM   1636 O O   . PHE B 1 109 ? 17.494  -3.094  2.653   1.00 55.56  ? 373  PHE B O   1 
ATOM   1637 C CB  . PHE B 1 109 ? 16.236  -0.259  3.876   1.00 67.94  ? 373  PHE B CB  1 
ATOM   1638 C CG  . PHE B 1 109 ? 15.876  1.075   3.285   1.00 60.22  ? 373  PHE B CG  1 
ATOM   1639 C CD1 . PHE B 1 109 ? 15.892  1.267   1.914   1.00 55.41  ? 373  PHE B CD1 1 
ATOM   1640 C CD2 . PHE B 1 109 ? 15.522  2.137   4.103   1.00 59.33  ? 373  PHE B CD2 1 
ATOM   1641 C CE1 . PHE B 1 109 ? 15.563  2.494   1.368   1.00 54.64  ? 373  PHE B CE1 1 
ATOM   1642 C CE2 . PHE B 1 109 ? 15.190  3.365   3.562   1.00 56.66  ? 373  PHE B CE2 1 
ATOM   1643 C CZ  . PHE B 1 109 ? 15.212  3.543   2.193   1.00 56.29  ? 373  PHE B CZ  1 
ATOM   1644 N N   . GLU B 1 110 ? 16.251  -3.324  4.513   1.00 58.17  ? 374  GLU B N   1 
ATOM   1645 C CA  . GLU B 1 110 ? 16.941  -4.548  4.906   1.00 60.97  ? 374  GLU B CA  1 
ATOM   1646 C C   . GLU B 1 110 ? 16.548  -5.706  3.996   1.00 55.41  ? 374  GLU B C   1 
ATOM   1647 O O   . GLU B 1 110 ? 17.278  -6.688  3.883   1.00 54.81  ? 374  GLU B O   1 
ATOM   1648 C CB  . GLU B 1 110 ? 16.704  -4.882  6.382   1.00 63.65  ? 374  GLU B CB  1 
ATOM   1649 C CG  . GLU B 1 110 ? 15.251  -4.937  6.803   1.00 67.57  ? 374  GLU B CG  1 
ATOM   1650 C CD  . GLU B 1 110 ? 15.081  -4.744  8.297   1.00 76.30  ? 374  GLU B CD  1 
ATOM   1651 O OE1 . GLU B 1 110 ? 16.101  -4.539  8.989   1.00 79.55  ? 374  GLU B OE1 1 
ATOM   1652 O OE2 . GLU B 1 110 ? 13.931  -4.794  8.780   1.00 83.36  ? 374  GLU B OE2 1 
ATOM   1653 N N   . THR B 1 111 ? 15.396  -5.580  3.342   1.00 56.93  ? 375  THR B N   1 
ATOM   1654 C CA  . THR B 1 111 ? 15.017  -6.523  2.299   1.00 56.54  ? 375  THR B CA  1 
ATOM   1655 C C   . THR B 1 111 ? 15.989  -6.380  1.134   1.00 52.90  ? 375  THR B C   1 
ATOM   1656 O O   . THR B 1 111 ? 16.486  -7.375  0.599   1.00 53.31  ? 375  THR B O   1 
ATOM   1657 C CB  . THR B 1 111 ? 13.579  -6.288  1.800   1.00 58.87  ? 375  THR B CB  1 
ATOM   1658 O OG1 . THR B 1 111 ? 12.661  -6.405  2.894   1.00 62.91  ? 375  THR B OG1 1 
ATOM   1659 C CG2 . THR B 1 111 ? 13.214  -7.302  0.727   1.00 60.24  ? 375  THR B CG2 1 
ATOM   1660 N N   . VAL B 1 112 ? 16.262  -5.133  0.751   1.00 58.25  ? 376  VAL B N   1 
ATOM   1661 C CA  . VAL B 1 112 ? 17.265  -4.846  -0.272  1.00 58.00  ? 376  VAL B CA  1 
ATOM   1662 C C   . VAL B 1 112 ? 18.614  -5.441  0.124   1.00 57.27  ? 376  VAL B C   1 
ATOM   1663 O O   . VAL B 1 112 ? 19.308  -6.034  -0.705  1.00 52.03  ? 376  VAL B O   1 
ATOM   1664 C CB  . VAL B 1 112 ? 17.433  -3.328  -0.502  1.00 54.67  ? 376  VAL B CB  1 
ATOM   1665 C CG1 . VAL B 1 112 ? 18.622  -3.049  -1.412  1.00 47.30  ? 376  VAL B CG1 1 
ATOM   1666 C CG2 . VAL B 1 112 ? 16.167  -2.733  -1.083  1.00 53.69  ? 376  VAL B CG2 1 
ATOM   1667 N N   . LEU B 1 113 ? 18.974  -5.289  1.396   1.00 63.58  ? 377  LEU B N   1 
ATOM   1668 C CA  . LEU B 1 113 ? 20.218  -5.856  1.911   1.00 63.79  ? 377  LEU B CA  1 
ATOM   1669 C C   . LEU B 1 113 ? 20.243  -7.379  1.801   1.00 60.89  ? 377  LEU B C   1 
ATOM   1670 O O   . LEU B 1 113 ? 21.278  -7.971  1.488   1.00 58.45  ? 377  LEU B O   1 
ATOM   1671 C CB  . LEU B 1 113 ? 20.448  -5.427  3.361   1.00 57.59  ? 377  LEU B CB  1 
ATOM   1672 C CG  . LEU B 1 113 ? 20.940  -3.992  3.556   1.00 60.65  ? 377  LEU B CG  1 
ATOM   1673 C CD1 . LEU B 1 113 ? 21.022  -3.645  5.033   1.00 55.12  ? 377  LEU B CD1 1 
ATOM   1674 C CD2 . LEU B 1 113 ? 22.291  -3.798  2.882   1.00 61.33  ? 377  LEU B CD2 1 
ATOM   1675 N N   . LEU B 1 114 ? 19.101  -8.009  2.059   1.00 58.19  ? 378  LEU B N   1 
ATOM   1676 C CA  . LEU B 1 114 ? 18.971  -9.452  1.889   1.00 59.22  ? 378  LEU B CA  1 
ATOM   1677 C C   . LEU B 1 114 ? 19.173  -9.846  0.428   1.00 65.66  ? 378  LEU B C   1 
ATOM   1678 O O   . LEU B 1 114 ? 19.796  -10.864 0.132   1.00 63.70  ? 378  LEU B O   1 
ATOM   1679 C CB  . LEU B 1 114 ? 17.614  -9.949  2.398   1.00 57.98  ? 378  LEU B CB  1 
ATOM   1680 C CG  . LEU B 1 114 ? 17.376  -9.885  3.909   1.00 60.06  ? 378  LEU B CG  1 
ATOM   1681 C CD1 . LEU B 1 114 ? 15.972  -10.362 4.255   1.00 71.78  ? 378  LEU B CD1 1 
ATOM   1682 C CD2 . LEU B 1 114 ? 18.423  -10.695 4.659   1.00 61.02  ? 378  LEU B CD2 1 
ATOM   1683 N N   . LEU B 1 115 ? 18.636  -9.030  -0.479  1.00 64.07  ? 379  LEU B N   1 
ATOM   1684 C CA  . LEU B 1 115 ? 18.853  -9.222  -1.906  1.00 62.76  ? 379  LEU B CA  1 
ATOM   1685 C C   . LEU B 1 115 ? 20.313  -8.943  -2.248  1.00 71.11  ? 379  LEU B C   1 
ATOM   1686 O O   . LEU B 1 115 ? 21.128  -9.860  -2.320  1.00 68.70  ? 379  LEU B O   1 
ATOM   1687 C CB  . LEU B 1 115 ? 17.935  -8.304  -2.718  1.00 64.40  ? 379  LEU B CB  1 
ATOM   1688 C CG  . LEU B 1 115 ? 16.552  -8.824  -3.132  1.00 60.59  ? 379  LEU B CG  1 
ATOM   1689 C CD1 . LEU B 1 115 ? 16.687  -10.000 -4.095  1.00 71.70  ? 379  LEU B CD1 1 
ATOM   1690 C CD2 . LEU B 1 115 ? 15.675  -9.181  -1.930  1.00 48.38  ? 379  LEU B CD2 1 
ATOM   1691 N N   . GLU B 1 116 ? 20.642  -7.671  -2.449  1.00 76.20  ? 380  GLU B N   1 
ATOM   1692 C CA  . GLU B 1 116 ? 22.001  -7.276  -2.791  1.00 79.80  ? 380  GLU B CA  1 
ATOM   1693 C C   . GLU B 1 116 ? 22.907  -7.448  -1.579  1.00 82.89  ? 380  GLU B C   1 
ATOM   1694 O O   . GLU B 1 116 ? 23.900  -6.737  -1.422  1.00 90.03  ? 380  GLU B O   1 
ATOM   1695 C CB  . GLU B 1 116 ? 22.027  -5.824  -3.268  1.00 70.31  ? 380  GLU B CB  1 
ATOM   1696 N N   . SER C 2 1   ? -3.211  -15.692 12.885  1.00 80.30  ? 1    SER C N   1 
ATOM   1697 C CA  . SER C 2 1   ? -2.684  -15.462 14.225  1.00 79.67  ? 1    SER C CA  1 
ATOM   1698 C C   . SER C 2 1   ? -1.652  -14.338 14.225  1.00 87.71  ? 1    SER C C   1 
ATOM   1699 O O   . SER C 2 1   ? -1.412  -13.703 15.252  1.00 86.66  ? 1    SER C O   1 
ATOM   1700 C CB  . SER C 2 1   ? -2.071  -16.744 14.790  1.00 77.03  ? 1    SER C CB  1 
ATOM   1701 N N   . ARG C 2 2   ? -1.040  -14.107 13.068  1.00 88.44  ? 2    ARG C N   1 
ATOM   1702 C CA  . ARG C 2 2   ? -0.154  -12.964 12.880  1.00 74.70  ? 2    ARG C CA  1 
ATOM   1703 C C   . ARG C 2 2   ? -0.979  -11.823 12.306  1.00 68.36  ? 2    ARG C C   1 
ATOM   1704 O O   . ARG C 2 2   ? -0.716  -10.649 12.563  1.00 68.70  ? 2    ARG C O   1 
ATOM   1705 C CB  . ARG C 2 2   ? 0.994   -13.317 11.936  1.00 71.34  ? 2    ARG C CB  1 
ATOM   1706 N N   . MET C 2 3   ? -1.984  -12.195 11.519  1.00 68.79  ? 3    MET C N   1 
ATOM   1707 C CA  . MET C 2 3   ? -2.990  -11.262 11.037  1.00 64.53  ? 3    MET C CA  1 
ATOM   1708 C C   . MET C 2 3   ? -3.818  -10.781 12.224  1.00 65.97  ? 3    MET C C   1 
ATOM   1709 O O   . MET C 2 3   ? -4.311  -9.653  12.243  1.00 62.27  ? 3    MET C O   1 
ATOM   1710 C CB  . MET C 2 3   ? -3.876  -11.956 10.000  1.00 66.49  ? 3    MET C CB  1 
ATOM   1711 C CG  . MET C 2 3   ? -5.243  -11.330 9.790   1.00 62.62  ? 3    MET C CG  1 
ATOM   1712 S SD  . MET C 2 3   ? -6.574  -12.504 10.112  1.00 66.46  ? 3    MET C SD  1 
ATOM   1713 C CE  . MET C 2 3   ? -6.100  -13.856 9.035   1.00 52.96  ? 3    MET C CE  1 
ATOM   1714 N N   . GLU C 2 4   ? -3.945  -11.651 13.222  1.00 76.75  ? 4    GLU C N   1 
ATOM   1715 C CA  . GLU C 2 4   ? -4.668  -11.337 14.447  1.00 73.78  ? 4    GLU C CA  1 
ATOM   1716 C C   . GLU C 2 4   ? -3.936  -10.269 15.257  1.00 71.51  ? 4    GLU C C   1 
ATOM   1717 O O   . GLU C 2 4   ? -4.548  -9.554  16.050  1.00 69.64  ? 4    GLU C O   1 
ATOM   1718 C CB  . GLU C 2 4   ? -4.841  -12.598 15.295  1.00 76.04  ? 4    GLU C CB  1 
ATOM   1719 C CG  . GLU C 2 4   ? -6.228  -12.776 15.893  1.00 85.85  ? 4    GLU C CG  1 
ATOM   1720 C CD  . GLU C 2 4   ? -7.107  -13.693 15.064  1.00 87.47  ? 4    GLU C CD  1 
ATOM   1721 O OE1 . GLU C 2 4   ? -6.715  -14.023 13.923  1.00 84.62  ? 4    GLU C OE1 1 
ATOM   1722 O OE2 . GLU C 2 4   ? -8.184  -14.092 15.554  1.00 83.24  ? 4    GLU C OE2 1 
ATOM   1723 N N   . GLU C 2 5   ? -2.624  -10.173 15.060  1.00 70.51  ? 5    GLU C N   1 
ATOM   1724 C CA  . GLU C 2 5   ? -1.820  -9.177  15.758  1.00 67.71  ? 5    GLU C CA  1 
ATOM   1725 C C   . GLU C 2 5   ? -2.140  -7.773  15.259  1.00 60.01  ? 5    GLU C C   1 
ATOM   1726 O O   . GLU C 2 5   ? -2.261  -7.542  14.056  1.00 63.74  ? 5    GLU C O   1 
ATOM   1727 C CB  . GLU C 2 5   ? -0.326  -9.473  15.606  1.00 71.35  ? 5    GLU C CB  1 
ATOM   1728 C CG  . GLU C 2 5   ? 0.114   -10.777 16.254  1.00 78.25  ? 5    GLU C CG  1 
ATOM   1729 C CD  . GLU C 2 5   ? 1.620   -10.954 16.248  1.00 85.10  ? 5    GLU C CD  1 
ATOM   1730 O OE1 . GLU C 2 5   ? 2.337   -9.947  16.062  1.00 87.32  ? 5    GLU C OE1 1 
ATOM   1731 O OE2 . GLU C 2 5   ? 2.086   -12.098 16.426  1.00 81.62  ? 5    GLU C OE2 1 
ATOM   1732 N N   . VAL C 2 6   ? -2.272  -6.840  16.192  1.00 63.20  ? 6    VAL C N   1 
ATOM   1733 C CA  . VAL C 2 6   ? -2.721  -5.492  15.872  1.00 60.79  ? 6    VAL C CA  1 
ATOM   1734 C C   . VAL C 2 6   ? -1.593  -4.463  15.941  1.00 66.26  ? 6    VAL C C   1 
ATOM   1735 O O   . VAL C 2 6   ? -0.929  -4.318  16.967  1.00 64.69  ? 6    VAL C O   1 
ATOM   1736 C CB  . VAL C 2 6   ? -3.867  -5.063  16.805  1.00 61.42  ? 6    VAL C CB  1 
ATOM   1737 C CG1 . VAL C 2 6   ? -4.160  -3.590  16.647  1.00 65.48  ? 6    VAL C CG1 1 
ATOM   1738 C CG2 . VAL C 2 6   ? -5.110  -5.890  16.524  1.00 59.29  ? 6    VAL C CG2 1 
ATOM   1739 N N   . ASP C 2 7   ? -1.388  -3.748  14.839  1.00 71.77  ? 7    ASP C N   1 
ATOM   1740 C CA  . ASP C 2 7   ? -0.359  -2.716  14.770  1.00 61.62  ? 7    ASP C CA  1 
ATOM   1741 C C   . ASP C 2 7   ? -0.951  -1.334  15.017  1.00 60.32  ? 7    ASP C C   1 
ATOM   1742 O O   . ASP C 2 7   ? -2.165  -1.180  15.158  1.00 62.19  ? 7    ASP C O   1 
ATOM   1743 C CB  . ASP C 2 7   ? 0.345   -2.748  13.412  1.00 55.48  ? 7    ASP C CB  1 
ATOM   1744 C CG  . ASP C 2 7   ? 0.953   -4.101  13.102  1.00 64.55  ? 7    ASP C CG  1 
ATOM   1745 O OD1 . ASP C 2 7   ? 1.263   -4.848  14.054  1.00 67.92  ? 7    ASP C OD1 1 
ATOM   1746 O OD2 . ASP C 2 7   ? 1.122   -4.420  11.906  1.00 60.24  ? 7    ASP C OD2 1 
ATOM   1747 O OXT . ASP C 2 7   ? -0.232  -0.337  15.081  1.00 65.44  ? 7    ASP C OXT 1 
ATOM   1748 N N   . MET D 2 3   ? 21.467  1.448   -9.502  1.00 69.83  ? 3    MET D N   1 
ATOM   1749 C CA  . MET D 2 3   ? 20.636  1.523   -8.305  1.00 78.03  ? 3    MET D CA  1 
ATOM   1750 C C   . MET D 2 3   ? 19.630  2.663   -8.409  1.00 83.11  ? 3    MET D C   1 
ATOM   1751 O O   . MET D 2 3   ? 18.516  2.570   -7.894  1.00 76.61  ? 3    MET D O   1 
ATOM   1752 C CB  . MET D 2 3   ? 21.507  1.701   -7.060  1.00 78.12  ? 3    MET D CB  1 
ATOM   1753 N N   . GLU D 2 4   ? 20.037  3.740   -9.071  1.00 87.82  ? 4    GLU D N   1 
ATOM   1754 C CA  . GLU D 2 4   ? 19.150  4.867   -9.330  1.00 84.25  ? 4    GLU D CA  1 
ATOM   1755 C C   . GLU D 2 4   ? 18.823  4.892   -10.816 1.00 87.20  ? 4    GLU D C   1 
ATOM   1756 O O   . GLU D 2 4   ? 17.827  5.478   -11.242 1.00 82.77  ? 4    GLU D O   1 
ATOM   1757 C CB  . GLU D 2 4   ? 19.813  6.178   -8.905  1.00 81.90  ? 4    GLU D CB  1 
ATOM   1758 C CG  . GLU D 2 4   ? 18.888  7.384   -8.921  1.00 87.36  ? 4    GLU D CG  1 
ATOM   1759 C CD  . GLU D 2 4   ? 19.583  8.656   -8.474  1.00 98.46  ? 4    GLU D CD  1 
ATOM   1760 O OE1 . GLU D 2 4   ? 20.819  8.628   -8.299  1.00 98.03  ? 4    GLU D OE1 1 
ATOM   1761 O OE2 . GLU D 2 4   ? 18.893  9.681   -8.296  1.00 94.74  ? 4    GLU D OE2 1 
ATOM   1762 N N   . GLU D 2 5   ? 19.678  4.242   -11.598 1.00 90.30  ? 5    GLU D N   1 
ATOM   1763 C CA  . GLU D 2 5   ? 19.475  4.100   -13.029 1.00 89.51  ? 5    GLU D CA  1 
ATOM   1764 C C   . GLU D 2 5   ? 18.227  3.265   -13.273 1.00 85.60  ? 5    GLU D C   1 
ATOM   1765 O O   . GLU D 2 5   ? 17.939  2.334   -12.520 1.00 82.00  ? 5    GLU D O   1 
ATOM   1766 C CB  . GLU D 2 5   ? 20.684  3.405   -13.656 1.00 90.80  ? 5    GLU D CB  1 
ATOM   1767 C CG  . GLU D 2 5   ? 22.017  3.816   -13.046 1.00 86.34  ? 5    GLU D CG  1 
ATOM   1768 C CD  . GLU D 2 5   ? 23.127  2.826   -13.348 1.00 91.42  ? 5    GLU D CD  1 
ATOM   1769 O OE1 . GLU D 2 5   ? 22.970  2.027   -14.295 1.00 98.97  ? 5    GLU D OE1 1 
ATOM   1770 O OE2 . GLU D 2 5   ? 24.153  2.840   -12.635 1.00 88.50  ? 5    GLU D OE2 1 
ATOM   1771 N N   . VAL D 2 6   ? 17.484  3.602   -14.321 1.00 85.42  ? 6    VAL D N   1 
ATOM   1772 C CA  . VAL D 2 6   ? 16.304  2.828   -14.687 1.00 77.08  ? 6    VAL D CA  1 
ATOM   1773 C C   . VAL D 2 6   ? 16.700  1.474   -15.275 1.00 79.96  ? 6    VAL D C   1 
ATOM   1774 O O   . VAL D 2 6   ? 17.764  1.343   -15.884 1.00 76.64  ? 6    VAL D O   1 
ATOM   1775 C CB  . VAL D 2 6   ? 15.401  3.592   -15.675 1.00 68.82  ? 6    VAL D CB  1 
ATOM   1776 C CG1 . VAL D 2 6   ? 14.684  4.730   -14.966 1.00 58.47  ? 6    VAL D CG1 1 
ATOM   1777 C CG2 . VAL D 2 6   ? 16.215  4.117   -16.842 1.00 70.26  ? 6    VAL D CG2 1 
ATOM   1778 N N   . ASP D 2 7   ? 15.837  0.478   -15.075 1.00 85.53  ? 7    ASP D N   1 
ATOM   1779 C CA  . ASP D 2 7   ? 16.071  -0.904  -15.513 1.00 79.66  ? 7    ASP D CA  1 
ATOM   1780 C C   . ASP D 2 7   ? 17.268  -1.563  -14.806 1.00 84.41  ? 7    ASP D C   1 
ATOM   1781 O O   . ASP D 2 7   ? 17.081  -2.394  -13.915 1.00 74.99  ? 7    ASP D O   1 
ATOM   1782 C CB  . ASP D 2 7   ? 16.237  -0.996  -17.039 1.00 74.96  ? 7    ASP D CB  1 
ATOM   1783 C CG  . ASP D 2 7   ? 15.099  -0.328  -17.798 1.00 78.18  ? 7    ASP D CG  1 
ATOM   1784 O OD1 . ASP D 2 7   ? 13.927  -0.491  -17.404 1.00 81.18  ? 7    ASP D OD1 1 
ATOM   1785 O OD2 . ASP D 2 7   ? 15.383  0.369   -18.795 1.00 84.00  ? 7    ASP D OD2 1 
ATOM   1786 O OXT . ASP D 2 7   ? 18.441  -1.290  -15.089 1.00 89.80  ? 7    ASP D OXT 1 
HETATM 1787 O O   . HOH E 3 .   ? -6.885  9.173   24.075  1.00 50.13  ? 2001 HOH A O   1 
HETATM 1788 O O   . HOH E 3 .   ? -8.436  -1.558  30.920  1.00 45.18  ? 2002 HOH A O   1 
HETATM 1789 O O   . HOH E 3 .   ? -14.740 -2.734  31.008  1.00 49.29  ? 2003 HOH A O   1 
HETATM 1790 O O   . HOH E 3 .   ? -19.821 -7.055  21.973  1.00 41.57  ? 2004 HOH A O   1 
HETATM 1791 O O   . HOH E 3 .   ? -20.852 -2.910  18.237  1.00 54.22  ? 2005 HOH A O   1 
HETATM 1792 O O   . HOH E 3 .   ? -17.490 1.932   18.849  1.00 77.76  ? 2006 HOH A O   1 
HETATM 1793 O O   . HOH E 3 .   ? -19.637 0.911   11.416  1.00 52.94  ? 2007 HOH A O   1 
HETATM 1794 O O   . HOH E 3 .   ? -0.362  1.431   7.268   1.00 41.03  ? 2008 HOH A O   1 
HETATM 1795 O O   . HOH F 3 .   ? 12.703  15.710  -26.765 1.00 52.68  ? 2001 HOH B O   1 
HETATM 1796 O O   . HOH F 3 .   ? 11.732  13.733  -4.216  1.00 60.10  ? 2002 HOH B O   1 
HETATM 1797 O O   . HOH F 3 .   ? 16.405  2.840   -8.466  1.00 65.03  ? 2003 HOH B O   1 
HETATM 1798 O O   . HOH F 3 .   ? 16.692  4.627   -4.407  1.00 35.21  ? 2004 HOH B O   1 
# 
